data_5YPT
#
_entry.id   5YPT
#
_cell.length_a   128.183
_cell.length_b   74.581
_cell.length_c   262.155
_cell.angle_alpha   90.00
_cell.angle_beta   104.04
_cell.angle_gamma   90.00
#
_symmetry.space_group_name_H-M   'C 1 2 1'
#
loop_
_entity.id
_entity.type
_entity.pdbx_description
1 polymer 'Stilbenecarboxylate synthase 1'
2 water water
#
_entity_poly.entity_id   1
_entity_poly.type   'polypeptide(L)'
_entity_poly.pdbx_seq_one_letter_code
;GSGMKETAAAKFERQHMDSPDLGTDDDDKAMADIGSMANIVNAAAYKHRRAAGPATVLAIGKATPPTAYSQSEYPDFFFD
ITNTSHKTELKAKFARICKNSGINTRYFHCTEDILKANPSMCTYLEPSLDVRQDIAIREVPRLAEKAAIEALAEWGQPRD
QITHVVFATTSGVNMPGADLTLTRLLGLNPNVKRTMLYQQGCFGGATVLRVAKDLAENNKGARVLTVVSELTCVTFRAPN
EEHLDNLVGSAIFGDGASVLVIGSDPIPEVEKPQFEIHWSGETILPESDGAIEGRLTEAGLIFHLLKDVPGLISRNTLPI
FNKAIEVAGSPSWNDLFWCVHPGGRAILDEVAKTLSLKPEKLEATRDILYNYGNMSGASVLFVLDQMRRRSAEKKSRTTG
EGCEWGLVVGFGPGLTVEVSVLRAIATGH
;
_entity_poly.pdbx_strand_id   A,B,C,D,E,F
#
# COMPACT_ATOMS: atom_id res chain seq x y z
N TYR A 46 57.66 2.86 18.31
CA TYR A 46 57.51 3.85 19.37
C TYR A 46 58.00 3.23 20.68
N LYS A 47 57.93 3.99 21.79
CA LYS A 47 58.56 3.60 23.07
C LYS A 47 58.22 2.20 23.60
N HIS A 48 57.00 1.74 23.31
CA HIS A 48 56.60 0.36 23.66
C HIS A 48 57.55 -0.64 23.00
N ARG A 49 57.95 -1.67 23.74
CA ARG A 49 58.91 -2.63 23.22
C ARG A 49 58.32 -3.99 22.88
N ARG A 50 58.40 -4.32 21.59
CA ARG A 50 57.95 -5.58 21.04
C ARG A 50 58.98 -6.68 21.25
N ALA A 51 58.56 -7.95 21.18
CA ALA A 51 59.53 -9.03 21.09
C ALA A 51 59.97 -9.15 19.63
N ALA A 52 61.05 -9.89 19.39
CA ALA A 52 61.61 -9.97 18.03
C ALA A 52 61.13 -11.19 17.23
N GLY A 53 61.08 -12.37 17.85
CA GLY A 53 60.82 -13.58 17.10
C GLY A 53 59.44 -14.12 17.30
N PRO A 54 59.13 -15.24 16.64
CA PRO A 54 57.81 -15.88 16.70
C PRO A 54 57.47 -16.45 18.07
N ALA A 55 56.20 -16.39 18.44
CA ALA A 55 55.73 -16.99 19.69
C ALA A 55 56.09 -18.49 19.75
N THR A 56 56.68 -18.90 20.87
CA THR A 56 57.21 -20.24 21.02
C THR A 56 56.61 -20.92 22.25
N VAL A 57 56.20 -22.16 22.08
CA VAL A 57 55.73 -23.02 23.15
C VAL A 57 56.95 -23.50 23.93
N LEU A 58 57.01 -23.15 25.21
CA LEU A 58 58.18 -23.45 26.01
C LEU A 58 57.95 -24.59 27.00
N ALA A 59 56.69 -25.03 27.13
CA ALA A 59 56.32 -26.04 28.11
C ALA A 59 54.89 -26.42 27.84
N ILE A 60 54.54 -27.68 28.11
CA ILE A 60 53.16 -28.17 27.98
C ILE A 60 52.87 -29.10 29.15
N GLY A 61 51.89 -28.74 29.97
CA GLY A 61 51.49 -29.58 31.07
C GLY A 61 50.05 -30.01 30.92
N LYS A 62 49.67 -31.10 31.59
CA LYS A 62 48.31 -31.59 31.51
C LYS A 62 47.92 -32.16 32.85
N ALA A 63 46.61 -32.28 33.04
CA ALA A 63 46.02 -32.87 34.21
C ALA A 63 44.63 -33.39 33.87
N THR A 64 44.23 -34.43 34.61
CA THR A 64 42.87 -34.98 34.57
C THR A 64 42.42 -35.28 36.00
N PRO A 65 41.11 -35.35 36.25
CA PRO A 65 40.63 -35.95 37.51
C PRO A 65 41.23 -37.36 37.72
N PRO A 66 41.32 -37.80 38.97
CA PRO A 66 41.96 -39.10 39.25
C PRO A 66 41.19 -40.34 38.77
N THR A 67 39.86 -40.33 38.83
CA THR A 67 39.07 -41.52 38.57
C THR A 67 38.92 -41.86 37.09
N ALA A 68 39.45 -43.01 36.69
CA ALA A 68 39.38 -43.43 35.30
C ALA A 68 38.12 -44.27 35.02
N TYR A 69 37.55 -44.10 33.83
CA TYR A 69 36.38 -44.87 33.42
C TYR A 69 36.67 -45.58 32.12
N SER A 70 36.77 -46.90 32.19
CA SER A 70 36.98 -47.70 30.98
C SER A 70 35.77 -47.58 30.04
N GLN A 71 36.02 -47.38 28.75
CA GLN A 71 34.91 -47.18 27.84
C GLN A 71 34.05 -48.44 27.78
N SER A 72 34.69 -49.61 27.73
CA SER A 72 33.99 -50.90 27.65
C SER A 72 33.04 -51.13 28.84
N GLU A 73 33.30 -50.51 29.98
CA GLU A 73 32.41 -50.62 31.15
C GLU A 73 31.43 -49.46 31.33
N TYR A 74 31.53 -48.43 30.51
CA TYR A 74 30.78 -47.20 30.78
C TYR A 74 29.25 -47.28 30.61
N PRO A 75 28.75 -47.95 29.54
CA PRO A 75 27.28 -47.98 29.39
C PRO A 75 26.54 -48.62 30.59
N ASP A 76 27.10 -49.70 31.13
CA ASP A 76 26.59 -50.24 32.40
C ASP A 76 26.60 -49.16 33.46
N PHE A 77 27.78 -48.57 33.72
CA PHE A 77 27.85 -47.51 34.72
C PHE A 77 26.84 -46.37 34.45
N PHE A 78 26.85 -45.87 33.22
CA PHE A 78 26.07 -44.68 32.86
C PHE A 78 24.56 -44.95 32.95
N PHE A 79 24.10 -46.05 32.37
CA PHE A 79 22.67 -46.33 32.39
C PHE A 79 22.17 -46.70 33.79
N ASP A 80 23.03 -47.30 34.63
CA ASP A 80 22.68 -47.54 36.03
C ASP A 80 22.57 -46.24 36.86
N ILE A 81 23.58 -45.39 36.77
CA ILE A 81 23.64 -44.18 37.59
C ILE A 81 22.53 -43.18 37.21
N THR A 82 22.11 -43.20 35.95
CA THR A 82 21.03 -42.31 35.50
C THR A 82 19.64 -42.96 35.56
N ASN A 83 19.59 -44.22 36.03
CA ASN A 83 18.34 -44.96 36.18
C ASN A 83 17.62 -45.19 34.86
N THR A 84 18.35 -45.60 33.84
CA THR A 84 17.78 -45.78 32.51
C THR A 84 18.15 -47.15 31.96
N SER A 85 18.57 -48.05 32.84
CA SER A 85 19.06 -49.34 32.39
C SER A 85 17.94 -50.26 31.88
N HIS A 86 16.69 -49.79 31.99
CA HIS A 86 15.54 -50.54 31.49
C HIS A 86 15.19 -50.19 30.04
N LYS A 87 15.83 -49.14 29.52
CA LYS A 87 15.67 -48.72 28.13
C LYS A 87 16.67 -49.51 27.28
N THR A 88 16.37 -50.81 27.15
CA THR A 88 17.24 -51.79 26.50
C THR A 88 17.81 -51.43 25.13
N GLU A 89 16.99 -50.93 24.20
CA GLU A 89 17.49 -50.65 22.85
C GLU A 89 18.24 -49.33 22.84
N LEU A 90 17.84 -48.40 23.70
CA LEU A 90 18.63 -47.19 23.91
C LEU A 90 20.01 -47.58 24.44
N LYS A 91 20.05 -48.46 25.44
CA LYS A 91 21.32 -48.87 25.98
C LYS A 91 22.12 -49.63 24.92
N ALA A 92 21.42 -50.30 24.01
CA ALA A 92 22.12 -51.06 22.99
C ALA A 92 22.75 -50.11 21.96
N LYS A 93 22.06 -48.99 21.75
CA LYS A 93 22.51 -47.96 20.84
C LYS A 93 23.72 -47.19 21.40
N PHE A 94 23.66 -46.87 22.68
CA PHE A 94 24.78 -46.20 23.32
C PHE A 94 26.00 -47.10 23.36
N ALA A 95 25.76 -48.38 23.63
CA ALA A 95 26.85 -49.34 23.72
C ALA A 95 27.61 -49.45 22.40
N ARG A 96 26.90 -49.34 21.30
CA ARG A 96 27.56 -49.51 20.01
C ARG A 96 28.34 -48.25 19.64
N ILE A 97 27.84 -47.09 20.04
CA ILE A 97 28.60 -45.87 19.88
C ILE A 97 29.90 -45.92 20.69
N CYS A 98 29.84 -46.39 21.94
CA CYS A 98 31.04 -46.46 22.75
C CYS A 98 32.07 -47.39 22.15
N LYS A 99 31.64 -48.57 21.71
CA LYS A 99 32.62 -49.53 21.21
C LYS A 99 33.24 -49.10 19.88
N ASN A 100 32.63 -48.12 19.22
CA ASN A 100 33.15 -47.65 17.95
C ASN A 100 33.71 -46.24 18.05
N SER A 101 33.87 -45.75 19.28
CA SER A 101 34.24 -44.36 19.45
C SER A 101 35.76 -44.10 19.33
N GLY A 102 36.58 -45.14 19.36
CA GLY A 102 38.02 -44.96 19.31
C GLY A 102 38.54 -44.51 20.69
N ILE A 103 37.66 -44.63 21.69
CA ILE A 103 37.95 -44.21 23.05
C ILE A 103 38.09 -45.39 23.99
N ASN A 104 39.20 -45.43 24.73
CA ASN A 104 39.43 -46.47 25.73
C ASN A 104 39.16 -46.06 27.18
N THR A 105 39.55 -44.85 27.55
CA THR A 105 39.45 -44.33 28.91
C THR A 105 39.10 -42.84 28.89
N ARG A 106 38.23 -42.45 29.82
CA ARG A 106 37.98 -41.05 30.06
C ARG A 106 38.11 -40.83 31.57
N TYR A 107 38.31 -39.58 31.96
CA TYR A 107 38.41 -39.22 33.38
C TYR A 107 37.29 -38.28 33.75
N PHE A 108 36.73 -38.48 34.94
CA PHE A 108 35.64 -37.64 35.40
C PHE A 108 35.85 -37.17 36.83
N HIS A 109 35.58 -35.90 37.07
CA HIS A 109 35.58 -35.37 38.42
C HIS A 109 34.31 -35.80 39.11
N CYS A 110 33.21 -35.76 38.36
CA CYS A 110 31.90 -36.16 38.88
C CYS A 110 31.69 -37.66 38.89
N THR A 111 32.14 -38.24 39.99
CA THR A 111 32.01 -39.66 40.24
C THR A 111 30.64 -39.98 40.84
N GLU A 112 30.42 -41.28 41.06
CA GLU A 112 29.19 -41.81 41.64
C GLU A 112 28.78 -41.03 42.88
N ASP A 113 29.73 -40.76 43.76
CA ASP A 113 29.46 -40.02 44.98
C ASP A 113 29.04 -38.60 44.68
N ILE A 114 29.70 -37.97 43.71
CA ILE A 114 29.35 -36.62 43.35
C ILE A 114 27.96 -36.64 42.72
N LEU A 115 27.75 -37.55 41.78
CA LEU A 115 26.46 -37.67 41.08
C LEU A 115 25.29 -38.02 41.99
N LYS A 116 25.48 -38.93 42.95
CA LYS A 116 24.39 -39.24 43.89
C LYS A 116 24.14 -38.14 44.95
N ALA A 117 25.13 -37.31 45.20
CA ALA A 117 24.93 -36.13 46.04
C ALA A 117 24.30 -34.95 45.27
N ASN A 118 24.25 -35.05 43.94
CA ASN A 118 23.62 -34.00 43.11
C ASN A 118 22.66 -34.65 42.11
N PRO A 119 21.56 -35.23 42.61
CA PRO A 119 20.70 -36.15 41.85
C PRO A 119 20.02 -35.54 40.63
N SER A 120 19.86 -34.23 40.61
CA SER A 120 19.25 -33.56 39.47
C SER A 120 20.07 -33.77 38.19
N MET A 121 21.38 -33.92 38.34
CA MET A 121 22.26 -34.12 37.19
C MET A 121 22.09 -35.50 36.56
N CYS A 122 21.46 -36.41 37.29
CA CYS A 122 21.27 -37.76 36.80
C CYS A 122 19.93 -37.93 36.11
N THR A 123 19.15 -36.86 36.04
CA THR A 123 17.92 -36.86 35.24
C THR A 123 18.25 -36.41 33.82
N TYR A 124 17.20 -36.21 33.01
CA TYR A 124 17.33 -35.79 31.62
C TYR A 124 17.36 -34.27 31.51
N LEU A 125 16.23 -33.64 31.85
CA LEU A 125 16.10 -32.18 31.69
C LEU A 125 15.53 -31.48 32.90
N GLU A 126 15.68 -32.08 34.08
CA GLU A 126 15.21 -31.42 35.31
C GLU A 126 16.11 -30.22 35.65
N PRO A 127 15.59 -29.25 36.41
CA PRO A 127 16.39 -28.10 36.84
C PRO A 127 17.65 -28.56 37.56
N SER A 128 18.82 -28.13 37.09
CA SER A 128 20.08 -28.65 37.61
C SER A 128 21.27 -27.71 37.48
N LEU A 129 21.09 -26.56 36.84
CA LEU A 129 22.21 -25.66 36.53
C LEU A 129 23.01 -25.21 37.77
N ASP A 130 22.31 -24.81 38.82
CA ASP A 130 22.96 -24.29 40.02
C ASP A 130 24.01 -25.22 40.62
N VAL A 131 23.72 -26.53 40.66
CA VAL A 131 24.68 -27.47 41.25
C VAL A 131 25.82 -27.81 40.29
N ARG A 132 25.57 -27.70 38.98
CA ARG A 132 26.60 -27.89 37.98
C ARG A 132 27.56 -26.72 38.00
N GLN A 133 26.99 -25.54 38.19
CA GLN A 133 27.75 -24.32 38.32
C GLN A 133 28.66 -24.40 39.55
N ASP A 134 28.09 -24.79 40.68
CA ASP A 134 28.86 -24.88 41.91
C ASP A 134 30.08 -25.78 41.74
N ILE A 135 29.88 -26.94 41.12
CA ILE A 135 30.99 -27.85 40.86
C ILE A 135 32.00 -27.25 39.88
N ALA A 136 31.53 -26.77 38.72
CA ALA A 136 32.43 -26.29 37.67
C ALA A 136 33.24 -25.06 38.11
N ILE A 137 32.59 -24.10 38.77
CA ILE A 137 33.24 -22.89 39.23
C ILE A 137 34.38 -23.17 40.19
N ARG A 138 34.22 -24.19 41.03
CA ARG A 138 35.30 -24.57 41.94
C ARG A 138 36.35 -25.45 41.28
N GLU A 139 35.95 -26.44 40.51
CA GLU A 139 36.95 -27.38 40.01
C GLU A 139 37.71 -26.96 38.77
N VAL A 140 37.09 -26.19 37.89
CA VAL A 140 37.76 -25.80 36.64
C VAL A 140 39.10 -25.07 36.91
N PRO A 141 39.11 -24.03 37.76
CA PRO A 141 40.43 -23.41 37.98
C PRO A 141 41.40 -24.32 38.78
N ARG A 142 40.86 -25.20 39.61
CA ARG A 142 41.71 -26.15 40.34
C ARG A 142 42.35 -27.20 39.45
N LEU A 143 41.62 -27.66 38.42
CA LEU A 143 42.21 -28.62 37.51
C LEU A 143 43.29 -27.96 36.71
N ALA A 144 43.07 -26.71 36.33
CA ALA A 144 44.06 -25.94 35.61
C ALA A 144 45.33 -25.74 36.43
N GLU A 145 45.17 -25.53 37.73
CA GLU A 145 46.32 -25.35 38.59
C GLU A 145 47.23 -26.58 38.53
N LYS A 146 46.65 -27.77 38.51
CA LYS A 146 47.49 -28.98 38.45
C LYS A 146 48.27 -29.06 37.16
N ALA A 147 47.63 -28.69 36.04
CA ALA A 147 48.30 -28.73 34.75
C ALA A 147 49.34 -27.61 34.73
N ALA A 148 49.01 -26.49 35.34
CA ALA A 148 49.96 -25.37 35.44
C ALA A 148 51.22 -25.72 36.25
N ILE A 149 51.07 -26.40 37.37
CA ILE A 149 52.22 -26.78 38.19
C ILE A 149 53.23 -27.58 37.36
N GLU A 150 52.73 -28.50 36.55
CA GLU A 150 53.57 -29.26 35.64
C GLU A 150 54.17 -28.42 34.50
N ALA A 151 53.39 -27.55 33.89
CA ALA A 151 53.95 -26.68 32.87
C ALA A 151 55.04 -25.74 33.47
N LEU A 152 54.72 -25.14 34.63
CA LEU A 152 55.66 -24.23 35.29
C LEU A 152 56.96 -24.95 35.67
N ALA A 153 56.89 -26.19 36.12
CA ALA A 153 58.11 -26.95 36.45
C ALA A 153 58.89 -27.34 35.19
N GLU A 154 58.20 -27.74 34.13
CA GLU A 154 58.90 -28.07 32.89
C GLU A 154 59.64 -26.83 32.41
N TRP A 155 58.95 -25.69 32.45
CA TRP A 155 59.55 -24.41 32.05
C TRP A 155 60.71 -24.02 32.98
N GLY A 156 60.50 -24.17 34.28
CA GLY A 156 61.60 -24.07 35.24
C GLY A 156 62.03 -22.67 35.64
N GLN A 157 61.25 -21.66 35.26
CA GLN A 157 61.59 -20.29 35.58
C GLN A 157 60.70 -19.84 36.74
N PRO A 158 61.14 -18.82 37.48
CA PRO A 158 60.35 -18.26 38.58
C PRO A 158 58.95 -17.85 38.14
N ARG A 159 57.95 -18.10 38.98
CA ARG A 159 56.57 -17.83 38.60
C ARG A 159 56.32 -16.36 38.37
N ASP A 160 57.14 -15.50 38.98
CA ASP A 160 56.90 -14.06 38.88
C ASP A 160 57.28 -13.52 37.50
N GLN A 161 57.82 -14.36 36.62
CA GLN A 161 58.17 -13.91 35.29
C GLN A 161 57.05 -14.21 34.28
N ILE A 162 55.96 -14.80 34.77
CA ILE A 162 54.75 -14.92 33.97
C ILE A 162 54.10 -13.54 33.91
N THR A 163 53.77 -13.07 32.69
CA THR A 163 53.24 -11.72 32.54
C THR A 163 51.77 -11.70 32.15
N HIS A 164 51.31 -12.79 31.51
CA HIS A 164 49.96 -12.89 31.00
C HIS A 164 49.37 -14.25 31.33
N VAL A 165 48.05 -14.30 31.40
CA VAL A 165 47.34 -15.53 31.57
C VAL A 165 46.23 -15.55 30.55
N VAL A 166 46.13 -16.62 29.77
CA VAL A 166 44.98 -16.81 28.88
C VAL A 166 44.25 -18.05 29.36
N PHE A 167 42.94 -17.96 29.57
CA PHE A 167 42.24 -19.08 30.14
C PHE A 167 40.96 -19.32 29.34
N ALA A 168 40.77 -20.52 28.80
CA ALA A 168 39.53 -20.87 28.09
C ALA A 168 38.84 -22.02 28.81
N THR A 169 37.52 -21.97 28.90
CA THR A 169 36.77 -23.11 29.40
C THR A 169 35.40 -23.05 28.73
N THR A 170 34.69 -24.18 28.70
CA THR A 170 33.31 -24.23 28.20
C THR A 170 32.38 -24.66 29.32
N SER A 171 32.91 -24.92 30.51
CA SER A 171 32.06 -25.45 31.56
C SER A 171 31.95 -24.49 32.73
N GLY A 172 30.84 -23.75 32.74
CA GLY A 172 30.52 -22.88 33.86
C GLY A 172 31.05 -21.48 33.67
N VAL A 173 30.39 -20.51 34.31
CA VAL A 173 30.86 -19.13 34.21
C VAL A 173 30.72 -18.42 35.55
N ASN A 174 31.69 -17.58 35.85
CA ASN A 174 31.69 -16.95 37.14
C ASN A 174 32.36 -15.60 37.11
N MET A 175 32.00 -14.77 38.07
CA MET A 175 32.61 -13.47 38.26
C MET A 175 32.98 -13.41 39.74
N PRO A 176 34.29 -13.33 40.05
CA PRO A 176 35.38 -13.20 39.09
C PRO A 176 35.66 -14.49 38.33
N GLY A 177 36.43 -14.40 37.26
CA GLY A 177 36.62 -15.53 36.38
C GLY A 177 37.58 -16.59 36.90
N ALA A 178 37.60 -17.73 36.22
CA ALA A 178 38.53 -18.80 36.56
C ALA A 178 39.98 -18.33 36.41
N ASP A 179 40.21 -17.36 35.51
CA ASP A 179 41.53 -16.77 35.30
C ASP A 179 42.04 -16.08 36.57
N LEU A 180 41.17 -15.35 37.26
CA LEU A 180 41.59 -14.67 38.47
C LEU A 180 41.88 -15.70 39.58
N THR A 181 40.96 -16.65 39.75
CA THR A 181 41.12 -17.70 40.76
C THR A 181 42.41 -18.48 40.53
N LEU A 182 42.72 -18.79 39.26
CA LEU A 182 43.95 -19.50 38.95
C LEU A 182 45.15 -18.64 39.36
N THR A 183 45.05 -17.35 39.11
CA THR A 183 46.12 -16.44 39.44
C THR A 183 46.42 -16.44 40.95
N ARG A 184 45.36 -16.39 41.75
CA ARG A 184 45.53 -16.45 43.18
C ARG A 184 46.15 -17.80 43.58
N LEU A 185 45.62 -18.92 43.07
CA LEU A 185 46.08 -20.26 43.49
C LEU A 185 47.57 -20.46 43.25
N LEU A 186 48.04 -19.99 42.12
CA LEU A 186 49.43 -20.13 41.72
C LEU A 186 50.30 -19.07 42.36
N GLY A 187 49.69 -18.06 42.97
CA GLY A 187 50.48 -16.98 43.53
C GLY A 187 51.22 -16.23 42.44
N LEU A 188 50.59 -16.05 41.30
CA LEU A 188 51.21 -15.24 40.25
C LEU A 188 51.23 -13.75 40.65
N ASN A 189 52.05 -12.95 39.99
CA ASN A 189 51.98 -11.50 40.14
CA ASN A 189 52.00 -11.50 40.16
C ASN A 189 50.55 -11.00 39.98
N PRO A 190 50.09 -10.17 40.92
CA PRO A 190 48.74 -9.59 40.80
C PRO A 190 48.59 -8.69 39.57
N ASN A 191 49.69 -8.31 38.91
CA ASN A 191 49.61 -7.46 37.73
CA ASN A 191 49.64 -7.46 37.73
C ASN A 191 49.59 -8.25 36.41
N VAL A 192 49.31 -9.55 36.47
CA VAL A 192 49.29 -10.34 35.24
C VAL A 192 48.18 -9.83 34.32
N LYS A 193 48.47 -9.78 33.03
CA LYS A 193 47.46 -9.35 32.11
C LYS A 193 46.65 -10.57 31.67
N ARG A 194 45.38 -10.58 32.05
CA ARG A 194 44.55 -11.77 31.97
C ARG A 194 43.53 -11.66 30.80
N THR A 195 43.40 -12.72 30.01
CA THR A 195 42.37 -12.87 29.00
C THR A 195 41.53 -14.12 29.26
N MET A 196 40.29 -13.90 29.68
CA MET A 196 39.39 -14.95 30.11
C MET A 196 38.37 -15.26 29.03
N LEU A 197 38.39 -16.50 28.55
CA LEU A 197 37.56 -16.90 27.41
C LEU A 197 36.50 -17.92 27.80
N TYR A 198 35.37 -17.44 28.27
CA TYR A 198 34.30 -18.31 28.74
C TYR A 198 33.46 -18.84 27.59
N GLN A 199 32.86 -20.01 27.79
CA GLN A 199 31.91 -20.56 26.83
C GLN A 199 32.49 -20.62 25.43
N GLN A 200 33.73 -21.09 25.35
CA GLN A 200 34.51 -20.92 24.13
C GLN A 200 34.23 -21.97 23.06
N GLY A 201 34.06 -23.22 23.48
CA GLY A 201 33.76 -24.29 22.55
C GLY A 201 34.91 -25.22 22.23
N CYS A 202 34.64 -26.25 21.44
CA CYS A 202 35.65 -27.27 21.16
C CYS A 202 36.90 -26.74 20.44
N PHE A 203 36.83 -25.54 19.84
CA PHE A 203 38.03 -24.98 19.20
C PHE A 203 38.87 -24.12 20.19
N GLY A 204 38.51 -24.14 21.47
CA GLY A 204 39.21 -23.33 22.46
C GLY A 204 40.72 -23.55 22.62
N GLY A 205 41.18 -24.77 22.36
CA GLY A 205 42.59 -25.06 22.38
C GLY A 205 43.32 -24.33 21.30
N ALA A 206 42.77 -24.30 20.09
CA ALA A 206 43.34 -23.53 19.00
C ALA A 206 43.26 -22.02 19.27
N THR A 207 42.15 -21.59 19.85
CA THR A 207 41.98 -20.18 20.18
C THR A 207 43.11 -19.64 21.08
N VAL A 208 43.42 -20.32 22.18
CA VAL A 208 44.39 -19.81 23.15
C VAL A 208 45.77 -19.70 22.52
N LEU A 209 46.08 -20.54 21.54
CA LEU A 209 47.34 -20.37 20.79
C LEU A 209 47.31 -19.04 20.02
N ARG A 210 46.19 -18.80 19.33
CA ARG A 210 46.04 -17.53 18.61
C ARG A 210 46.11 -16.36 19.57
N VAL A 211 45.34 -16.41 20.65
CA VAL A 211 45.36 -15.32 21.61
C VAL A 211 46.76 -15.09 22.23
N ALA A 212 47.43 -16.14 22.70
CA ALA A 212 48.78 -15.98 23.30
C ALA A 212 49.82 -15.51 22.27
N LYS A 213 49.66 -15.89 21.01
CA LYS A 213 50.64 -15.49 19.99
C LYS A 213 50.95 -13.99 20.00
N ASP A 214 49.91 -13.16 19.89
CA ASP A 214 50.06 -11.71 19.82
C ASP A 214 50.50 -11.12 21.17
N LEU A 215 50.06 -11.71 22.28
CA LEU A 215 50.53 -11.26 23.58
C LEU A 215 52.05 -11.45 23.68
N ALA A 216 52.52 -12.64 23.34
CA ALA A 216 53.96 -12.95 23.39
C ALA A 216 54.77 -12.09 22.42
N GLU A 217 54.29 -11.93 21.19
CA GLU A 217 55.09 -11.25 20.17
C GLU A 217 55.13 -9.73 20.29
N ASN A 218 54.07 -9.13 20.83
CA ASN A 218 54.00 -7.68 20.95
C ASN A 218 54.61 -7.13 22.24
N ASN A 219 55.03 -8.02 23.13
CA ASN A 219 55.57 -7.58 24.42
C ASN A 219 56.87 -8.29 24.76
N LYS A 220 57.96 -7.53 24.73
CA LYS A 220 59.30 -8.04 25.01
C LYS A 220 59.41 -8.73 26.39
N GLY A 221 59.88 -9.97 26.45
CA GLY A 221 60.00 -10.63 27.74
C GLY A 221 58.69 -11.20 28.27
N ALA A 222 57.61 -11.02 27.54
CA ALA A 222 56.33 -11.55 28.00
C ALA A 222 56.36 -13.08 27.99
N ARG A 223 55.79 -13.67 29.02
CA ARG A 223 55.68 -15.12 29.14
C ARG A 223 54.20 -15.46 29.40
N VAL A 224 53.58 -16.20 28.49
CA VAL A 224 52.13 -16.36 28.57
C VAL A 224 51.74 -17.74 29.06
N LEU A 225 51.05 -17.75 30.19
CA LEU A 225 50.52 -18.96 30.78
C LEU A 225 49.22 -19.24 30.07
N THR A 226 49.20 -20.30 29.27
CA THR A 226 48.11 -20.46 28.33
C THR A 226 47.33 -21.71 28.74
N VAL A 227 46.10 -21.50 29.18
CA VAL A 227 45.32 -22.47 29.91
C VAL A 227 43.98 -22.82 29.23
N VAL A 228 43.68 -24.11 29.10
CA VAL A 228 42.32 -24.56 28.78
C VAL A 228 41.91 -25.64 29.77
N SER A 229 40.74 -25.47 30.39
CA SER A 229 40.31 -26.37 31.46
C SER A 229 38.86 -26.76 31.32
N GLU A 230 38.57 -28.06 31.22
CA GLU A 230 37.20 -28.51 30.92
C GLU A 230 36.71 -29.61 31.83
N LEU A 231 35.47 -29.44 32.28
CA LEU A 231 34.74 -30.48 33.01
C LEU A 231 33.46 -30.82 32.25
N THR A 232 32.92 -32.01 32.42
CA THR A 232 31.71 -32.37 31.69
C THR A 232 30.47 -32.24 32.56
N CYS A 233 30.65 -31.68 33.76
CA CYS A 233 29.58 -31.61 34.75
C CYS A 233 28.45 -30.68 34.34
N VAL A 234 28.72 -29.81 33.38
CA VAL A 234 27.65 -28.94 32.87
C VAL A 234 26.83 -29.60 31.77
N THR A 235 27.37 -30.67 31.17
CA THR A 235 26.70 -31.35 30.06
C THR A 235 26.10 -32.73 30.40
N PHE A 236 26.68 -33.43 31.37
CA PHE A 236 26.25 -34.77 31.77
C PHE A 236 24.77 -34.85 32.14
N ARG A 237 24.04 -35.80 31.54
CA ARG A 237 22.62 -35.97 31.84
C ARG A 237 22.11 -37.32 31.37
N ALA A 238 20.98 -37.75 31.92
CA ALA A 238 20.42 -39.04 31.56
C ALA A 238 20.18 -39.14 30.06
N PRO A 239 20.48 -40.31 29.48
CA PRO A 239 20.20 -40.56 28.07
C PRO A 239 18.69 -40.58 27.84
N ASN A 240 18.29 -40.21 26.65
CA ASN A 240 16.89 -40.16 26.33
C ASN A 240 16.66 -40.28 24.84
N GLU A 241 15.55 -40.91 24.47
CA GLU A 241 15.15 -41.10 23.07
C GLU A 241 14.93 -39.77 22.31
N GLU A 242 14.34 -38.78 22.97
CA GLU A 242 14.00 -37.50 22.31
C GLU A 242 15.19 -36.69 21.82
N HIS A 243 16.39 -37.02 22.30
CA HIS A 243 17.57 -36.32 21.82
C HIS A 243 18.73 -37.30 21.66
N LEU A 244 18.75 -38.05 20.57
CA LEU A 244 19.76 -39.07 20.39
C LEU A 244 21.17 -38.53 20.17
N ASP A 245 21.28 -37.23 19.84
CA ASP A 245 22.61 -36.65 19.64
C ASP A 245 23.38 -36.45 20.93
N ASN A 246 22.67 -36.44 22.07
CA ASN A 246 23.33 -36.37 23.36
C ASN A 246 23.98 -37.69 23.70
N LEU A 247 23.52 -38.74 23.05
CA LEU A 247 24.05 -40.08 23.27
C LEU A 247 25.50 -40.13 22.80
N VAL A 248 25.82 -39.32 21.80
CA VAL A 248 27.18 -39.25 21.28
C VAL A 248 28.08 -38.48 22.25
N GLY A 249 27.65 -37.27 22.62
CA GLY A 249 28.41 -36.48 23.56
C GLY A 249 28.67 -37.25 24.84
N SER A 250 27.67 -38.02 25.26
CA SER A 250 27.76 -38.77 26.49
C SER A 250 28.80 -39.89 26.41
N ALA A 251 29.11 -40.28 25.18
CA ALA A 251 30.02 -41.37 24.93
C ALA A 251 31.43 -40.84 24.71
N ILE A 252 31.55 -39.57 24.36
CA ILE A 252 32.88 -39.08 24.00
C ILE A 252 33.45 -38.01 24.91
N PHE A 253 32.61 -37.22 25.57
CA PHE A 253 33.16 -36.09 26.34
C PHE A 253 33.75 -36.58 27.66
N GLY A 254 34.96 -36.10 27.95
CA GLY A 254 35.60 -36.34 29.22
C GLY A 254 36.22 -35.08 29.82
N ASP A 255 36.86 -35.23 30.98
CA ASP A 255 37.43 -34.10 31.69
C ASP A 255 38.94 -33.97 31.45
N GLY A 256 39.44 -32.74 31.40
CA GLY A 256 40.86 -32.53 31.27
C GLY A 256 41.24 -31.07 31.25
N ALA A 257 42.52 -30.81 31.51
CA ALA A 257 43.07 -29.46 31.42
C ALA A 257 44.49 -29.56 30.90
N SER A 258 44.90 -28.55 30.15
CA SER A 258 46.28 -28.46 29.65
C SER A 258 46.74 -27.03 29.77
N VAL A 259 48.04 -26.86 30.01
CA VAL A 259 48.60 -25.55 30.24
C VAL A 259 49.94 -25.44 29.53
N LEU A 260 50.12 -24.33 28.81
CA LEU A 260 51.39 -24.06 28.13
C LEU A 260 52.06 -22.79 28.68
N VAL A 261 53.37 -22.72 28.50
CA VAL A 261 54.08 -21.47 28.60
C VAL A 261 54.55 -21.06 27.19
N ILE A 262 54.08 -19.90 26.75
CA ILE A 262 54.39 -19.40 25.43
C ILE A 262 55.15 -18.09 25.54
N GLY A 263 56.21 -17.96 24.73
CA GLY A 263 56.97 -16.73 24.74
C GLY A 263 57.79 -16.59 23.48
N SER A 264 58.16 -15.35 23.17
CA SER A 264 59.09 -15.07 22.10
C SER A 264 60.48 -14.91 22.70
N ASP A 265 61.47 -15.02 21.82
CA ASP A 265 62.87 -14.80 22.21
C ASP A 265 63.28 -15.71 23.37
N PRO A 266 63.21 -17.04 23.14
CA PRO A 266 63.54 -17.97 24.22
C PRO A 266 65.02 -17.87 24.56
N ILE A 267 65.30 -17.97 25.85
CA ILE A 267 66.66 -17.93 26.34
C ILE A 267 67.36 -19.26 26.08
N PRO A 268 68.53 -19.19 25.43
CA PRO A 268 69.32 -20.38 25.07
C PRO A 268 69.66 -21.24 26.29
N GLU A 269 69.49 -22.57 26.16
CA GLU A 269 69.81 -23.56 27.19
C GLU A 269 68.85 -23.58 28.38
N VAL A 270 68.53 -22.40 28.89
CA VAL A 270 67.64 -22.26 30.04
C VAL A 270 66.19 -22.64 29.68
N GLU A 271 65.71 -22.14 28.55
CA GLU A 271 64.37 -22.43 28.09
C GLU A 271 64.51 -23.37 26.90
N LYS A 272 63.54 -24.25 26.71
CA LYS A 272 63.58 -25.26 25.65
C LYS A 272 62.37 -25.23 24.70
N PRO A 273 62.55 -24.62 23.54
CA PRO A 273 61.45 -24.48 22.56
C PRO A 273 60.90 -25.85 22.13
N GLN A 274 59.58 -25.94 21.99
CA GLN A 274 58.97 -27.17 21.52
C GLN A 274 58.37 -26.97 20.13
N PHE A 275 57.73 -25.81 19.95
CA PHE A 275 57.09 -25.45 18.70
C PHE A 275 57.08 -23.92 18.56
N GLU A 276 57.12 -23.43 17.32
CA GLU A 276 56.95 -22.00 17.06
C GLU A 276 55.62 -21.80 16.37
N ILE A 277 54.87 -20.81 16.82
CA ILE A 277 53.60 -20.47 16.17
C ILE A 277 53.88 -19.40 15.10
N HIS A 278 53.66 -19.72 13.83
CA HIS A 278 54.02 -18.75 12.80
C HIS A 278 52.87 -18.01 12.18
N TRP A 279 51.67 -18.52 12.38
CA TRP A 279 50.47 -17.98 11.76
C TRP A 279 49.26 -18.56 12.46
N SER A 280 48.31 -17.70 12.83
CA SER A 280 47.03 -18.17 13.34
C SER A 280 45.87 -17.52 12.60
N GLY A 281 44.85 -18.29 12.27
CA GLY A 281 43.71 -17.74 11.58
C GLY A 281 42.49 -18.59 11.79
N GLU A 282 41.33 -18.07 11.37
CA GLU A 282 40.11 -18.84 11.48
C GLU A 282 39.14 -18.42 10.39
N THR A 283 38.09 -19.21 10.21
CA THR A 283 37.09 -18.86 9.23
C THR A 283 35.73 -19.42 9.65
N ILE A 284 34.68 -18.78 9.17
CA ILE A 284 33.33 -19.27 9.35
C ILE A 284 32.92 -20.03 8.10
N LEU A 285 32.54 -21.29 8.25
CA LEU A 285 32.32 -22.13 7.09
C LEU A 285 31.08 -21.68 6.30
N PRO A 286 31.10 -21.85 4.96
CA PRO A 286 29.93 -21.42 4.20
C PRO A 286 28.73 -22.33 4.47
N GLU A 287 27.54 -21.72 4.57
CA GLU A 287 26.25 -22.39 4.78
C GLU A 287 26.31 -23.13 6.12
N SER A 288 26.98 -22.57 7.10
CA SER A 288 27.16 -23.35 8.30
C SER A 288 26.53 -22.66 9.49
N ASP A 289 25.38 -22.04 9.20
CA ASP A 289 24.66 -21.21 10.15
C ASP A 289 23.74 -22.08 11.01
N GLY A 290 24.12 -22.27 12.27
CA GLY A 290 23.31 -23.07 13.18
C GLY A 290 23.58 -24.54 13.03
N ALA A 291 24.74 -24.90 12.49
CA ALA A 291 25.11 -26.30 12.41
C ALA A 291 25.31 -26.89 13.82
N ILE A 292 25.98 -26.17 14.71
CA ILE A 292 26.07 -26.58 16.13
C ILE A 292 25.74 -25.42 17.06
N GLU A 293 24.64 -25.54 17.81
CA GLU A 293 24.28 -24.54 18.81
C GLU A 293 24.55 -25.17 20.18
N GLY A 294 25.09 -24.37 21.09
CA GLY A 294 25.31 -24.79 22.47
C GLY A 294 24.54 -23.85 23.35
N ARG A 295 23.53 -24.39 24.05
CA ARG A 295 22.64 -23.54 24.82
C ARG A 295 22.80 -23.74 26.32
N LEU A 296 23.07 -22.64 27.05
CA LEU A 296 23.17 -22.73 28.50
C LEU A 296 21.81 -22.42 29.10
N THR A 297 21.23 -23.45 29.73
CA THR A 297 19.88 -23.35 30.29
C THR A 297 19.83 -23.71 31.78
N GLU A 298 18.63 -23.64 32.34
CA GLU A 298 18.35 -24.08 33.70
C GLU A 298 18.62 -25.59 33.87
N ALA A 299 18.72 -26.33 32.76
CA ALA A 299 19.05 -27.75 32.80
C ALA A 299 20.55 -28.02 32.54
N GLY A 300 21.35 -26.96 32.49
CA GLY A 300 22.75 -27.07 32.16
C GLY A 300 23.04 -26.81 30.68
N LEU A 301 24.11 -27.41 30.17
CA LEU A 301 24.49 -27.10 28.79
C LEU A 301 24.07 -28.21 27.84
N ILE A 302 23.32 -27.83 26.80
CA ILE A 302 22.86 -28.80 25.81
C ILE A 302 23.29 -28.36 24.43
N PHE A 303 23.79 -29.29 23.63
CA PHE A 303 24.12 -28.99 22.24
C PHE A 303 23.00 -29.43 21.28
N HIS A 304 22.77 -28.62 20.26
CA HIS A 304 21.79 -28.96 19.23
C HIS A 304 22.41 -28.92 17.85
N LEU A 305 22.47 -30.07 17.20
CA LEU A 305 22.99 -30.16 15.84
C LEU A 305 21.83 -29.98 14.86
N LEU A 306 22.14 -29.42 13.68
CA LEU A 306 21.14 -29.29 12.63
C LEU A 306 21.72 -29.51 11.25
N LYS A 307 22.98 -29.97 11.20
CA LYS A 307 23.61 -30.34 9.94
C LYS A 307 24.60 -31.51 10.06
N ASP A 308 25.13 -31.92 8.92
CA ASP A 308 26.19 -32.91 8.88
C ASP A 308 27.53 -32.21 9.07
N VAL A 309 28.02 -32.22 10.31
CA VAL A 309 29.27 -31.54 10.64
C VAL A 309 30.53 -32.30 10.17
N PRO A 310 30.63 -33.65 10.38
CA PRO A 310 31.78 -34.37 9.79
C PRO A 310 31.97 -34.11 8.30
N GLY A 311 30.88 -34.11 7.55
CA GLY A 311 30.91 -33.87 6.11
C GLY A 311 31.22 -32.41 5.83
N LEU A 312 30.47 -31.54 6.47
CA LEU A 312 30.65 -30.11 6.30
C LEU A 312 32.08 -29.73 6.56
N ILE A 313 32.67 -30.37 7.53
CA ILE A 313 33.94 -29.92 8.01
C ILE A 313 35.05 -30.19 7.06
N SER A 314 35.27 -31.42 6.68
CA SER A 314 36.42 -31.63 5.85
C SER A 314 36.15 -31.40 4.36
N ARG A 315 34.93 -31.02 4.04
CA ARG A 315 34.55 -30.59 2.69
C ARG A 315 34.84 -29.10 2.48
N ASN A 316 34.86 -28.34 3.57
CA ASN A 316 35.02 -26.88 3.55
C ASN A 316 36.32 -26.39 4.18
N THR A 317 37.19 -27.32 4.55
CA THR A 317 38.42 -26.94 5.23
C THR A 317 39.57 -26.57 4.28
N LEU A 318 39.42 -26.84 2.99
CA LEU A 318 40.57 -26.62 2.11
C LEU A 318 41.00 -25.17 1.90
N PRO A 319 40.06 -24.23 1.81
CA PRO A 319 40.56 -22.85 1.67
C PRO A 319 41.42 -22.35 2.85
N ILE A 320 40.97 -22.48 4.10
CA ILE A 320 41.79 -21.98 5.20
C ILE A 320 43.08 -22.81 5.29
N PHE A 321 42.99 -24.12 5.03
CA PHE A 321 44.17 -24.98 4.99
C PHE A 321 45.21 -24.56 3.94
N ASN A 322 44.77 -24.27 2.71
CA ASN A 322 45.74 -23.87 1.70
C ASN A 322 46.36 -22.51 2.03
N LYS A 323 45.57 -21.60 2.59
CA LYS A 323 46.08 -20.29 2.92
C LYS A 323 47.09 -20.41 4.10
N ALA A 324 46.75 -21.28 5.05
CA ALA A 324 47.61 -21.55 6.19
C ALA A 324 49.01 -22.04 5.80
N ILE A 325 49.07 -23.02 4.92
CA ILE A 325 50.36 -23.62 4.60
C ILE A 325 51.24 -22.75 3.74
N GLU A 326 50.69 -21.65 3.23
CA GLU A 326 51.49 -20.72 2.42
C GLU A 326 52.69 -20.27 3.25
N VAL A 327 52.47 -20.07 4.54
CA VAL A 327 53.53 -19.69 5.48
C VAL A 327 54.62 -20.75 5.65
N ALA A 328 54.24 -22.00 5.43
CA ALA A 328 55.13 -23.14 5.58
C ALA A 328 55.74 -23.55 4.23
N GLY A 329 55.47 -22.74 3.20
CA GLY A 329 55.96 -23.02 1.86
C GLY A 329 55.10 -24.04 1.14
N SER A 330 53.85 -24.14 1.56
CA SER A 330 52.88 -25.07 0.98
C SER A 330 53.39 -26.48 0.81
N PRO A 331 53.86 -27.11 1.89
CA PRO A 331 54.20 -28.51 1.66
C PRO A 331 52.93 -29.33 1.45
N SER A 332 53.10 -30.55 0.99
CA SER A 332 51.96 -31.43 0.77
C SER A 332 51.44 -31.88 2.13
N TRP A 333 50.18 -32.33 2.17
CA TRP A 333 49.53 -32.68 3.43
C TRP A 333 50.28 -33.73 4.24
N ASN A 334 50.87 -34.72 3.57
CA ASN A 334 51.55 -35.78 4.32
C ASN A 334 52.95 -35.36 4.81
N ASP A 335 53.43 -34.20 4.38
CA ASP A 335 54.71 -33.66 4.90
C ASP A 335 54.52 -32.74 6.09
N LEU A 336 53.28 -32.51 6.47
CA LEU A 336 52.94 -31.72 7.64
C LEU A 336 52.68 -32.64 8.81
N PHE A 337 53.00 -32.23 10.03
CA PHE A 337 52.52 -32.99 11.18
C PHE A 337 51.16 -32.40 11.56
N TRP A 338 50.36 -33.16 12.28
CA TRP A 338 48.94 -32.81 12.44
C TRP A 338 48.51 -32.93 13.89
N CYS A 339 48.01 -31.83 14.44
CA CYS A 339 47.36 -31.85 15.74
C CYS A 339 45.93 -31.39 15.52
N VAL A 340 45.03 -32.34 15.45
CA VAL A 340 43.67 -32.02 15.10
C VAL A 340 42.84 -32.26 16.34
N HIS A 341 41.87 -31.40 16.58
CA HIS A 341 40.95 -31.60 17.69
C HIS A 341 40.25 -32.95 17.47
N PRO A 342 40.43 -33.90 18.42
CA PRO A 342 39.86 -35.26 18.31
C PRO A 342 38.36 -35.26 18.58
N GLY A 343 37.61 -34.68 17.63
CA GLY A 343 36.19 -34.49 17.79
C GLY A 343 35.44 -35.80 17.87
N GLY A 344 35.85 -36.72 17.02
CA GLY A 344 35.30 -38.06 17.02
C GLY A 344 36.15 -38.88 16.07
N ARG A 345 36.05 -40.19 16.19
CA ARG A 345 36.74 -41.08 15.29
C ARG A 345 36.30 -40.89 13.83
N ALA A 346 35.03 -40.62 13.60
CA ALA A 346 34.53 -40.43 12.24
C ALA A 346 35.08 -39.15 11.60
N ILE A 347 35.08 -38.04 12.32
CA ILE A 347 35.60 -36.80 11.74
C ILE A 347 37.07 -36.97 11.38
N LEU A 348 37.83 -37.60 12.27
CA LEU A 348 39.24 -37.86 12.00
C LEU A 348 39.37 -38.73 10.72
N ASP A 349 38.53 -39.75 10.62
CA ASP A 349 38.52 -40.62 9.42
C ASP A 349 38.27 -39.82 8.15
N GLU A 350 37.30 -38.91 8.22
CA GLU A 350 36.98 -38.09 7.06
C GLU A 350 38.13 -37.16 6.71
N VAL A 351 38.87 -36.68 7.71
CA VAL A 351 39.98 -35.80 7.39
C VAL A 351 41.06 -36.60 6.66
N ALA A 352 41.31 -37.83 7.10
CA ALA A 352 42.31 -38.68 6.45
C ALA A 352 41.92 -39.01 4.99
N LYS A 353 40.66 -39.37 4.76
CA LYS A 353 40.22 -39.70 3.40
C LYS A 353 40.26 -38.49 2.47
N THR A 354 39.74 -37.35 2.91
CA THR A 354 39.73 -36.14 2.09
C THR A 354 41.11 -35.72 1.64
N LEU A 355 42.07 -35.78 2.52
CA LEU A 355 43.43 -35.34 2.23
C LEU A 355 44.34 -36.51 1.86
N SER A 356 43.79 -37.73 1.84
CA SER A 356 44.58 -38.92 1.60
C SER A 356 45.81 -38.98 2.49
N LEU A 357 45.61 -38.90 3.81
CA LEU A 357 46.72 -38.96 4.77
C LEU A 357 47.15 -40.37 5.05
N LYS A 358 48.45 -40.55 5.27
CA LYS A 358 48.95 -41.81 5.75
C LYS A 358 48.35 -42.05 7.12
N PRO A 359 48.06 -43.31 7.45
CA PRO A 359 47.48 -43.63 8.76
C PRO A 359 48.34 -43.10 9.90
N GLU A 360 49.63 -42.91 9.65
CA GLU A 360 50.53 -42.46 10.69
C GLU A 360 50.32 -41.00 11.09
N LYS A 361 49.69 -40.22 10.23
CA LYS A 361 49.57 -38.77 10.45
C LYS A 361 48.72 -38.39 11.65
N LEU A 362 47.57 -39.04 11.80
CA LEU A 362 46.65 -38.69 12.86
C LEU A 362 46.82 -39.54 14.12
N GLU A 363 47.96 -40.22 14.24
CA GLU A 363 48.19 -41.10 15.38
C GLU A 363 48.27 -40.38 16.74
N ALA A 364 49.03 -39.28 16.82
CA ALA A 364 49.09 -38.52 18.07
C ALA A 364 47.69 -38.07 18.49
N THR A 365 46.89 -37.64 17.51
CA THR A 365 45.53 -37.23 17.78
C THR A 365 44.67 -38.36 18.33
N ARG A 366 44.74 -39.52 17.67
CA ARG A 366 43.96 -40.69 18.09
C ARG A 366 44.48 -41.25 19.43
N ASP A 367 45.79 -41.11 19.68
CA ASP A 367 46.35 -41.51 20.98
C ASP A 367 45.58 -40.83 22.12
N ILE A 368 45.31 -39.54 21.93
CA ILE A 368 44.62 -38.73 22.91
C ILE A 368 43.14 -39.12 23.02
N LEU A 369 42.50 -39.31 21.87
CA LEU A 369 41.09 -39.76 21.83
C LEU A 369 40.98 -41.11 22.55
N TYR A 370 41.96 -41.98 22.30
CA TYR A 370 41.98 -43.28 22.93
C TYR A 370 42.17 -43.18 24.46
N ASN A 371 43.14 -42.41 24.90
CA ASN A 371 43.46 -42.48 26.32
C ASN A 371 42.64 -41.53 27.16
N TYR A 372 42.06 -40.53 26.53
CA TYR A 372 41.42 -39.47 27.30
C TYR A 372 40.02 -39.08 26.86
N GLY A 373 39.62 -39.46 25.65
CA GLY A 373 38.34 -39.04 25.11
C GLY A 373 38.41 -37.65 24.53
N ASN A 374 37.24 -37.07 24.29
CA ASN A 374 37.13 -35.71 23.79
C ASN A 374 37.05 -34.75 24.97
N MET A 375 38.11 -34.00 25.22
CA MET A 375 38.09 -33.12 26.39
C MET A 375 37.85 -31.69 25.93
N SER A 376 37.01 -31.58 24.90
CA SER A 376 36.63 -30.30 24.35
C SER A 376 37.89 -29.48 24.02
N GLY A 377 37.97 -28.22 24.44
CA GLY A 377 39.10 -27.38 24.05
C GLY A 377 40.51 -27.84 24.42
N ALA A 378 40.61 -28.60 25.52
CA ALA A 378 41.92 -29.01 25.97
C ALA A 378 42.52 -30.07 25.06
N SER A 379 41.67 -30.80 24.33
CA SER A 379 42.10 -32.04 23.69
C SER A 379 43.27 -31.82 22.76
N VAL A 380 43.20 -30.78 21.92
CA VAL A 380 44.26 -30.53 20.95
C VAL A 380 45.62 -30.12 21.63
N LEU A 381 45.54 -29.55 22.83
CA LEU A 381 46.76 -29.23 23.56
C LEU A 381 47.41 -30.52 24.14
N PHE A 382 46.60 -31.44 24.63
CA PHE A 382 47.09 -32.79 24.92
C PHE A 382 47.79 -33.43 23.70
N VAL A 383 47.16 -33.29 22.53
CA VAL A 383 47.75 -33.80 21.30
C VAL A 383 49.08 -33.15 21.02
N LEU A 384 49.13 -31.82 21.15
CA LEU A 384 50.38 -31.10 20.91
C LEU A 384 51.48 -31.65 21.80
N ASP A 385 51.11 -31.99 23.03
CA ASP A 385 52.03 -32.61 23.99
C ASP A 385 52.44 -34.01 23.59
N GLN A 386 51.46 -34.79 23.14
CA GLN A 386 51.72 -36.15 22.69
C GLN A 386 52.65 -36.18 21.49
N MET A 387 52.55 -35.19 20.62
CA MET A 387 53.43 -35.08 19.48
C MET A 387 54.89 -34.90 19.85
N ARG A 388 55.20 -34.06 20.80
CA ARG A 388 56.58 -33.97 21.20
C ARG A 388 57.06 -35.17 22.00
N ARG A 389 56.13 -35.86 22.64
CA ARG A 389 56.45 -37.05 23.36
C ARG A 389 56.74 -38.23 22.47
N ARG A 390 55.94 -38.43 21.46
CA ARG A 390 56.18 -39.48 20.47
C ARG A 390 57.51 -39.25 19.77
N SER A 391 57.78 -37.97 19.49
CA SER A 391 59.03 -37.60 18.82
C SER A 391 60.23 -37.84 19.72
N ALA A 392 60.03 -37.71 21.02
CA ALA A 392 61.12 -37.95 21.96
C ALA A 392 61.38 -39.43 22.03
N GLU A 393 60.30 -40.19 22.17
CA GLU A 393 60.35 -41.65 22.33
C GLU A 393 61.02 -42.32 21.14
N LYS A 394 60.67 -41.85 19.95
CA LYS A 394 61.13 -42.44 18.70
C LYS A 394 62.46 -41.85 18.25
N LYS A 395 62.97 -40.89 19.02
CA LYS A 395 64.19 -40.19 18.67
C LYS A 395 64.05 -39.51 17.31
N SER A 396 62.90 -38.89 17.04
CA SER A 396 62.67 -38.22 15.74
C SER A 396 63.55 -37.00 15.56
N ARG A 397 63.67 -36.49 14.33
CA ARG A 397 64.51 -35.31 14.13
C ARG A 397 63.87 -33.99 14.55
N THR A 398 62.55 -33.96 14.63
CA THR A 398 61.86 -32.76 15.09
C THR A 398 60.85 -33.10 16.14
N THR A 399 60.35 -32.09 16.82
CA THR A 399 59.31 -32.27 17.81
C THR A 399 57.99 -32.61 17.12
N GLY A 400 58.00 -32.61 15.77
CA GLY A 400 56.83 -33.00 14.99
C GLY A 400 56.98 -34.37 14.36
N GLU A 401 57.62 -35.28 15.08
CA GLU A 401 57.89 -36.61 14.54
C GLU A 401 58.69 -36.57 13.26
N GLY A 402 59.58 -35.60 13.12
CA GLY A 402 60.40 -35.48 11.92
C GLY A 402 59.91 -34.47 10.91
N CYS A 403 58.65 -34.07 10.99
CA CYS A 403 58.14 -33.04 10.09
C CYS A 403 58.63 -31.67 10.51
N GLU A 404 58.80 -30.79 9.53
CA GLU A 404 59.27 -29.43 9.78
C GLU A 404 58.11 -28.52 10.16
N TRP A 405 57.01 -28.64 9.40
CA TRP A 405 55.87 -27.76 9.62
C TRP A 405 54.67 -28.59 9.98
N GLY A 406 53.73 -27.97 10.69
CA GLY A 406 52.51 -28.64 11.05
C GLY A 406 51.36 -27.70 11.30
N LEU A 407 50.17 -28.28 11.46
CA LEU A 407 48.97 -27.53 11.67
C LEU A 407 48.29 -27.93 12.97
N VAL A 408 47.89 -26.95 13.78
CA VAL A 408 46.96 -27.18 14.88
C VAL A 408 45.56 -26.80 14.39
N VAL A 409 44.60 -27.69 14.54
CA VAL A 409 43.28 -27.44 13.98
C VAL A 409 42.20 -27.65 15.04
N GLY A 410 41.42 -26.60 15.29
CA GLY A 410 40.27 -26.70 16.17
C GLY A 410 39.05 -26.38 15.32
N PHE A 411 37.90 -26.92 15.69
CA PHE A 411 36.65 -26.63 14.99
C PHE A 411 35.50 -26.68 15.99
N GLY A 412 34.41 -25.95 15.72
CA GLY A 412 33.30 -25.91 16.65
C GLY A 412 32.18 -25.00 16.16
N PRO A 413 31.32 -24.54 17.09
CA PRO A 413 30.11 -23.72 16.88
C PRO A 413 30.34 -22.48 16.03
N GLY A 414 29.27 -22.07 15.34
CA GLY A 414 29.26 -21.01 14.33
C GLY A 414 29.59 -21.70 13.02
N LEU A 415 30.11 -22.90 13.23
CA LEU A 415 30.99 -23.63 12.34
C LEU A 415 32.15 -22.75 12.02
N THR A 416 33.01 -22.72 13.04
CA THR A 416 34.27 -22.04 13.05
C THR A 416 35.35 -23.09 12.88
N VAL A 417 36.31 -22.82 12.02
CA VAL A 417 37.51 -23.64 11.95
C VAL A 417 38.66 -22.74 12.33
N GLU A 418 39.43 -23.17 13.32
CA GLU A 418 40.58 -22.43 13.79
C GLU A 418 41.85 -23.17 13.43
N VAL A 419 42.85 -22.46 12.92
CA VAL A 419 44.09 -23.09 12.50
C VAL A 419 45.29 -22.25 12.94
N SER A 420 46.30 -22.89 13.54
CA SER A 420 47.61 -22.27 13.68
C SER A 420 48.64 -23.11 12.93
N VAL A 421 49.62 -22.44 12.34
CA VAL A 421 50.70 -23.13 11.65
C VAL A 421 51.92 -23.15 12.56
N LEU A 422 52.44 -24.33 12.81
CA LEU A 422 53.57 -24.48 13.73
C LEU A 422 54.82 -24.93 13.01
N ARG A 423 55.94 -24.39 13.43
CA ARG A 423 57.21 -24.95 13.06
C ARG A 423 57.72 -25.84 14.21
N ALA A 424 58.08 -27.08 13.88
CA ALA A 424 58.69 -27.97 14.83
C ALA A 424 60.14 -27.55 15.11
N ILE A 425 60.71 -28.10 16.18
CA ILE A 425 62.06 -27.76 16.57
C ILE A 425 62.96 -28.99 16.42
N ALA A 426 64.19 -28.77 15.96
CA ALA A 426 65.15 -29.87 15.83
C ALA A 426 65.47 -30.43 17.19
N THR A 427 65.44 -31.76 17.29
CA THR A 427 65.68 -32.43 18.56
C THR A 427 67.17 -32.64 18.82
N GLY A 428 67.93 -32.75 17.75
CA GLY A 428 69.35 -33.03 17.87
C GLY A 428 69.64 -34.52 17.67
N HIS A 429 68.59 -35.26 17.34
CA HIS A 429 68.67 -36.70 17.06
C HIS A 429 68.92 -37.00 15.59
N LYS B 47 57.75 -12.36 6.42
CA LYS B 47 56.38 -12.54 5.94
C LYS B 47 55.31 -12.15 7.01
N HIS B 48 55.45 -12.60 8.25
CA HIS B 48 54.61 -11.98 9.29
C HIS B 48 55.13 -10.59 9.63
N ARG B 49 54.34 -9.57 9.33
CA ARG B 49 54.76 -8.21 9.59
C ARG B 49 53.99 -7.59 10.75
N ARG B 50 54.72 -6.85 11.59
CA ARG B 50 54.13 -6.15 12.71
C ARG B 50 53.81 -4.72 12.31
N ALA B 51 52.89 -4.08 13.03
CA ALA B 51 52.57 -2.67 12.78
C ALA B 51 53.69 -1.80 13.34
N ALA B 52 53.69 -0.53 13.00
CA ALA B 52 54.81 0.30 13.40
C ALA B 52 54.54 1.09 14.70
N GLY B 53 53.36 1.69 14.79
CA GLY B 53 53.05 2.59 15.89
C GLY B 53 52.04 2.06 16.88
N PRO B 54 51.70 2.90 17.86
CA PRO B 54 50.71 2.56 18.89
C PRO B 54 49.29 2.39 18.35
N ALA B 55 48.57 1.47 18.97
CA ALA B 55 47.16 1.24 18.68
C ALA B 55 46.38 2.54 18.84
N THR B 56 45.58 2.88 17.85
CA THR B 56 44.91 4.17 17.83
C THR B 56 43.41 4.00 17.68
N VAL B 57 42.64 4.72 18.50
CA VAL B 57 41.20 4.73 18.38
C VAL B 57 40.86 5.62 17.20
N LEU B 58 40.23 5.04 16.16
CA LEU B 58 39.94 5.74 14.90
C LEU B 58 38.48 6.12 14.75
N ALA B 59 37.66 5.65 15.66
CA ALA B 59 36.22 5.86 15.59
C ALA B 59 35.59 5.34 16.85
N ILE B 60 34.51 5.98 17.27
CA ILE B 60 33.73 5.57 18.44
C ILE B 60 32.25 5.71 18.12
N GLY B 61 31.52 4.61 18.14
CA GLY B 61 30.09 4.65 17.93
C GLY B 61 29.36 4.12 19.15
N LYS B 62 28.11 4.52 19.32
CA LYS B 62 27.35 4.10 20.47
C LYS B 62 25.89 3.89 20.05
N ALA B 63 25.13 3.18 20.87
CA ALA B 63 23.72 2.95 20.67
C ALA B 63 23.08 2.59 22.00
N THR B 64 21.79 2.84 22.13
CA THR B 64 21.00 2.40 23.27
C THR B 64 19.71 1.87 22.74
N PRO B 65 18.99 1.03 23.52
CA PRO B 65 17.59 0.79 23.18
C PRO B 65 16.83 2.12 23.07
N PRO B 66 15.75 2.14 22.27
CA PRO B 66 15.07 3.42 22.04
C PRO B 66 14.33 3.98 23.27
N THR B 67 13.75 3.11 24.10
CA THR B 67 12.87 3.57 25.19
C THR B 67 13.62 4.12 26.39
N ALA B 68 13.41 5.42 26.62
CA ALA B 68 14.07 6.15 27.72
C ALA B 68 13.22 6.12 29.00
N TYR B 69 13.90 6.03 30.14
CA TYR B 69 13.27 6.04 31.46
C TYR B 69 13.82 7.14 32.33
N SER B 70 12.99 8.14 32.65
CA SER B 70 13.43 9.19 33.55
C SER B 70 13.64 8.63 34.96
N GLN B 71 14.79 8.93 35.54
CA GLN B 71 15.12 8.36 36.85
C GLN B 71 14.08 8.79 37.91
N SER B 72 13.62 10.04 37.84
CA SER B 72 12.63 10.57 38.79
C SER B 72 11.34 9.77 38.80
N GLU B 73 10.95 9.18 37.66
CA GLU B 73 9.72 8.39 37.62
C GLU B 73 9.99 6.91 37.79
N TYR B 74 11.26 6.54 37.91
CA TYR B 74 11.57 5.12 37.87
C TYR B 74 11.11 4.29 39.07
N PRO B 75 11.26 4.80 40.32
CA PRO B 75 10.84 3.96 41.46
C PRO B 75 9.38 3.58 41.42
N ASP B 76 8.55 4.54 41.02
CA ASP B 76 7.14 4.27 40.74
C ASP B 76 6.99 3.14 39.73
N PHE B 77 7.57 3.33 38.55
CA PHE B 77 7.48 2.29 37.51
C PHE B 77 7.95 0.94 38.04
N PHE B 78 9.10 0.95 38.71
CA PHE B 78 9.78 -0.29 39.09
C PHE B 78 8.95 -1.12 40.05
N PHE B 79 8.48 -0.49 41.11
CA PHE B 79 7.74 -1.22 42.11
C PHE B 79 6.37 -1.65 41.60
N ASP B 80 5.78 -0.88 40.68
CA ASP B 80 4.49 -1.28 40.07
C ASP B 80 4.63 -2.51 39.21
N ILE B 81 5.57 -2.49 38.27
CA ILE B 81 5.74 -3.62 37.36
C ILE B 81 6.24 -4.89 38.07
N THR B 82 6.95 -4.74 39.19
CA THR B 82 7.40 -5.93 39.91
C THR B 82 6.39 -6.32 40.98
N ASN B 83 5.30 -5.56 41.08
CA ASN B 83 4.20 -5.84 42.02
C ASN B 83 4.63 -5.80 43.48
N THR B 84 5.38 -4.77 43.81
CA THR B 84 5.97 -4.62 45.13
C THR B 84 5.72 -3.24 45.73
N SER B 85 4.74 -2.52 45.21
CA SER B 85 4.48 -1.16 45.66
C SER B 85 3.84 -1.09 47.05
N HIS B 86 3.55 -2.25 47.64
CA HIS B 86 2.99 -2.26 48.98
C HIS B 86 4.10 -2.29 50.02
N LYS B 87 5.34 -2.48 49.56
CA LYS B 87 6.50 -2.47 50.44
C LYS B 87 7.02 -1.04 50.61
N THR B 88 6.22 -0.21 51.27
CA THR B 88 6.44 1.23 51.42
C THR B 88 7.82 1.70 51.84
N GLU B 89 8.39 1.09 52.87
CA GLU B 89 9.69 1.54 53.36
C GLU B 89 10.85 1.05 52.46
N LEU B 90 10.67 -0.10 51.81
CA LEU B 90 11.62 -0.51 50.77
C LEU B 90 11.63 0.53 49.64
N LYS B 91 10.43 0.95 49.21
CA LYS B 91 10.30 1.90 48.11
C LYS B 91 10.89 3.27 48.47
N ALA B 92 10.87 3.62 49.74
CA ALA B 92 11.42 4.90 50.14
C ALA B 92 12.94 4.83 50.09
N LYS B 93 13.49 3.62 50.32
CA LYS B 93 14.94 3.42 50.23
C LYS B 93 15.43 3.51 48.78
N PHE B 94 14.70 2.86 47.87
CA PHE B 94 15.05 2.88 46.46
C PHE B 94 14.96 4.29 45.89
N ALA B 95 13.93 5.01 46.32
CA ALA B 95 13.67 6.38 45.88
C ALA B 95 14.82 7.30 46.26
N ARG B 96 15.40 7.04 47.43
CA ARG B 96 16.50 7.87 47.89
C ARG B 96 17.79 7.47 47.20
N ILE B 97 17.96 6.18 46.94
CA ILE B 97 19.09 5.74 46.14
C ILE B 97 19.02 6.33 44.72
N CYS B 98 17.83 6.31 44.13
CA CYS B 98 17.62 6.88 42.81
C CYS B 98 17.91 8.37 42.80
N LYS B 99 17.39 9.05 43.81
CA LYS B 99 17.51 10.50 43.82
C LYS B 99 18.94 10.96 44.13
N ASN B 100 19.76 10.05 44.60
CA ASN B 100 21.17 10.37 44.85
C ASN B 100 22.13 9.69 43.89
N SER B 101 21.62 9.08 42.82
CA SER B 101 22.47 8.29 41.94
C SER B 101 23.25 9.14 40.93
N GLY B 102 22.90 10.40 40.74
CA GLY B 102 23.61 11.19 39.75
C GLY B 102 23.16 10.80 38.36
N ILE B 103 22.05 10.06 38.30
CA ILE B 103 21.46 9.57 37.05
C ILE B 103 20.16 10.28 36.68
N ASN B 104 20.06 10.77 35.44
CA ASN B 104 18.84 11.40 34.98
C ASN B 104 17.98 10.49 34.11
N THR B 105 18.65 9.72 33.26
CA THR B 105 18.00 8.88 32.26
C THR B 105 18.76 7.58 32.05
N ARG B 106 18.02 6.47 31.90
CA ARG B 106 18.55 5.17 31.47
C ARG B 106 17.71 4.60 30.31
N TYR B 107 18.29 3.68 29.56
CA TYR B 107 17.57 3.05 28.46
C TYR B 107 17.44 1.54 28.70
N PHE B 108 16.27 0.99 28.38
CA PHE B 108 15.98 -0.41 28.56
C PHE B 108 15.33 -1.03 27.32
N HIS B 109 15.85 -2.18 26.92
CA HIS B 109 15.24 -2.95 25.86
C HIS B 109 14.01 -3.63 26.41
N CYS B 110 14.12 -4.10 27.66
CA CYS B 110 13.01 -4.75 28.32
C CYS B 110 12.03 -3.75 28.88
N THR B 111 11.09 -3.37 28.03
CA THR B 111 10.02 -2.48 28.38
C THR B 111 8.88 -3.21 29.05
N GLU B 112 7.89 -2.44 29.52
CA GLU B 112 6.71 -2.99 30.18
C GLU B 112 6.08 -4.14 29.37
N ASP B 113 5.97 -4.01 28.05
CA ASP B 113 5.43 -5.13 27.26
C ASP B 113 6.34 -6.35 27.31
N ILE B 114 7.65 -6.12 27.20
CA ILE B 114 8.61 -7.23 27.23
C ILE B 114 8.56 -7.88 28.61
N LEU B 115 8.56 -7.05 29.66
CA LEU B 115 8.50 -7.56 31.03
C LEU B 115 7.20 -8.31 31.35
N LYS B 116 6.05 -7.82 30.89
CA LYS B 116 4.82 -8.55 31.19
C LYS B 116 4.70 -9.83 30.37
N ALA B 117 5.37 -9.89 29.23
CA ALA B 117 5.39 -11.12 28.42
C ALA B 117 6.35 -12.19 28.98
N ASN B 118 7.18 -11.80 29.96
CA ASN B 118 8.09 -12.71 30.66
C ASN B 118 7.99 -12.51 32.17
N PRO B 119 6.85 -12.88 32.78
CA PRO B 119 6.54 -12.45 34.16
C PRO B 119 7.53 -12.95 35.23
N SER B 120 8.23 -14.03 34.92
CA SER B 120 9.23 -14.58 35.83
C SER B 120 10.32 -13.56 36.11
N MET B 121 10.59 -12.67 35.15
CA MET B 121 11.61 -11.64 35.32
C MET B 121 11.13 -10.57 36.28
N CYS B 122 9.81 -10.57 36.53
CA CYS B 122 9.22 -9.55 37.41
C CYS B 122 9.12 -10.03 38.86
N THR B 123 9.51 -11.29 39.10
CA THR B 123 9.59 -11.83 40.44
C THR B 123 10.96 -11.59 41.02
N TYR B 124 11.20 -12.12 42.20
CA TYR B 124 12.47 -11.93 42.89
C TYR B 124 13.47 -13.02 42.49
N LEU B 125 13.17 -14.27 42.86
CA LEU B 125 14.13 -15.35 42.64
C LEU B 125 13.49 -16.60 42.07
N GLU B 126 12.35 -16.47 41.43
CA GLU B 126 11.76 -17.63 40.79
C GLU B 126 12.55 -17.97 39.53
N PRO B 127 12.52 -19.24 39.10
CA PRO B 127 13.30 -19.62 37.91
C PRO B 127 13.01 -18.74 36.72
N SER B 128 14.07 -18.18 36.13
CA SER B 128 13.89 -17.21 35.07
C SER B 128 15.02 -17.16 34.06
N LEU B 129 16.08 -17.94 34.27
CA LEU B 129 17.26 -17.84 33.41
C LEU B 129 16.97 -18.05 31.93
N ASP B 130 16.16 -19.04 31.61
CA ASP B 130 15.89 -19.37 30.21
C ASP B 130 15.32 -18.20 29.40
N VAL B 131 14.42 -17.40 29.98
CA VAL B 131 13.81 -16.29 29.25
C VAL B 131 14.71 -15.06 29.18
N ARG B 132 15.59 -14.90 30.17
CA ARG B 132 16.57 -13.82 30.18
C ARG B 132 17.61 -14.12 29.12
N GLN B 133 17.97 -15.38 29.02
CA GLN B 133 18.90 -15.86 28.01
C GLN B 133 18.37 -15.62 26.59
N ASP B 134 17.11 -16.00 26.35
CA ASP B 134 16.53 -15.87 25.02
C ASP B 134 16.58 -14.42 24.53
N ILE B 135 16.21 -13.49 25.40
CA ILE B 135 16.26 -12.07 25.07
C ILE B 135 17.69 -11.57 24.85
N ALA B 136 18.60 -11.90 25.77
CA ALA B 136 19.98 -11.35 25.70
C ALA B 136 20.79 -11.88 24.50
N ILE B 137 20.70 -13.18 24.24
CA ILE B 137 21.45 -13.79 23.16
C ILE B 137 21.06 -13.16 21.81
N ARG B 138 19.80 -12.80 21.69
CA ARG B 138 19.33 -12.16 20.49
C ARG B 138 19.62 -10.66 20.43
N GLU B 139 19.41 -9.93 21.53
CA GLU B 139 19.53 -8.47 21.50
C GLU B 139 20.94 -7.90 21.70
N VAL B 140 21.79 -8.62 22.43
CA VAL B 140 23.15 -8.11 22.66
C VAL B 140 23.92 -7.92 21.34
N PRO B 141 23.92 -8.91 20.44
CA PRO B 141 24.64 -8.59 19.20
C PRO B 141 23.94 -7.55 18.28
N ARG B 142 22.62 -7.47 18.33
CA ARG B 142 21.91 -6.46 17.50
C ARG B 142 22.16 -5.00 17.99
N LEU B 143 22.27 -4.81 19.30
CA LEU B 143 22.59 -3.47 19.84
C LEU B 143 24.01 -3.12 19.42
N ALA B 144 24.88 -4.13 19.42
CA ALA B 144 26.25 -3.95 18.96
C ALA B 144 26.30 -3.53 17.50
N GLU B 145 25.43 -4.13 16.71
CA GLU B 145 25.39 -3.82 15.29
C GLU B 145 25.12 -2.34 15.06
N LYS B 146 24.18 -1.79 15.84
CA LYS B 146 23.80 -0.38 15.68
C LYS B 146 24.92 0.58 15.98
N ALA B 147 25.67 0.27 17.03
CA ALA B 147 26.78 1.09 17.47
C ALA B 147 27.90 0.91 16.47
N ALA B 148 28.05 -0.32 15.99
CA ALA B 148 29.05 -0.65 14.96
C ALA B 148 28.77 0.11 13.69
N ILE B 149 27.52 0.21 13.30
CA ILE B 149 27.18 0.92 12.05
C ILE B 149 27.69 2.36 12.09
N GLU B 150 27.48 2.99 13.25
CA GLU B 150 27.92 4.35 13.48
C GLU B 150 29.45 4.47 13.51
N ALA B 151 30.10 3.54 14.21
CA ALA B 151 31.56 3.52 14.26
C ALA B 151 32.16 3.28 12.88
N LEU B 152 31.59 2.31 12.14
CA LEU B 152 32.05 2.02 10.79
C LEU B 152 31.86 3.22 9.88
N ALA B 153 30.77 3.96 10.06
CA ALA B 153 30.51 5.17 9.27
C ALA B 153 31.52 6.29 9.53
N GLU B 154 31.82 6.54 10.80
CA GLU B 154 32.77 7.58 11.15
C GLU B 154 34.16 7.27 10.60
N TRP B 155 34.53 6.00 10.72
CA TRP B 155 35.81 5.51 10.24
C TRP B 155 35.91 5.66 8.72
N GLY B 156 34.84 5.29 8.02
CA GLY B 156 34.69 5.60 6.61
C GLY B 156 35.37 4.66 5.62
N GLN B 157 35.89 3.53 6.10
CA GLN B 157 36.61 2.60 5.24
C GLN B 157 35.73 1.38 4.99
N PRO B 158 35.98 0.65 3.90
CA PRO B 158 35.18 -0.55 3.62
C PRO B 158 35.23 -1.55 4.76
N ARG B 159 34.10 -2.23 5.01
CA ARG B 159 33.99 -3.20 6.08
C ARG B 159 35.00 -4.33 5.88
N ASP B 160 35.44 -4.55 4.65
CA ASP B 160 36.33 -5.69 4.44
C ASP B 160 37.77 -5.42 4.91
N GLN B 161 38.04 -4.24 5.43
CA GLN B 161 39.37 -3.97 5.94
C GLN B 161 39.41 -4.18 7.45
N ILE B 162 38.26 -4.53 8.02
CA ILE B 162 38.23 -4.99 9.40
C ILE B 162 38.79 -6.39 9.40
N THR B 163 39.79 -6.64 10.25
CA THR B 163 40.51 -7.91 10.32
C THR B 163 40.24 -8.65 11.62
N HIS B 164 39.92 -7.89 12.66
CA HIS B 164 39.68 -8.49 14.00
C HIS B 164 38.41 -7.99 14.64
N VAL B 165 37.84 -8.81 15.50
CA VAL B 165 36.68 -8.41 16.30
C VAL B 165 36.92 -8.78 17.74
N VAL B 166 36.74 -7.83 18.63
CA VAL B 166 36.80 -8.10 20.06
C VAL B 166 35.43 -7.79 20.66
N PHE B 167 34.80 -8.73 21.36
CA PHE B 167 33.43 -8.41 21.78
C PHE B 167 33.36 -8.79 23.25
N ALA B 168 32.95 -7.85 24.11
CA ALA B 168 32.75 -8.15 25.53
C ALA B 168 31.29 -7.91 25.87
N THR B 169 30.73 -8.74 26.75
CA THR B 169 29.40 -8.56 27.33
C THR B 169 29.32 -9.24 28.71
N THR B 170 28.36 -8.80 29.52
CA THR B 170 28.10 -9.45 30.81
C THR B 170 26.70 -10.05 30.84
N SER B 171 25.97 -9.93 29.75
CA SER B 171 24.59 -10.41 29.73
C SER B 171 24.35 -11.57 28.75
N GLY B 172 24.33 -12.78 29.27
CA GLY B 172 23.97 -13.94 28.49
C GLY B 172 25.17 -14.62 27.88
N VAL B 173 25.06 -15.92 27.62
CA VAL B 173 26.16 -16.64 26.98
C VAL B 173 25.56 -17.63 26.01
N ASN B 174 26.22 -17.80 24.89
CA ASN B 174 25.72 -18.65 23.84
C ASN B 174 26.85 -19.21 23.01
N MET B 175 26.57 -20.31 22.33
CA MET B 175 27.51 -20.90 21.39
C MET B 175 26.74 -21.16 20.10
N PRO B 176 27.11 -20.48 19.02
CA PRO B 176 28.25 -19.55 18.91
C PRO B 176 28.08 -18.21 19.63
N GLY B 177 29.17 -17.46 19.79
CA GLY B 177 29.13 -16.23 20.54
C GLY B 177 28.54 -15.05 19.80
N ALA B 178 28.29 -13.97 20.55
CA ALA B 178 27.79 -12.72 19.98
C ALA B 178 28.75 -12.17 18.95
N ASP B 179 30.03 -12.47 19.13
CA ASP B 179 31.07 -12.03 18.20
C ASP B 179 30.81 -12.58 16.80
N LEU B 180 30.48 -13.88 16.73
CA LEU B 180 30.23 -14.50 15.42
C LEU B 180 28.96 -13.97 14.79
N THR B 181 27.89 -13.88 15.59
CA THR B 181 26.63 -13.36 15.12
C THR B 181 26.78 -11.94 14.56
N LEU B 182 27.54 -11.11 15.29
CA LEU B 182 27.81 -9.74 14.90
C LEU B 182 28.58 -9.75 13.60
N THR B 183 29.47 -10.72 13.45
CA THR B 183 30.23 -10.82 12.21
C THR B 183 29.29 -11.06 11.03
N ARG B 184 28.33 -11.97 11.22
CA ARG B 184 27.33 -12.22 10.20
C ARG B 184 26.45 -10.98 9.92
N LEU B 185 25.94 -10.32 10.95
CA LEU B 185 25.05 -9.18 10.75
C LEU B 185 25.70 -8.07 9.94
N LEU B 186 26.96 -7.79 10.24
CA LEU B 186 27.68 -6.73 9.56
C LEU B 186 28.24 -7.14 8.21
N GLY B 187 28.26 -8.44 7.95
CA GLY B 187 28.88 -8.96 6.74
C GLY B 187 30.37 -8.72 6.69
N LEU B 188 31.00 -8.86 7.85
CA LEU B 188 32.45 -8.73 7.89
C LEU B 188 33.03 -9.92 7.15
N ASN B 189 34.30 -9.83 6.78
CA ASN B 189 35.01 -10.93 6.18
C ASN B 189 34.92 -12.18 7.08
N PRO B 190 34.60 -13.34 6.49
CA PRO B 190 34.50 -14.59 7.23
C PRO B 190 35.81 -15.00 7.92
N ASN B 191 36.90 -14.30 7.59
CA ASN B 191 38.22 -14.57 8.11
C ASN B 191 38.62 -13.75 9.34
N VAL B 192 37.68 -12.99 9.91
CA VAL B 192 38.05 -12.11 11.00
C VAL B 192 38.51 -12.93 12.20
N LYS B 193 39.56 -12.43 12.85
CA LYS B 193 40.08 -13.12 14.01
C LYS B 193 39.34 -12.60 15.24
N ARG B 194 38.57 -13.48 15.87
CA ARG B 194 37.62 -13.04 16.89
C ARG B 194 38.09 -13.36 18.30
N THR B 195 37.93 -12.40 19.19
CA THR B 195 38.16 -12.62 20.61
C THR B 195 36.87 -12.35 21.37
N MET B 196 36.25 -13.41 21.89
CA MET B 196 34.95 -13.29 22.54
C MET B 196 35.07 -13.33 24.09
N LEU B 197 34.66 -12.26 24.76
CA LEU B 197 34.86 -12.12 26.22
C LEU B 197 33.52 -12.08 26.95
N TYR B 198 33.04 -13.26 27.32
CA TYR B 198 31.77 -13.42 28.00
C TYR B 198 31.91 -13.19 29.50
N GLN B 199 30.83 -12.74 30.12
CA GLN B 199 30.74 -12.60 31.55
C GLN B 199 31.92 -11.77 32.08
N GLN B 200 32.20 -10.66 31.42
CA GLN B 200 33.43 -9.94 31.64
C GLN B 200 33.37 -9.02 32.84
N GLY B 201 32.26 -8.31 32.99
CA GLY B 201 32.10 -7.42 34.14
C GLY B 201 32.28 -5.95 33.85
N CYS B 202 32.07 -5.12 34.87
CA CYS B 202 32.06 -3.67 34.73
C CYS B 202 33.40 -3.09 34.25
N PHE B 203 34.49 -3.86 34.34
CA PHE B 203 35.78 -3.38 33.82
C PHE B 203 35.99 -3.77 32.35
N GLY B 204 34.98 -4.35 31.72
CA GLY B 204 35.03 -4.79 30.33
C GLY B 204 35.36 -3.78 29.24
N GLY B 205 34.99 -2.51 29.44
CA GLY B 205 35.34 -1.46 28.52
C GLY B 205 36.86 -1.22 28.47
N ALA B 206 37.50 -1.21 29.62
CA ALA B 206 38.96 -1.10 29.67
C ALA B 206 39.65 -2.34 29.08
N THR B 207 39.08 -3.51 29.36
CA THR B 207 39.61 -4.77 28.84
C THR B 207 39.76 -4.78 27.31
N VAL B 208 38.68 -4.43 26.60
CA VAL B 208 38.72 -4.54 25.14
C VAL B 208 39.77 -3.61 24.55
N LEU B 209 40.07 -2.50 25.22
CA LEU B 209 41.19 -1.65 24.80
C LEU B 209 42.52 -2.37 24.90
N ARG B 210 42.77 -3.00 26.06
CA ARG B 210 43.98 -3.81 26.24
C ARG B 210 44.04 -4.95 25.20
N VAL B 211 42.95 -5.68 25.03
CA VAL B 211 42.97 -6.77 24.06
C VAL B 211 43.25 -6.25 22.65
N ALA B 212 42.53 -5.22 22.25
CA ALA B 212 42.68 -4.68 20.89
C ALA B 212 44.06 -4.07 20.66
N LYS B 213 44.68 -3.51 21.70
CA LYS B 213 46.00 -2.92 21.60
C LYS B 213 47.02 -3.85 20.93
N ASP B 214 47.17 -5.07 21.47
CA ASP B 214 48.14 -6.03 20.96
C ASP B 214 47.76 -6.62 19.58
N LEU B 215 46.47 -6.75 19.33
CA LEU B 215 46.00 -7.18 18.02
C LEU B 215 46.40 -6.19 16.94
N ALA B 216 46.14 -4.91 17.19
CA ALA B 216 46.52 -3.85 16.27
C ALA B 216 48.02 -3.73 16.09
N GLU B 217 48.75 -3.76 17.20
CA GLU B 217 50.18 -3.44 17.14
C GLU B 217 51.05 -4.55 16.58
N ASN B 218 50.65 -5.81 16.78
CA ASN B 218 51.45 -6.96 16.31
C ASN B 218 51.14 -7.39 14.86
N ASN B 219 50.17 -6.73 14.22
CA ASN B 219 49.77 -7.11 12.85
C ASN B 219 49.65 -5.93 11.90
N LYS B 220 50.58 -5.85 10.94
CA LYS B 220 50.60 -4.74 10.00
C LYS B 220 49.26 -4.60 9.28
N GLY B 221 48.66 -3.41 9.34
CA GLY B 221 47.40 -3.16 8.66
C GLY B 221 46.14 -3.66 9.38
N ALA B 222 46.29 -4.27 10.54
CA ALA B 222 45.12 -4.78 11.25
C ALA B 222 44.21 -3.65 11.71
N ARG B 223 42.90 -3.87 11.54
CA ARG B 223 41.89 -2.94 11.98
C ARG B 223 40.91 -3.71 12.84
N VAL B 224 40.77 -3.27 14.10
CA VAL B 224 40.04 -4.03 15.09
C VAL B 224 38.69 -3.43 15.44
N LEU B 225 37.64 -4.17 15.18
CA LEU B 225 36.30 -3.76 15.58
C LEU B 225 36.16 -4.13 17.06
N THR B 226 36.06 -3.13 17.92
CA THR B 226 36.19 -3.35 19.36
C THR B 226 34.86 -3.03 20.03
N VAL B 227 34.21 -4.05 20.58
CA VAL B 227 32.78 -4.03 20.94
C VAL B 227 32.50 -4.34 22.43
N VAL B 228 31.64 -3.54 23.07
CA VAL B 228 31.03 -3.91 24.35
C VAL B 228 29.54 -3.66 24.29
N SER B 229 28.75 -4.67 24.60
CA SER B 229 27.31 -4.54 24.47
C SER B 229 26.65 -5.14 25.71
N GLU B 230 25.88 -4.33 26.43
CA GLU B 230 25.33 -4.75 27.72
C GLU B 230 23.85 -4.49 27.79
N LEU B 231 23.12 -5.50 28.25
CA LEU B 231 21.71 -5.38 28.58
C LEU B 231 21.50 -5.76 30.04
N THR B 232 20.44 -5.24 30.66
CA THR B 232 20.16 -5.51 32.08
C THR B 232 19.18 -6.63 32.31
N CYS B 233 18.78 -7.30 31.24
CA CYS B 233 17.73 -8.31 31.29
C CYS B 233 18.11 -9.56 32.06
N VAL B 234 19.41 -9.78 32.27
CA VAL B 234 19.88 -10.91 33.08
C VAL B 234 19.94 -10.58 34.57
N THR B 235 19.95 -9.29 34.92
CA THR B 235 20.03 -8.89 36.32
C THR B 235 18.72 -8.33 36.86
N PHE B 236 17.88 -7.76 35.98
CA PHE B 236 16.62 -7.13 36.40
C PHE B 236 15.73 -8.04 37.25
N ARG B 237 15.30 -7.55 38.41
CA ARG B 237 14.41 -8.33 39.27
C ARG B 237 13.70 -7.50 40.36
N ALA B 238 12.62 -8.07 40.90
CA ALA B 238 11.85 -7.42 41.95
C ALA B 238 12.70 -7.06 43.17
N PRO B 239 12.48 -5.87 43.72
CA PRO B 239 13.19 -5.43 44.93
C PRO B 239 12.78 -6.26 46.13
N ASN B 240 13.71 -6.44 47.07
CA ASN B 240 13.44 -7.26 48.25
C ASN B 240 14.35 -6.89 49.42
N GLU B 241 13.79 -6.99 50.63
CA GLU B 241 14.51 -6.69 51.86
C GLU B 241 15.73 -7.58 52.11
N GLU B 242 15.61 -8.87 51.80
CA GLU B 242 16.67 -9.86 52.06
C GLU B 242 17.97 -9.54 51.33
N HIS B 243 17.92 -8.68 50.31
CA HIS B 243 19.13 -8.27 49.60
C HIS B 243 19.07 -6.81 49.22
N LEU B 244 19.42 -5.94 50.16
CA LEU B 244 19.32 -4.51 49.94
C LEU B 244 20.39 -3.98 48.98
N ASP B 245 21.45 -4.75 48.75
CA ASP B 245 22.43 -4.30 47.76
C ASP B 245 21.94 -4.42 46.32
N ASN B 246 20.87 -5.19 46.10
CA ASN B 246 20.29 -5.23 44.77
C ASN B 246 19.57 -3.94 44.44
N LEU B 247 19.20 -3.19 45.49
CA LEU B 247 18.49 -1.95 45.29
C LEU B 247 19.34 -0.94 44.55
N VAL B 248 20.65 -1.04 44.71
CA VAL B 248 21.56 -0.12 44.04
C VAL B 248 21.67 -0.49 42.56
N GLY B 249 21.94 -1.77 42.30
CA GLY B 249 22.02 -2.28 40.95
C GLY B 249 20.77 -1.96 40.14
N SER B 250 19.61 -2.07 40.77
CA SER B 250 18.34 -1.80 40.12
C SER B 250 18.16 -0.32 39.79
N ALA B 251 18.90 0.51 40.51
CA ALA B 251 18.80 1.96 40.37
C ALA B 251 19.83 2.55 39.41
N ILE B 252 20.92 1.83 39.16
CA ILE B 252 22.03 2.41 38.39
C ILE B 252 22.27 1.76 37.02
N PHE B 253 21.94 0.48 36.89
CA PHE B 253 22.23 -0.26 35.67
C PHE B 253 21.24 0.06 34.56
N GLY B 254 21.76 0.36 33.38
CA GLY B 254 20.91 0.53 32.19
C GLY B 254 21.49 -0.22 31.00
N ASP B 255 20.84 -0.11 29.83
CA ASP B 255 21.29 -0.84 28.66
C ASP B 255 22.10 0.09 27.75
N GLY B 256 23.11 -0.44 27.08
CA GLY B 256 23.91 0.33 26.14
C GLY B 256 24.97 -0.50 25.45
N ALA B 257 25.50 0.02 24.35
CA ALA B 257 26.62 -0.59 23.63
C ALA B 257 27.52 0.44 22.96
N SER B 258 28.81 0.13 22.88
CA SER B 258 29.75 1.02 22.20
C SER B 258 30.73 0.22 21.34
N VAL B 259 31.15 0.82 20.22
CA VAL B 259 32.02 0.13 19.28
C VAL B 259 33.10 1.08 18.81
N LEU B 260 34.35 0.62 18.81
CA LEU B 260 35.47 1.44 18.36
C LEU B 260 36.09 0.78 17.15
N VAL B 261 36.85 1.51 16.34
CA VAL B 261 37.74 0.93 15.35
C VAL B 261 39.14 1.25 15.83
N ILE B 262 39.97 0.24 16.08
CA ILE B 262 41.31 0.49 16.60
C ILE B 262 42.33 -0.05 15.61
N GLY B 263 43.39 0.71 15.39
CA GLY B 263 44.45 0.28 14.50
C GLY B 263 45.71 1.08 14.72
N SER B 264 46.83 0.50 14.32
CA SER B 264 48.10 1.22 14.32
C SER B 264 48.33 1.79 12.90
N ASP B 265 49.25 2.75 12.80
CA ASP B 265 49.66 3.31 11.53
C ASP B 265 48.47 3.87 10.75
N PRO B 266 47.78 4.87 11.32
CA PRO B 266 46.57 5.37 10.66
C PRO B 266 46.91 6.06 9.35
N ILE B 267 46.06 5.89 8.35
CA ILE B 267 46.34 6.55 7.07
C ILE B 267 46.07 8.04 7.15
N PRO B 268 47.09 8.85 6.85
CA PRO B 268 47.00 10.31 6.90
C PRO B 268 45.92 10.82 5.95
N GLU B 269 45.11 11.75 6.45
CA GLU B 269 43.98 12.37 5.75
C GLU B 269 42.79 11.41 5.63
N VAL B 270 43.04 10.16 5.30
CA VAL B 270 41.97 9.18 5.17
C VAL B 270 41.33 8.79 6.51
N GLU B 271 42.17 8.49 7.50
CA GLU B 271 41.70 8.05 8.82
C GLU B 271 41.94 9.16 9.85
N LYS B 272 41.13 9.22 10.91
CA LYS B 272 41.26 10.32 11.87
C LYS B 272 41.45 9.86 13.31
N PRO B 273 42.71 9.89 13.76
CA PRO B 273 43.08 9.47 15.11
C PRO B 273 42.29 10.24 16.16
N GLN B 274 41.84 9.55 17.19
CA GLN B 274 41.15 10.18 18.29
C GLN B 274 41.97 10.10 19.59
N PHE B 275 42.57 8.92 19.83
CA PHE B 275 43.39 8.69 21.03
C PHE B 275 44.43 7.61 20.72
N GLU B 276 45.60 7.68 21.33
CA GLU B 276 46.56 6.59 21.19
C GLU B 276 46.70 5.81 22.49
N ILE B 277 46.65 4.48 22.39
CA ILE B 277 46.82 3.63 23.56
C ILE B 277 48.31 3.33 23.73
N HIS B 278 48.91 3.83 24.80
CA HIS B 278 50.35 3.69 24.96
C HIS B 278 50.74 2.64 26.00
N TRP B 279 49.78 2.21 26.80
CA TRP B 279 50.03 1.28 27.88
C TRP B 279 48.73 0.74 28.42
N SER B 280 48.67 -0.57 28.58
CA SER B 280 47.54 -1.19 29.26
C SER B 280 48.04 -2.16 30.34
N GLY B 281 47.40 -2.14 31.50
CA GLY B 281 47.78 -3.02 32.57
C GLY B 281 46.61 -3.19 33.49
N GLU B 282 46.74 -4.11 34.44
CA GLU B 282 45.69 -4.33 35.43
C GLU B 282 46.31 -4.79 36.72
N THR B 283 45.50 -4.83 37.75
CA THR B 283 45.96 -5.35 39.01
C THR B 283 44.80 -5.92 39.80
N ILE B 284 45.12 -6.88 40.66
CA ILE B 284 44.17 -7.40 41.61
C ILE B 284 44.45 -6.67 42.88
N LEU B 285 43.45 -6.00 43.43
CA LEU B 285 43.66 -5.16 44.59
C LEU B 285 43.98 -6.00 45.82
N PRO B 286 44.82 -5.48 46.72
CA PRO B 286 45.11 -6.20 47.97
C PRO B 286 43.88 -6.21 48.88
N GLU B 287 43.71 -7.34 49.59
CA GLU B 287 42.61 -7.59 50.56
C GLU B 287 41.24 -7.63 49.89
N SER B 288 41.18 -8.01 48.64
CA SER B 288 39.91 -7.83 47.97
C SER B 288 39.30 -9.15 47.54
N ASP B 289 39.45 -10.14 48.41
CA ASP B 289 38.98 -11.48 48.10
C ASP B 289 37.52 -11.56 48.46
N GLY B 290 36.70 -11.84 47.45
CA GLY B 290 35.27 -12.02 47.65
C GLY B 290 34.51 -10.73 47.83
N ALA B 291 35.16 -9.62 47.48
CA ALA B 291 34.52 -8.32 47.64
C ALA B 291 33.30 -8.18 46.75
N ILE B 292 33.39 -8.62 45.49
CA ILE B 292 32.22 -8.69 44.59
C ILE B 292 32.13 -10.06 43.92
N GLU B 293 31.04 -10.78 44.18
CA GLU B 293 30.82 -12.05 43.49
C GLU B 293 29.68 -11.85 42.50
N GLY B 294 29.83 -12.39 41.29
CA GLY B 294 28.77 -12.35 40.30
C GLY B 294 28.41 -13.77 39.89
N ARG B 295 27.22 -14.18 40.29
CA ARG B 295 26.78 -15.57 40.15
C ARG B 295 25.63 -15.76 39.17
N LEU B 296 25.84 -16.60 38.16
CA LEU B 296 24.78 -16.87 37.21
C LEU B 296 24.04 -18.12 37.66
N THR B 297 22.79 -17.93 38.04
CA THR B 297 21.98 -19.00 38.57
C THR B 297 20.69 -19.13 37.76
N GLU B 298 19.89 -20.13 38.13
CA GLU B 298 18.59 -20.36 37.52
C GLU B 298 17.67 -19.15 37.65
N ALA B 299 18.03 -18.21 38.54
CA ALA B 299 17.28 -16.97 38.68
C ALA B 299 17.94 -15.80 37.93
N GLY B 300 18.95 -16.10 37.11
CA GLY B 300 19.70 -15.06 36.43
C GLY B 300 20.99 -14.65 37.11
N LEU B 301 21.41 -13.40 36.90
CA LEU B 301 22.69 -12.96 37.40
C LEU B 301 22.49 -12.14 38.68
N ILE B 302 23.15 -12.56 39.75
CA ILE B 302 23.05 -11.86 41.03
C ILE B 302 24.42 -11.44 41.54
N PHE B 303 24.52 -10.18 41.95
CA PHE B 303 25.74 -9.65 42.49
C PHE B 303 25.76 -9.68 44.02
N HIS B 304 26.75 -10.37 44.57
CA HIS B 304 26.90 -10.50 46.02
C HIS B 304 28.12 -9.74 46.51
N LEU B 305 27.90 -8.72 47.34
CA LEU B 305 29.01 -7.92 47.86
C LEU B 305 29.30 -8.28 49.32
N LEU B 306 30.58 -8.24 49.68
CA LEU B 306 31.03 -8.59 51.04
C LEU B 306 32.18 -7.70 51.52
N LYS B 307 32.41 -6.57 50.85
CA LYS B 307 33.46 -5.65 51.29
C LYS B 307 33.16 -4.20 50.92
N ASP B 308 34.00 -3.31 51.40
CA ASP B 308 33.87 -1.88 51.13
C ASP B 308 34.47 -1.62 49.74
N VAL B 309 33.64 -1.64 48.69
CA VAL B 309 34.18 -1.44 47.34
C VAL B 309 34.48 0.03 46.98
N PRO B 310 33.54 0.98 47.24
CA PRO B 310 33.90 2.39 46.99
C PRO B 310 35.20 2.76 47.70
N GLY B 311 35.34 2.27 48.93
CA GLY B 311 36.53 2.55 49.71
C GLY B 311 37.71 1.81 49.13
N LEU B 312 37.60 0.49 49.02
CA LEU B 312 38.69 -0.35 48.48
C LEU B 312 39.34 0.24 47.23
N ILE B 313 38.51 0.77 46.34
CA ILE B 313 38.94 1.32 45.07
C ILE B 313 39.76 2.59 45.28
N SER B 314 39.31 3.46 46.19
CA SER B 314 39.98 4.74 46.36
C SER B 314 41.27 4.64 47.15
N ARG B 315 41.40 3.63 48.00
CA ARG B 315 42.63 3.41 48.76
C ARG B 315 43.73 2.69 47.99
N ASN B 316 43.36 1.87 47.00
CA ASN B 316 44.36 0.97 46.43
C ASN B 316 44.69 1.16 44.95
N THR B 317 44.12 2.19 44.35
CA THR B 317 44.38 2.45 42.94
C THR B 317 45.61 3.30 42.77
N LEU B 318 46.17 3.80 43.88
CA LEU B 318 47.30 4.71 43.77
C LEU B 318 48.55 4.03 43.18
N PRO B 319 48.84 2.77 43.58
CA PRO B 319 50.00 2.14 42.91
C PRO B 319 49.87 1.91 41.39
N ILE B 320 48.80 1.28 40.89
CA ILE B 320 48.73 1.02 39.45
C ILE B 320 48.62 2.35 38.72
N PHE B 321 47.93 3.34 39.32
CA PHE B 321 47.86 4.66 38.72
C PHE B 321 49.24 5.25 38.55
N ASN B 322 50.04 5.15 39.60
CA ASN B 322 51.39 5.64 39.53
C ASN B 322 52.25 4.85 38.56
N LYS B 323 52.04 3.53 38.45
CA LYS B 323 52.81 2.75 37.49
C LYS B 323 52.45 3.18 36.07
N ALA B 324 51.15 3.35 35.85
CA ALA B 324 50.60 3.71 34.54
C ALA B 324 51.09 5.06 34.00
N ILE B 325 51.02 6.11 34.80
CA ILE B 325 51.31 7.44 34.29
C ILE B 325 52.79 7.62 34.01
N GLU B 326 53.62 6.67 34.45
CA GLU B 326 55.05 6.76 34.21
C GLU B 326 55.38 6.84 32.73
N VAL B 327 54.61 6.14 31.90
CA VAL B 327 54.79 6.18 30.45
C VAL B 327 54.50 7.59 29.93
N ALA B 328 53.72 8.35 30.70
CA ALA B 328 53.30 9.68 30.32
C ALA B 328 54.26 10.72 30.91
N GLY B 329 55.32 10.26 31.56
CA GLY B 329 56.25 11.17 32.20
C GLY B 329 55.72 11.65 33.53
N SER B 330 54.85 10.83 34.14
CA SER B 330 54.24 11.11 35.45
C SER B 330 53.65 12.50 35.65
N PRO B 331 52.69 12.91 34.82
CA PRO B 331 52.10 14.20 35.18
C PRO B 331 51.25 14.08 36.41
N SER B 332 50.88 15.21 36.98
CA SER B 332 50.04 15.25 38.16
C SER B 332 48.61 14.91 37.75
N TRP B 333 47.80 14.54 38.74
CA TRP B 333 46.45 14.09 38.50
C TRP B 333 45.56 15.06 37.73
N ASN B 334 45.72 16.36 37.99
CA ASN B 334 44.87 17.32 37.34
C ASN B 334 45.35 17.70 35.95
N ASP B 335 46.55 17.25 35.57
CA ASP B 335 47.06 17.44 34.19
C ASP B 335 46.71 16.27 33.27
N LEU B 336 46.03 15.26 33.82
CA LEU B 336 45.54 14.11 33.05
C LEU B 336 44.08 14.27 32.72
N PHE B 337 43.63 13.76 31.58
CA PHE B 337 42.20 13.66 31.38
C PHE B 337 41.74 12.29 31.90
N TRP B 338 40.45 12.15 32.20
CA TRP B 338 39.99 11.01 32.96
C TRP B 338 38.75 10.38 32.38
N CYS B 339 38.86 9.10 32.03
CA CYS B 339 37.71 8.32 31.64
C CYS B 339 37.52 7.18 32.60
N VAL B 340 36.65 7.38 33.59
CA VAL B 340 36.52 6.44 34.66
C VAL B 340 35.17 5.76 34.52
N HIS B 341 35.14 4.46 34.77
CA HIS B 341 33.88 3.72 34.74
C HIS B 341 32.94 4.36 35.75
N PRO B 342 31.79 4.86 35.29
CA PRO B 342 30.87 5.51 36.23
C PRO B 342 30.16 4.49 37.08
N GLY B 343 30.90 3.83 37.97
CA GLY B 343 30.33 2.74 38.74
C GLY B 343 29.21 3.27 39.61
N GLY B 344 29.42 4.42 40.22
CA GLY B 344 28.40 5.09 41.02
C GLY B 344 28.83 6.52 41.29
N ARG B 345 27.89 7.38 41.63
CA ARG B 345 28.25 8.76 41.96
C ARG B 345 29.19 8.80 43.19
N ALA B 346 28.99 7.90 44.14
CA ALA B 346 29.78 7.86 45.36
C ALA B 346 31.24 7.49 45.08
N ILE B 347 31.47 6.47 44.25
CA ILE B 347 32.83 6.07 43.92
C ILE B 347 33.54 7.20 43.21
N LEU B 348 32.84 7.84 42.30
CA LEU B 348 33.43 8.98 41.61
C LEU B 348 33.81 10.06 42.64
N ASP B 349 32.89 10.35 43.56
CA ASP B 349 33.13 11.34 44.59
C ASP B 349 34.39 11.00 45.40
N GLU B 350 34.53 9.72 45.76
CA GLU B 350 35.70 9.25 46.48
C GLU B 350 36.98 9.32 45.66
N VAL B 351 36.91 9.06 44.36
CA VAL B 351 38.11 9.12 43.53
C VAL B 351 38.62 10.54 43.45
N ALA B 352 37.68 11.49 43.32
CA ALA B 352 38.05 12.89 43.23
C ALA B 352 38.70 13.38 44.52
N LYS B 353 38.13 13.00 45.68
CA LYS B 353 38.71 13.46 46.96
C LYS B 353 40.09 12.87 47.21
N THR B 354 40.25 11.60 46.94
CA THR B 354 41.54 10.93 47.10
C THR B 354 42.64 11.59 46.29
N LEU B 355 42.32 12.03 45.08
CA LEU B 355 43.34 12.59 44.18
C LEU B 355 43.29 14.13 44.13
N SER B 356 42.41 14.72 44.92
CA SER B 356 42.14 16.15 44.89
C SER B 356 41.94 16.60 43.48
N LEU B 357 40.96 16.00 42.80
CA LEU B 357 40.70 16.42 41.43
C LEU B 357 39.84 17.66 41.43
N LYS B 358 40.11 18.55 40.47
CA LYS B 358 39.20 19.66 40.20
C LYS B 358 37.88 19.06 39.73
N PRO B 359 36.75 19.70 40.07
CA PRO B 359 35.44 19.22 39.63
C PRO B 359 35.33 19.05 38.11
N GLU B 360 36.13 19.79 37.33
CA GLU B 360 36.02 19.71 35.87
C GLU B 360 36.54 18.39 35.30
N LYS B 361 37.34 17.70 36.10
CA LYS B 361 38.04 16.51 35.65
C LYS B 361 37.10 15.35 35.27
N LEU B 362 36.14 15.06 36.14
CA LEU B 362 35.22 13.94 35.96
C LEU B 362 33.89 14.32 35.30
N GLU B 363 33.83 15.48 34.65
CA GLU B 363 32.57 15.91 34.05
C GLU B 363 32.12 15.01 32.90
N ALA B 364 33.04 14.67 31.99
CA ALA B 364 32.69 13.74 30.90
C ALA B 364 32.13 12.41 31.46
N THR B 365 32.75 11.91 32.53
CA THR B 365 32.31 10.70 33.19
C THR B 365 30.91 10.85 33.79
N ARG B 366 30.70 11.95 34.51
CA ARG B 366 29.38 12.23 35.12
C ARG B 366 28.30 12.49 34.08
N ASP B 367 28.71 13.01 32.92
CA ASP B 367 27.81 13.23 31.79
C ASP B 367 27.15 11.93 31.37
N ILE B 368 27.98 10.89 31.27
CA ILE B 368 27.49 9.60 30.85
C ILE B 368 26.61 9.03 31.93
N LEU B 369 27.03 9.18 33.18
CA LEU B 369 26.25 8.68 34.32
C LEU B 369 24.88 9.33 34.34
N TYR B 370 24.86 10.64 34.12
CA TYR B 370 23.65 11.44 34.10
C TYR B 370 22.72 11.03 32.95
N ASN B 371 23.29 10.89 31.76
CA ASN B 371 22.49 10.66 30.57
C ASN B 371 22.15 9.21 30.26
N TYR B 372 22.94 8.27 30.80
CA TYR B 372 22.78 6.86 30.45
C TYR B 372 22.80 5.90 31.62
N GLY B 373 23.31 6.35 32.77
CA GLY B 373 23.44 5.47 33.91
C GLY B 373 24.70 4.62 33.82
N ASN B 374 24.73 3.55 34.60
CA ASN B 374 25.82 2.57 34.61
C ASN B 374 25.50 1.47 33.60
N MET B 375 26.19 1.46 32.48
CA MET B 375 25.91 0.48 31.43
C MET B 375 26.97 -0.62 31.45
N SER B 376 27.43 -0.95 32.65
CA SER B 376 28.43 -1.97 32.85
C SER B 376 29.66 -1.65 31.98
N GLY B 377 30.19 -2.64 31.28
CA GLY B 377 31.43 -2.45 30.51
C GLY B 377 31.43 -1.37 29.45
N ALA B 378 30.28 -1.11 28.85
CA ALA B 378 30.25 -0.12 27.76
C ALA B 378 30.46 1.31 28.25
N SER B 379 30.16 1.58 29.53
CA SER B 379 30.06 2.95 30.03
C SER B 379 31.30 3.79 29.78
N VAL B 380 32.45 3.22 30.06
CA VAL B 380 33.67 3.98 29.93
C VAL B 380 33.98 4.27 28.46
N LEU B 381 33.50 3.42 27.56
CA LEU B 381 33.68 3.73 26.14
C LEU B 381 32.77 4.89 25.69
N PHE B 382 31.53 4.97 26.22
CA PHE B 382 30.71 6.17 26.05
C PHE B 382 31.48 7.42 26.59
N VAL B 383 32.11 7.29 27.75
CA VAL B 383 32.86 8.41 28.33
C VAL B 383 33.93 8.88 27.39
N LEU B 384 34.67 7.94 26.83
CA LEU B 384 35.70 8.28 25.87
C LEU B 384 35.12 9.06 24.68
N ASP B 385 33.93 8.70 24.24
CA ASP B 385 33.27 9.38 23.12
C ASP B 385 32.93 10.81 23.57
N GLN B 386 32.39 10.91 24.78
CA GLN B 386 32.02 12.20 25.35
C GLN B 386 33.22 13.11 25.56
N MET B 387 34.36 12.52 25.91
CA MET B 387 35.58 13.29 26.08
C MET B 387 36.01 14.00 24.79
N ARG B 388 35.99 13.29 23.66
CA ARG B 388 36.34 13.91 22.37
C ARG B 388 35.29 14.90 21.89
N ARG B 389 34.02 14.66 22.24
CA ARG B 389 32.93 15.51 21.81
C ARG B 389 32.98 16.84 22.54
N ARG B 390 33.22 16.76 23.84
CA ARG B 390 33.40 17.94 24.68
C ARG B 390 34.55 18.77 24.16
N SER B 391 35.62 18.09 23.75
CA SER B 391 36.76 18.79 23.20
C SER B 391 36.38 19.43 21.85
N ALA B 392 35.46 18.83 21.10
CA ALA B 392 35.05 19.43 19.81
C ALA B 392 34.15 20.65 20.06
N GLU B 393 33.20 20.53 20.98
CA GLU B 393 32.28 21.61 21.32
C GLU B 393 33.00 22.84 21.80
N LYS B 394 33.97 22.62 22.65
CA LYS B 394 34.75 23.70 23.28
C LYS B 394 35.97 24.12 22.44
N LYS B 395 36.18 23.44 21.32
CA LYS B 395 37.37 23.69 20.50
C LYS B 395 38.67 23.62 21.28
N SER B 396 38.81 22.58 22.11
CA SER B 396 40.00 22.38 22.94
C SER B 396 41.19 22.10 22.02
N ARG B 397 42.40 22.24 22.55
CA ARG B 397 43.59 22.00 21.74
C ARG B 397 43.90 20.50 21.56
N THR B 398 43.33 19.63 22.41
CA THR B 398 43.43 18.18 22.22
C THR B 398 42.08 17.50 22.43
N THR B 399 41.97 16.26 21.98
CA THR B 399 40.78 15.44 22.19
C THR B 399 40.59 15.06 23.67
N GLY B 400 41.53 15.45 24.52
CA GLY B 400 41.43 15.24 25.96
C GLY B 400 41.11 16.54 26.69
N GLU B 401 40.28 17.37 26.04
CA GLU B 401 39.88 18.67 26.58
C GLU B 401 41.09 19.52 26.93
N GLY B 402 42.14 19.45 26.11
CA GLY B 402 43.37 20.19 26.35
C GLY B 402 44.53 19.44 27.02
N CYS B 403 44.21 18.39 27.78
CA CYS B 403 45.26 17.58 28.42
C CYS B 403 45.95 16.72 27.39
N GLU B 404 47.22 16.43 27.62
CA GLU B 404 47.98 15.65 26.67
C GLU B 404 47.78 14.12 26.87
N TRP B 405 47.77 13.69 28.13
CA TRP B 405 47.65 12.29 28.49
C TRP B 405 46.44 12.06 29.35
N GLY B 406 45.91 10.84 29.33
CA GLY B 406 44.78 10.51 30.18
C GLY B 406 44.74 9.05 30.55
N LEU B 407 43.81 8.72 31.44
CA LEU B 407 43.66 7.35 31.92
C LEU B 407 42.26 6.83 31.66
N VAL B 408 42.18 5.62 31.11
CA VAL B 408 40.91 4.90 31.07
C VAL B 408 40.89 3.92 32.25
N VAL B 409 39.82 3.92 33.06
CA VAL B 409 39.80 3.14 34.28
C VAL B 409 38.54 2.35 34.43
N GLY B 410 38.68 1.04 34.55
CA GLY B 410 37.57 0.17 34.84
C GLY B 410 37.88 -0.59 36.11
N PHE B 411 36.83 -1.01 36.81
CA PHE B 411 37.00 -1.85 37.98
C PHE B 411 35.80 -2.78 38.07
N GLY B 412 35.98 -3.92 38.73
CA GLY B 412 34.94 -4.92 38.85
C GLY B 412 35.44 -6.11 39.66
N PRO B 413 34.78 -7.26 39.51
CA PRO B 413 35.04 -8.48 40.28
C PRO B 413 36.48 -8.94 40.37
N GLY B 414 36.72 -9.59 41.51
CA GLY B 414 38.02 -10.05 41.96
C GLY B 414 38.62 -8.92 42.75
N LEU B 415 37.98 -7.78 42.54
CA LEU B 415 38.53 -6.43 42.65
C LEU B 415 39.71 -6.30 41.74
N THR B 416 39.35 -6.17 40.48
CA THR B 416 40.25 -5.93 39.38
C THR B 416 40.17 -4.44 39.04
N VAL B 417 41.33 -3.83 38.87
CA VAL B 417 41.38 -2.47 38.36
C VAL B 417 42.14 -2.55 37.05
N GLU B 418 41.52 -2.05 36.00
CA GLU B 418 42.12 -2.00 34.67
C GLU B 418 42.39 -0.56 34.22
N VAL B 419 43.57 -0.34 33.68
CA VAL B 419 44.00 1.00 33.30
C VAL B 419 44.67 0.95 31.96
N SER B 420 44.28 1.89 31.11
CA SER B 420 45.05 2.16 29.92
C SER B 420 45.48 3.62 29.96
N VAL B 421 46.68 3.88 29.47
CA VAL B 421 47.18 5.23 29.36
C VAL B 421 47.01 5.65 27.92
N LEU B 422 46.32 6.77 27.73
CA LEU B 422 46.01 7.27 26.39
C LEU B 422 46.71 8.61 26.16
N ARG B 423 47.20 8.79 24.94
CA ARG B 423 47.67 10.10 24.51
C ARG B 423 46.55 10.75 23.72
N ALA B 424 46.22 11.99 24.07
CA ALA B 424 45.24 12.76 23.31
C ALA B 424 45.77 13.20 21.96
N ILE B 425 44.88 13.59 21.06
CA ILE B 425 45.29 13.99 19.74
C ILE B 425 45.00 15.49 19.56
N ALA B 426 45.97 16.18 18.99
CA ALA B 426 45.83 17.62 18.76
C ALA B 426 44.69 17.86 17.77
N THR B 427 43.82 18.80 18.12
CA THR B 427 42.63 19.11 17.32
C THR B 427 42.87 20.10 16.18
N GLY B 428 43.85 20.98 16.37
CA GLY B 428 44.14 22.01 15.40
C GLY B 428 43.47 23.33 15.73
N HIS B 429 42.77 23.38 16.86
CA HIS B 429 42.11 24.58 17.33
C HIS B 429 43.06 25.35 18.25
N TYR C 46 14.45 32.73 -0.95
CA TYR C 46 15.01 32.65 -2.30
C TYR C 46 13.92 32.76 -3.35
N LYS C 47 14.20 32.23 -4.55
CA LYS C 47 13.40 32.52 -5.75
C LYS C 47 12.07 31.77 -5.85
N HIS C 48 11.79 30.92 -4.87
CA HIS C 48 10.57 30.12 -4.89
C HIS C 48 9.44 30.83 -4.15
N ARG C 49 8.29 30.90 -4.78
CA ARG C 49 7.14 31.64 -4.28
C ARG C 49 6.24 30.76 -3.44
N ARG C 50 6.20 31.04 -2.15
CA ARG C 50 5.25 30.42 -1.25
C ARG C 50 3.95 31.19 -1.29
N ALA C 51 2.91 30.61 -0.70
CA ALA C 51 1.64 31.29 -0.52
C ALA C 51 1.70 32.14 0.74
N ALA C 52 0.70 32.99 0.94
CA ALA C 52 0.71 33.93 2.05
C ALA C 52 -0.12 33.41 3.25
N GLY C 53 -1.30 32.88 2.98
CA GLY C 53 -2.20 32.56 4.07
C GLY C 53 -2.31 31.09 4.39
N PRO C 54 -3.15 30.77 5.38
CA PRO C 54 -3.36 29.38 5.80
C PRO C 54 -4.04 28.60 4.68
N ALA C 55 -3.74 27.31 4.55
CA ALA C 55 -4.41 26.45 3.59
C ALA C 55 -5.92 26.42 3.87
N THR C 56 -6.70 26.66 2.84
CA THR C 56 -8.15 26.83 2.98
C THR C 56 -8.91 25.81 2.17
N VAL C 57 -9.93 25.23 2.80
CA VAL C 57 -10.84 24.32 2.13
C VAL C 57 -11.81 25.12 1.22
N LEU C 58 -11.70 24.92 -0.09
CA LEU C 58 -12.46 25.73 -1.04
C LEU C 58 -13.66 24.98 -1.57
N ALA C 59 -13.75 23.68 -1.23
CA ALA C 59 -14.81 22.84 -1.76
C ALA C 59 -14.81 21.46 -1.11
N ILE C 60 -15.99 20.88 -0.91
CA ILE C 60 -16.09 19.52 -0.39
C ILE C 60 -17.15 18.74 -1.12
N GLY C 61 -16.74 17.69 -1.82
CA GLY C 61 -17.67 16.80 -2.51
C GLY C 61 -17.64 15.40 -1.93
N LYS C 62 -18.71 14.64 -2.16
CA LYS C 62 -18.81 13.26 -1.65
C LYS C 62 -19.52 12.37 -2.64
N ALA C 63 -19.36 11.06 -2.45
CA ALA C 63 -20.06 10.04 -3.22
C ALA C 63 -20.07 8.72 -2.48
N THR C 64 -21.10 7.93 -2.75
CA THR C 64 -21.17 6.56 -2.26
C THR C 64 -21.62 5.73 -3.45
N PRO C 65 -21.40 4.41 -3.37
CA PRO C 65 -22.14 3.53 -4.26
C PRO C 65 -23.62 3.79 -4.05
N PRO C 66 -24.44 3.58 -5.09
CA PRO C 66 -25.87 3.86 -5.04
C PRO C 66 -26.66 2.92 -4.13
N THR C 67 -26.30 1.64 -4.05
CA THR C 67 -27.14 0.69 -3.33
C THR C 67 -27.07 0.89 -1.82
N ALA C 68 -28.20 1.24 -1.23
CA ALA C 68 -28.27 1.46 0.20
C ALA C 68 -28.68 0.15 0.89
N TYR C 69 -28.12 -0.09 2.07
CA TYR C 69 -28.44 -1.25 2.89
C TYR C 69 -28.88 -0.81 4.28
N SER C 70 -30.14 -1.05 4.60
CA SER C 70 -30.67 -0.73 5.90
C SER C 70 -29.96 -1.61 6.96
N GLN C 71 -29.52 -0.99 8.05
CA GLN C 71 -28.78 -1.71 9.08
C GLN C 71 -29.64 -2.80 9.69
N SER C 72 -30.91 -2.50 9.91
CA SER C 72 -31.85 -3.45 10.51
C SER C 72 -32.05 -4.73 9.70
N GLU C 73 -31.91 -4.65 8.39
CA GLU C 73 -32.09 -5.82 7.53
C GLU C 73 -30.77 -6.51 7.17
N TYR C 74 -29.66 -5.94 7.66
CA TYR C 74 -28.34 -6.41 7.26
C TYR C 74 -27.89 -7.77 7.84
N PRO C 75 -28.13 -8.04 9.14
CA PRO C 75 -27.67 -9.35 9.66
C PRO C 75 -28.26 -10.53 8.88
N ASP C 76 -29.54 -10.43 8.50
CA ASP C 76 -30.17 -11.39 7.59
C ASP C 76 -29.43 -11.54 6.27
N PHE C 77 -29.33 -10.43 5.54
CA PHE C 77 -28.63 -10.40 4.26
C PHE C 77 -27.22 -10.96 4.37
N PHE C 78 -26.51 -10.49 5.39
CA PHE C 78 -25.08 -10.79 5.57
C PHE C 78 -24.88 -12.28 5.79
N PHE C 79 -25.61 -12.86 6.71
CA PHE C 79 -25.45 -14.28 7.01
C PHE C 79 -26.01 -15.16 5.89
N ASP C 80 -27.00 -14.68 5.16
CA ASP C 80 -27.49 -15.43 4.00
C ASP C 80 -26.44 -15.46 2.88
N ILE C 81 -25.94 -14.29 2.50
CA ILE C 81 -24.98 -14.20 1.40
C ILE C 81 -23.63 -14.87 1.76
N THR C 82 -23.30 -14.94 3.04
CA THR C 82 -22.08 -15.62 3.45
C THR C 82 -22.30 -17.11 3.77
N ASN C 83 -23.54 -17.58 3.62
CA ASN C 83 -23.89 -19.00 3.85
C ASN C 83 -23.62 -19.40 5.29
N THR C 84 -23.99 -18.54 6.22
CA THR C 84 -23.70 -18.78 7.62
C THR C 84 -24.92 -18.53 8.49
N SER C 85 -26.10 -18.48 7.88
CA SER C 85 -27.32 -18.08 8.58
C SER C 85 -27.85 -19.12 9.56
N HIS C 86 -27.21 -20.28 9.58
CA HIS C 86 -27.53 -21.33 10.53
C HIS C 86 -26.67 -21.25 11.80
N LYS C 87 -25.73 -20.32 11.79
CA LYS C 87 -24.86 -20.06 12.94
C LYS C 87 -25.62 -19.11 13.88
N THR C 88 -26.71 -19.62 14.45
CA THR C 88 -27.64 -18.85 15.26
C THR C 88 -27.05 -17.94 16.34
N GLU C 89 -26.10 -18.42 17.12
CA GLU C 89 -25.62 -17.60 18.23
C GLU C 89 -24.68 -16.49 17.76
N LEU C 90 -23.90 -16.79 16.72
CA LEU C 90 -23.05 -15.80 16.08
C LEU C 90 -23.92 -14.69 15.51
N LYS C 91 -24.96 -15.09 14.78
CA LYS C 91 -25.85 -14.14 14.14
C LYS C 91 -26.57 -13.29 15.19
N ALA C 92 -26.78 -13.86 16.37
CA ALA C 92 -27.44 -13.12 17.44
C ALA C 92 -26.45 -12.13 18.02
N LYS C 93 -25.17 -12.50 18.01
CA LYS C 93 -24.10 -11.62 18.48
C LYS C 93 -23.90 -10.46 17.49
N PHE C 94 -23.92 -10.77 16.21
CA PHE C 94 -23.83 -9.76 15.17
C PHE C 94 -25.05 -8.84 15.16
N ALA C 95 -26.24 -9.41 15.34
CA ALA C 95 -27.47 -8.64 15.32
C ALA C 95 -27.51 -7.55 16.37
N ARG C 96 -26.99 -7.89 17.54
CA ARG C 96 -27.00 -6.98 18.68
C ARG C 96 -25.91 -5.93 18.54
N ILE C 97 -24.79 -6.31 17.94
CA ILE C 97 -23.75 -5.34 17.63
C ILE C 97 -24.28 -4.31 16.63
N CYS C 98 -25.00 -4.77 15.60
CA CYS C 98 -25.55 -3.86 14.60
C CYS C 98 -26.56 -2.90 15.22
N LYS C 99 -27.44 -3.42 16.07
CA LYS C 99 -28.47 -2.56 16.64
C LYS C 99 -27.90 -1.57 17.66
N ASN C 100 -26.63 -1.76 18.04
CA ASN C 100 -25.97 -0.82 18.95
C ASN C 100 -24.92 0.03 18.27
N SER C 101 -24.89 -0.02 16.95
CA SER C 101 -23.81 0.59 16.20
C SER C 101 -23.95 2.09 15.97
N GLY C 102 -25.15 2.62 16.15
CA GLY C 102 -25.42 4.02 15.88
C GLY C 102 -25.55 4.25 14.37
N ILE C 103 -25.66 3.15 13.65
CA ILE C 103 -25.73 3.15 12.19
C ILE C 103 -27.11 2.78 11.65
N ASN C 104 -27.63 3.61 10.77
CA ASN C 104 -28.90 3.34 10.14
C ASN C 104 -28.70 2.77 8.74
N THR C 105 -27.71 3.31 8.02
CA THR C 105 -27.54 2.94 6.62
C THR C 105 -26.09 2.94 6.18
N ARG C 106 -25.74 1.95 5.35
CA ARG C 106 -24.45 1.92 4.66
C ARG C 106 -24.63 1.71 3.15
N TYR C 107 -23.60 2.03 2.38
CA TYR C 107 -23.65 1.84 0.95
C TYR C 107 -22.55 0.87 0.55
N PHE C 108 -22.86 -0.08 -0.34
CA PHE C 108 -21.89 -1.06 -0.76
C PHE C 108 -21.86 -1.15 -2.27
N HIS C 109 -20.66 -1.18 -2.81
CA HIS C 109 -20.49 -1.38 -4.24
C HIS C 109 -20.67 -2.85 -4.55
N CYS C 110 -20.14 -3.68 -3.66
CA CYS C 110 -20.21 -5.12 -3.80
C CYS C 110 -21.55 -5.61 -3.33
N THR C 111 -22.53 -5.54 -4.23
CA THR C 111 -23.85 -6.04 -3.94
C THR C 111 -23.80 -7.56 -4.12
N GLU C 112 -24.85 -8.25 -3.74
CA GLU C 112 -24.85 -9.72 -3.85
C GLU C 112 -24.44 -10.23 -5.22
N ASP C 113 -24.87 -9.53 -6.25
CA ASP C 113 -24.62 -9.90 -7.64
C ASP C 113 -23.12 -9.94 -7.89
N ILE C 114 -22.43 -8.95 -7.36
CA ILE C 114 -20.98 -8.86 -7.45
C ILE C 114 -20.40 -9.96 -6.59
N LEU C 115 -20.96 -10.11 -5.39
CA LEU C 115 -20.48 -11.08 -4.41
C LEU C 115 -20.60 -12.53 -4.89
N LYS C 116 -21.74 -12.88 -5.51
CA LYS C 116 -21.96 -14.23 -6.03
C LYS C 116 -21.13 -14.49 -7.30
N ALA C 117 -20.71 -13.43 -7.96
CA ALA C 117 -19.77 -13.53 -9.08
C ALA C 117 -18.31 -13.68 -8.62
N ASN C 118 -18.08 -13.48 -7.32
CA ASN C 118 -16.76 -13.62 -6.69
C ASN C 118 -16.90 -14.43 -5.39
N PRO C 119 -17.19 -15.73 -5.50
CA PRO C 119 -17.67 -16.51 -4.35
C PRO C 119 -16.67 -16.60 -3.21
N SER C 120 -15.39 -16.44 -3.53
CA SER C 120 -14.32 -16.54 -2.54
C SER C 120 -14.47 -15.47 -1.47
N MET C 121 -15.05 -14.34 -1.84
CA MET C 121 -15.27 -13.24 -0.89
C MET C 121 -16.37 -13.58 0.11
N CYS C 122 -17.17 -14.59 -0.22
CA CYS C 122 -18.26 -15.01 0.66
C CYS C 122 -17.81 -16.15 1.57
N THR C 123 -16.55 -16.57 1.44
CA THR C 123 -15.95 -17.54 2.35
C THR C 123 -15.35 -16.78 3.51
N TYR C 124 -14.68 -17.51 4.41
CA TYR C 124 -14.01 -16.90 5.56
C TYR C 124 -12.58 -16.50 5.24
N LEU C 125 -11.73 -17.49 4.98
CA LEU C 125 -10.30 -17.26 4.79
C LEU C 125 -9.75 -18.01 3.58
N GLU C 126 -10.60 -18.34 2.61
CA GLU C 126 -10.09 -18.90 1.37
C GLU C 126 -9.39 -17.83 0.56
N PRO C 127 -8.43 -18.24 -0.30
CA PRO C 127 -7.71 -17.29 -1.14
C PRO C 127 -8.68 -16.42 -1.94
N SER C 128 -8.54 -15.11 -1.82
CA SER C 128 -9.51 -14.23 -2.45
C SER C 128 -8.91 -12.89 -2.85
N LEU C 129 -7.65 -12.63 -2.52
CA LEU C 129 -7.09 -11.30 -2.73
C LEU C 129 -7.21 -10.82 -4.19
N ASP C 130 -6.87 -11.68 -5.14
CA ASP C 130 -6.89 -11.32 -6.56
C ASP C 130 -8.23 -10.75 -7.07
N VAL C 131 -9.35 -11.33 -6.61
CA VAL C 131 -10.66 -10.85 -7.03
C VAL C 131 -11.05 -9.58 -6.27
N ARG C 132 -10.51 -9.44 -5.06
CA ARG C 132 -10.69 -8.22 -4.28
C ARG C 132 -9.88 -7.07 -4.85
N GLN C 133 -8.66 -7.36 -5.31
CA GLN C 133 -7.78 -6.36 -5.92
C GLN C 133 -8.41 -5.80 -7.17
N ASP C 134 -8.89 -6.69 -8.03
CA ASP C 134 -9.51 -6.33 -9.31
C ASP C 134 -10.69 -5.38 -9.13
N ILE C 135 -11.53 -5.67 -8.16
CA ILE C 135 -12.64 -4.78 -7.88
C ILE C 135 -12.11 -3.46 -7.33
N ALA C 136 -11.23 -3.53 -6.32
CA ALA C 136 -10.79 -2.30 -5.63
C ALA C 136 -10.00 -1.35 -6.53
N ILE C 137 -9.03 -1.90 -7.26
CA ILE C 137 -8.16 -1.14 -8.15
C ILE C 137 -8.94 -0.40 -9.23
N ARG C 138 -10.02 -1.01 -9.71
CA ARG C 138 -10.87 -0.37 -10.72
C ARG C 138 -11.83 0.65 -10.10
N GLU C 139 -12.52 0.26 -9.03
CA GLU C 139 -13.60 1.11 -8.50
C GLU C 139 -13.17 2.27 -7.56
N VAL C 140 -12.06 2.12 -6.85
CA VAL C 140 -11.63 3.16 -5.90
C VAL C 140 -11.41 4.51 -6.61
N PRO C 141 -10.64 4.54 -7.71
CA PRO C 141 -10.54 5.86 -8.35
C PRO C 141 -11.85 6.32 -9.04
N ARG C 142 -12.68 5.38 -9.48
CA ARG C 142 -13.96 5.78 -10.09
C ARG C 142 -14.90 6.42 -9.05
N LEU C 143 -14.87 5.91 -7.82
CA LEU C 143 -15.67 6.53 -6.76
C LEU C 143 -15.09 7.93 -6.41
N ALA C 144 -13.77 8.04 -6.45
CA ALA C 144 -13.12 9.32 -6.22
C ALA C 144 -13.53 10.34 -7.26
N GLU C 145 -13.59 9.88 -8.50
CA GLU C 145 -13.97 10.75 -9.64
C GLU C 145 -15.35 11.37 -9.45
N LYS C 146 -16.29 10.57 -8.95
CA LYS C 146 -17.64 11.08 -8.74
C LYS C 146 -17.62 12.13 -7.66
N ALA C 147 -16.81 11.93 -6.63
CA ALA C 147 -16.71 12.90 -5.55
C ALA C 147 -15.98 14.14 -6.03
N ALA C 148 -14.93 13.92 -6.81
CA ALA C 148 -14.16 15.02 -7.40
C ALA C 148 -14.99 15.88 -8.37
N ILE C 149 -15.82 15.25 -9.20
CA ILE C 149 -16.65 16.03 -10.13
C ILE C 149 -17.51 17.03 -9.35
N GLU C 150 -18.10 16.59 -8.25
CA GLU C 150 -18.89 17.49 -7.42
C GLU C 150 -18.02 18.60 -6.77
N ALA C 151 -16.85 18.24 -6.25
CA ALA C 151 -15.94 19.23 -5.67
C ALA C 151 -15.46 20.22 -6.72
N LEU C 152 -15.05 19.71 -7.87
CA LEU C 152 -14.60 20.59 -8.94
C LEU C 152 -15.74 21.55 -9.33
N ALA C 153 -16.97 21.06 -9.28
CA ALA C 153 -18.13 21.92 -9.60
C ALA C 153 -18.37 23.01 -8.55
N GLU C 154 -18.31 22.69 -7.27
CA GLU C 154 -18.53 23.68 -6.23
C GLU C 154 -17.45 24.76 -6.25
N TRP C 155 -16.22 24.31 -6.43
CA TRP C 155 -15.07 25.19 -6.49
C TRP C 155 -15.31 26.10 -7.67
N GLY C 156 -15.74 25.50 -8.78
CA GLY C 156 -16.23 26.22 -9.93
C GLY C 156 -15.16 26.75 -10.86
N GLN C 157 -13.92 26.33 -10.64
CA GLN C 157 -12.81 26.84 -11.43
C GLN C 157 -12.35 25.80 -12.46
N PRO C 158 -11.70 26.24 -13.54
CA PRO C 158 -11.23 25.29 -14.56
C PRO C 158 -10.33 24.22 -13.98
N ARG C 159 -10.44 22.98 -14.48
CA ARG C 159 -9.66 21.88 -13.92
C ARG C 159 -8.17 22.06 -14.06
N ASP C 160 -7.74 22.85 -15.04
CA ASP C 160 -6.31 22.98 -15.32
C ASP C 160 -5.60 23.85 -14.29
N GLN C 161 -6.35 24.37 -13.33
CA GLN C 161 -5.74 25.15 -12.28
C GLN C 161 -5.45 24.29 -11.01
N ILE C 162 -5.79 23.00 -11.07
CA ILE C 162 -5.36 22.06 -10.04
C ILE C 162 -3.91 21.69 -10.30
N THR C 163 -3.07 21.81 -9.26
CA THR C 163 -1.64 21.63 -9.38
C THR C 163 -1.14 20.38 -8.65
N HIS C 164 -1.88 19.98 -7.62
CA HIS C 164 -1.52 18.80 -6.83
C HIS C 164 -2.69 17.87 -6.66
N VAL C 165 -2.38 16.60 -6.45
CA VAL C 165 -3.33 15.59 -6.11
C VAL C 165 -2.79 14.85 -4.90
N VAL C 166 -3.62 14.74 -3.87
CA VAL C 166 -3.32 13.89 -2.75
C VAL C 166 -4.42 12.84 -2.72
N PHE C 167 -4.06 11.57 -2.66
CA PHE C 167 -5.09 10.55 -2.71
C PHE C 167 -4.78 9.50 -1.62
N ALA C 168 -5.75 9.23 -0.75
CA ALA C 168 -5.60 8.15 0.24
C ALA C 168 -6.67 7.07 0.10
N THR C 169 -6.27 5.84 0.31
CA THR C 169 -7.21 4.73 0.38
C THR C 169 -6.64 3.64 1.29
N THR C 170 -7.52 2.78 1.80
CA THR C 170 -7.12 1.61 2.57
C THR C 170 -7.53 0.33 1.85
N SER C 171 -8.18 0.50 0.71
CA SER C 171 -8.69 -0.64 -0.02
C SER C 171 -8.03 -0.75 -1.39
N GLY C 172 -7.07 -1.67 -1.47
CA GLY C 172 -6.39 -2.00 -2.73
C GLY C 172 -5.10 -1.25 -2.91
N VAL C 173 -4.17 -1.80 -3.70
CA VAL C 173 -2.93 -1.12 -4.06
C VAL C 173 -2.58 -1.47 -5.50
N ASN C 174 -2.03 -0.51 -6.23
CA ASN C 174 -1.69 -0.75 -7.62
C ASN C 174 -0.56 0.14 -8.11
N MET C 175 0.10 -0.31 -9.16
CA MET C 175 1.12 0.48 -9.82
C MET C 175 0.77 0.49 -11.29
N PRO C 176 0.45 1.69 -11.83
CA PRO C 176 0.48 2.98 -11.13
C PRO C 176 -0.69 3.13 -10.17
N GLY C 177 -0.59 4.12 -9.28
CA GLY C 177 -1.59 4.26 -8.24
C GLY C 177 -2.90 4.85 -8.70
N ALA C 178 -3.90 4.81 -7.81
CA ALA C 178 -5.19 5.39 -8.07
C ALA C 178 -5.07 6.89 -8.36
N ASP C 179 -4.03 7.49 -7.79
CA ASP C 179 -3.77 8.91 -7.96
C ASP C 179 -3.59 9.21 -9.44
N LEU C 180 -2.83 8.35 -10.13
CA LEU C 180 -2.58 8.50 -11.55
C LEU C 180 -3.83 8.25 -12.35
N THR C 181 -4.54 7.16 -12.03
CA THR C 181 -5.77 6.81 -12.74
C THR C 181 -6.79 7.94 -12.63
N LEU C 182 -6.93 8.50 -11.44
CA LEU C 182 -7.88 9.59 -11.20
C LEU C 182 -7.49 10.81 -12.05
N THR C 183 -6.19 11.06 -12.14
CA THR C 183 -5.70 12.18 -12.92
C THR C 183 -6.12 12.05 -14.38
N ARG C 184 -5.98 10.85 -14.92
CA ARG C 184 -6.42 10.57 -16.28
C ARG C 184 -7.96 10.71 -16.39
N LEU C 185 -8.70 10.12 -15.46
CA LEU C 185 -10.16 10.12 -15.55
C LEU C 185 -10.69 11.54 -15.59
N LEU C 186 -10.07 12.41 -14.79
CA LEU C 186 -10.51 13.79 -14.71
C LEU C 186 -9.93 14.66 -15.84
N GLY C 187 -8.95 14.13 -16.57
CA GLY C 187 -8.24 14.92 -17.56
C GLY C 187 -7.48 16.07 -16.91
N LEU C 188 -6.93 15.84 -15.71
CA LEU C 188 -6.13 16.87 -15.06
C LEU C 188 -4.85 17.06 -15.82
N ASN C 189 -4.21 18.19 -15.59
CA ASN C 189 -2.93 18.53 -16.21
C ASN C 189 -1.94 17.40 -15.99
N PRO C 190 -1.22 17.02 -17.06
CA PRO C 190 -0.28 15.93 -16.80
C PRO C 190 0.84 16.25 -15.79
N ASN C 191 1.06 17.49 -15.36
CA ASN C 191 2.14 17.74 -14.40
C ASN C 191 1.67 17.86 -12.97
N VAL C 192 0.46 17.39 -12.67
CA VAL C 192 0.00 17.53 -11.32
C VAL C 192 1.02 16.83 -10.40
N LYS C 193 1.30 17.44 -9.26
CA LYS C 193 2.22 16.86 -8.30
C LYS C 193 1.43 15.98 -7.36
N ARG C 194 1.71 14.69 -7.41
CA ARG C 194 0.87 13.68 -6.82
C ARG C 194 1.45 13.06 -5.54
N THR C 195 0.65 12.92 -4.49
CA THR C 195 1.04 12.19 -3.31
C THR C 195 0.07 11.04 -3.07
N MET C 196 0.56 9.81 -3.26
CA MET C 196 -0.30 8.64 -3.16
C MET C 196 -0.07 7.96 -1.81
N LEU C 197 -1.13 7.91 -1.01
CA LEU C 197 -1.04 7.39 0.35
C LEU C 197 -1.81 6.11 0.46
N TYR C 198 -1.15 5.00 0.12
CA TYR C 198 -1.76 3.68 0.17
C TYR C 198 -1.80 3.08 1.57
N GLN C 199 -2.80 2.23 1.81
CA GLN C 199 -2.93 1.48 3.06
C GLN C 199 -2.87 2.40 4.27
N GLN C 200 -3.61 3.50 4.24
CA GLN C 200 -3.36 4.56 5.20
C GLN C 200 -4.09 4.31 6.51
N GLY C 201 -5.34 3.87 6.44
CA GLY C 201 -6.09 3.60 7.65
C GLY C 201 -7.13 4.64 8.02
N CYS C 202 -7.85 4.39 9.12
CA CYS C 202 -8.96 5.23 9.52
C CYS C 202 -8.62 6.70 9.79
N PHE C 203 -7.34 7.04 9.93
CA PHE C 203 -6.95 8.44 10.12
C PHE C 203 -6.64 9.16 8.80
N GLY C 204 -6.90 8.51 7.67
CA GLY C 204 -6.60 9.08 6.36
C GLY C 204 -7.25 10.43 6.00
N GLY C 205 -8.46 10.65 6.47
CA GLY C 205 -9.09 11.93 6.23
C GLY C 205 -8.32 13.04 6.93
N ALA C 206 -7.94 12.78 8.18
CA ALA C 206 -7.11 13.73 8.93
C ALA C 206 -5.72 13.86 8.29
N THR C 207 -5.19 12.75 7.81
CA THR C 207 -3.91 12.80 7.10
C THR C 207 -3.87 13.72 5.89
N VAL C 208 -4.82 13.55 4.96
CA VAL C 208 -4.77 14.32 3.70
C VAL C 208 -4.91 15.83 3.98
N LEU C 209 -5.59 16.16 5.08
CA LEU C 209 -5.66 17.56 5.53
C LEU C 209 -4.27 18.10 5.84
N ARG C 210 -3.52 17.33 6.63
CA ARG C 210 -2.14 17.65 6.99
C ARG C 210 -1.23 17.71 5.79
N VAL C 211 -1.28 16.70 4.94
CA VAL C 211 -0.47 16.66 3.72
C VAL C 211 -0.79 17.84 2.81
N ALA C 212 -2.08 18.12 2.59
CA ALA C 212 -2.45 19.26 1.73
C ALA C 212 -2.09 20.64 2.31
N LYS C 213 -2.09 20.76 3.64
CA LYS C 213 -1.72 22.04 4.27
C LYS C 213 -0.41 22.58 3.74
N ASP C 214 0.64 21.77 3.85
CA ASP C 214 1.98 22.23 3.44
C ASP C 214 2.09 22.38 1.92
N LEU C 215 1.37 21.56 1.15
CA LEU C 215 1.40 21.69 -0.30
C LEU C 215 0.80 23.06 -0.74
N ALA C 216 -0.38 23.39 -0.22
CA ALA C 216 -1.04 24.67 -0.47
C ALA C 216 -0.22 25.86 0.02
N GLU C 217 0.32 25.77 1.23
CA GLU C 217 0.98 26.91 1.86
C GLU C 217 2.37 27.21 1.31
N ASN C 218 3.09 26.18 0.86
CA ASN C 218 4.45 26.40 0.36
C ASN C 218 4.50 26.75 -1.13
N ASN C 219 3.35 26.74 -1.78
CA ASN C 219 3.31 27.02 -3.21
C ASN C 219 2.27 28.01 -3.66
N LYS C 220 2.76 29.19 -4.08
CA LYS C 220 1.89 30.26 -4.55
C LYS C 220 0.96 29.77 -5.65
N GLY C 221 -0.34 29.93 -5.43
CA GLY C 221 -1.32 29.53 -6.43
C GLY C 221 -1.67 28.05 -6.45
N ALA C 222 -1.04 27.24 -5.60
CA ALA C 222 -1.30 25.81 -5.59
C ALA C 222 -2.74 25.52 -5.22
N ARG C 223 -3.33 24.60 -5.96
CA ARG C 223 -4.68 24.16 -5.68
C ARG C 223 -4.62 22.64 -5.63
N VAL C 224 -4.97 22.09 -4.46
CA VAL C 224 -4.77 20.68 -4.17
C VAL C 224 -6.07 19.89 -4.15
N LEU C 225 -6.18 18.93 -5.06
CA LEU C 225 -7.34 18.05 -5.08
C LEU C 225 -7.11 16.96 -4.03
N THR C 226 -7.90 17.00 -2.97
CA THR C 226 -7.60 16.21 -1.79
C THR C 226 -8.67 15.12 -1.64
N VAL C 227 -8.22 13.88 -1.77
CA VAL C 227 -9.09 12.73 -2.02
C VAL C 227 -8.93 11.61 -1.01
N VAL C 228 -10.05 11.11 -0.51
CA VAL C 228 -10.03 9.83 0.21
C VAL C 228 -11.15 8.98 -0.34
N SER C 229 -10.83 7.75 -0.73
CA SER C 229 -11.83 6.89 -1.35
C SER C 229 -11.74 5.48 -0.81
N GLU C 230 -12.83 4.99 -0.22
CA GLU C 230 -12.78 3.70 0.43
C GLU C 230 -13.91 2.76 0.03
N LEU C 231 -13.55 1.53 -0.27
CA LEU C 231 -14.52 0.44 -0.47
C LEU C 231 -14.27 -0.69 0.53
N THR C 232 -15.29 -1.49 0.84
CA THR C 232 -15.12 -2.57 1.83
C THR C 232 -14.84 -3.93 1.20
N CYS C 233 -14.60 -3.94 -0.11
CA CYS C 233 -14.42 -5.21 -0.84
C CYS C 233 -13.14 -5.95 -0.46
N VAL C 234 -12.20 -5.27 0.20
CA VAL C 234 -10.98 -5.91 0.67
C VAL C 234 -11.15 -6.53 2.07
N THR C 235 -12.18 -6.11 2.80
CA THR C 235 -12.37 -6.64 4.15
C THR C 235 -13.58 -7.58 4.27
N PHE C 236 -14.58 -7.41 3.41
CA PHE C 236 -15.82 -8.18 3.48
C PHE C 236 -15.55 -9.69 3.53
N ARG C 237 -16.13 -10.39 4.49
CA ARG C 237 -15.94 -11.84 4.58
C ARG C 237 -16.94 -12.51 5.50
N ALA C 238 -17.04 -13.83 5.34
CA ALA C 238 -17.95 -14.63 6.15
C ALA C 238 -17.63 -14.41 7.61
N PRO C 239 -18.68 -14.29 8.43
CA PRO C 239 -18.55 -14.14 9.88
C PRO C 239 -18.05 -15.47 10.49
N ASN C 240 -17.30 -15.40 11.59
CA ASN C 240 -16.78 -16.63 12.18
C ASN C 240 -16.50 -16.51 13.67
N GLU C 241 -16.75 -17.60 14.38
CA GLU C 241 -16.58 -17.70 15.83
C GLU C 241 -15.13 -17.48 16.26
N GLU C 242 -14.18 -17.99 15.49
CA GLU C 242 -12.75 -17.88 15.81
C GLU C 242 -12.22 -16.44 15.80
N HIS C 243 -12.94 -15.53 15.15
CA HIS C 243 -12.51 -14.14 15.10
C HIS C 243 -13.68 -13.18 15.26
N LEU C 244 -14.07 -12.98 16.52
CA LEU C 244 -15.26 -12.22 16.86
C LEU C 244 -15.17 -10.71 16.67
N ASP C 245 -13.95 -10.17 16.64
CA ASP C 245 -13.78 -8.75 16.40
C ASP C 245 -14.00 -8.37 14.94
N ASN C 246 -14.05 -9.37 14.05
CA ASN C 246 -14.43 -9.12 12.66
C ASN C 246 -15.91 -8.79 12.56
N LEU C 247 -16.67 -9.19 13.57
CA LEU C 247 -18.09 -8.89 13.66
C LEU C 247 -18.33 -7.40 13.88
N VAL C 248 -17.38 -6.70 14.50
CA VAL C 248 -17.55 -5.27 14.68
C VAL C 248 -17.39 -4.60 13.32
N GLY C 249 -16.30 -4.94 12.63
CA GLY C 249 -16.03 -4.46 11.28
C GLY C 249 -17.13 -4.72 10.27
N SER C 250 -17.72 -5.91 10.33
CA SER C 250 -18.78 -6.28 9.40
C SER C 250 -20.03 -5.47 9.65
N ALA C 251 -20.13 -4.92 10.86
CA ALA C 251 -21.32 -4.18 11.24
C ALA C 251 -21.21 -2.68 10.98
N ILE C 252 -20.00 -2.16 10.89
CA ILE C 252 -19.83 -0.71 10.85
C ILE C 252 -19.23 -0.14 9.57
N PHE C 253 -18.45 -0.93 8.85
CA PHE C 253 -17.73 -0.42 7.69
C PHE C 253 -18.66 -0.33 6.48
N GLY C 254 -18.62 0.82 5.79
CA GLY C 254 -19.34 1.02 4.53
C GLY C 254 -18.44 1.66 3.47
N ASP C 255 -19.00 1.94 2.30
CA ASP C 255 -18.22 2.48 1.21
C ASP C 255 -18.41 3.98 1.11
N GLY C 256 -17.36 4.70 0.71
CA GLY C 256 -17.50 6.13 0.53
C GLY C 256 -16.24 6.80 0.05
N ALA C 257 -16.43 7.99 -0.51
CA ALA C 257 -15.31 8.82 -0.95
C ALA C 257 -15.63 10.28 -0.79
N SER C 258 -14.61 11.06 -0.49
CA SER C 258 -14.77 12.48 -0.36
C SER C 258 -13.57 13.15 -1.01
N VAL C 259 -13.80 14.33 -1.56
CA VAL C 259 -12.77 15.05 -2.30
C VAL C 259 -12.85 16.53 -1.99
N LEU C 260 -11.70 17.13 -1.70
CA LEU C 260 -11.66 18.55 -1.40
C LEU C 260 -10.80 19.31 -2.38
N VAL C 261 -11.07 20.60 -2.52
CA VAL C 261 -10.13 21.48 -3.15
C VAL C 261 -9.56 22.35 -2.05
N ILE C 262 -8.24 22.28 -1.86
CA ILE C 262 -7.57 23.03 -0.80
C ILE C 262 -6.56 23.99 -1.40
N GLY C 263 -6.55 25.22 -0.92
CA GLY C 263 -5.59 26.21 -1.38
C GLY C 263 -5.48 27.36 -0.41
N SER C 264 -4.35 28.05 -0.45
CA SER C 264 -4.16 29.28 0.28
C SER C 264 -4.44 30.50 -0.63
N ASP C 265 -4.65 31.66 -0.02
CA ASP C 265 -4.90 32.89 -0.76
C ASP C 265 -6.06 32.73 -1.73
N PRO C 266 -7.27 32.46 -1.20
CA PRO C 266 -8.41 32.26 -2.11
C PRO C 266 -8.81 33.56 -2.80
N ILE C 267 -9.21 33.48 -4.07
CA ILE C 267 -9.65 34.68 -4.77
C ILE C 267 -11.02 35.12 -4.23
N PRO C 268 -11.09 36.36 -3.73
CA PRO C 268 -12.32 36.88 -3.11
C PRO C 268 -13.50 36.85 -4.07
N GLU C 269 -14.64 36.35 -3.58
CA GLU C 269 -15.88 36.21 -4.33
C GLU C 269 -15.84 35.07 -5.37
N VAL C 270 -14.73 34.90 -6.09
CA VAL C 270 -14.65 33.82 -7.08
C VAL C 270 -14.61 32.44 -6.39
N GLU C 271 -13.81 32.34 -5.33
CA GLU C 271 -13.65 31.11 -4.54
C GLU C 271 -14.31 31.31 -3.18
N LYS C 272 -14.81 30.25 -2.57
CA LYS C 272 -15.55 30.40 -1.32
C LYS C 272 -15.01 29.55 -0.17
N PRO C 273 -14.22 30.18 0.72
CA PRO C 273 -13.61 29.45 1.83
C PRO C 273 -14.68 28.81 2.71
N GLN C 274 -14.43 27.59 3.18
CA GLN C 274 -15.34 26.95 4.12
C GLN C 274 -14.66 26.85 5.48
N PHE C 275 -13.37 26.50 5.46
CA PHE C 275 -12.55 26.33 6.68
C PHE C 275 -11.09 26.65 6.38
N GLU C 276 -10.37 27.11 7.39
CA GLU C 276 -8.91 27.31 7.29
C GLU C 276 -8.15 26.29 8.13
N ILE C 277 -7.11 25.69 7.56
CA ILE C 277 -6.29 24.76 8.33
C ILE C 277 -5.14 25.53 8.98
N HIS C 278 -5.16 25.64 10.31
CA HIS C 278 -4.16 26.46 10.98
C HIS C 278 -3.06 25.66 11.65
N TRP C 279 -3.29 24.36 11.82
CA TRP C 279 -2.35 23.51 12.52
C TRP C 279 -2.71 22.06 12.27
N SER C 280 -1.70 21.27 11.90
CA SER C 280 -1.84 19.82 11.81
C SER C 280 -0.70 19.13 12.54
N GLY C 281 -1.04 18.09 13.29
CA GLY C 281 -0.06 17.32 14.03
C GLY C 281 -0.60 15.94 14.36
N GLU C 282 0.26 15.07 14.90
CA GLU C 282 -0.12 13.72 15.27
C GLU C 282 0.73 13.21 16.41
N THR C 283 0.30 12.10 17.01
CA THR C 283 1.06 11.49 18.09
C THR C 283 0.75 10.01 18.09
N ILE C 284 1.69 9.24 18.62
CA ILE C 284 1.48 7.81 18.86
C ILE C 284 1.07 7.63 20.31
N LEU C 285 -0.08 7.02 20.55
CA LEU C 285 -0.58 6.97 21.92
C LEU C 285 0.32 6.09 22.77
N PRO C 286 0.50 6.47 24.05
CA PRO C 286 1.41 5.70 24.90
C PRO C 286 0.87 4.32 25.22
N GLU C 287 1.79 3.36 25.21
CA GLU C 287 1.50 1.99 25.59
C GLU C 287 0.43 1.38 24.68
N SER C 288 0.49 1.73 23.40
CA SER C 288 -0.58 1.28 22.50
C SER C 288 -0.02 0.41 21.40
N ASP C 289 0.98 -0.39 21.73
CA ASP C 289 1.68 -1.15 20.70
C ASP C 289 0.93 -2.43 20.38
N GLY C 290 0.39 -2.47 19.17
CA GLY C 290 -0.31 -3.65 18.68
C GLY C 290 -1.82 -3.55 18.81
N ALA C 291 -2.31 -2.39 19.26
CA ALA C 291 -3.72 -2.20 19.53
C ALA C 291 -4.59 -2.36 18.29
N ILE C 292 -4.17 -1.80 17.16
CA ILE C 292 -4.86 -2.06 15.89
C ILE C 292 -3.87 -2.44 14.80
N GLU C 293 -3.97 -3.69 14.35
CA GLU C 293 -3.17 -4.22 13.26
C GLU C 293 -4.07 -4.42 12.03
N GLY C 294 -3.55 -4.09 10.85
CA GLY C 294 -4.23 -4.37 9.60
C GLY C 294 -3.30 -5.15 8.70
N ARG C 295 -3.63 -6.40 8.40
CA ARG C 295 -2.75 -7.24 7.60
C ARG C 295 -3.34 -7.62 6.22
N LEU C 296 -2.57 -7.33 5.19
CA LEU C 296 -2.99 -7.66 3.83
C LEU C 296 -2.41 -9.01 3.46
N THR C 297 -3.29 -9.99 3.29
CA THR C 297 -2.92 -11.39 3.01
C THR C 297 -3.58 -11.94 1.76
N GLU C 298 -3.30 -13.21 1.46
CA GLU C 298 -3.96 -13.91 0.36
C GLU C 298 -5.47 -13.99 0.54
N ALA C 299 -5.94 -13.72 1.75
CA ALA C 299 -7.37 -13.71 2.03
C ALA C 299 -7.95 -12.29 2.04
N GLY C 300 -7.17 -11.32 1.57
CA GLY C 300 -7.60 -9.93 1.65
C GLY C 300 -7.02 -9.27 2.88
N LEU C 301 -7.74 -8.27 3.41
CA LEU C 301 -7.26 -7.47 4.54
C LEU C 301 -7.97 -7.91 5.82
N ILE C 302 -7.19 -8.19 6.88
CA ILE C 302 -7.73 -8.63 8.15
C ILE C 302 -7.28 -7.73 9.30
N PHE C 303 -8.22 -7.27 10.11
CA PHE C 303 -7.89 -6.43 11.27
C PHE C 303 -7.83 -7.19 12.60
N HIS C 304 -6.62 -7.37 13.12
CA HIS C 304 -6.43 -7.96 14.46
C HIS C 304 -6.18 -6.86 15.48
N LEU C 305 -6.84 -6.97 16.64
CA LEU C 305 -6.65 -6.03 17.73
C LEU C 305 -5.93 -6.71 18.92
N LEU C 306 -5.27 -5.90 19.75
CA LEU C 306 -4.67 -6.39 21.00
C LEU C 306 -5.24 -5.64 22.20
N LYS C 307 -5.01 -4.33 22.23
CA LYS C 307 -5.55 -3.44 23.25
C LYS C 307 -7.02 -3.12 22.98
N ASP C 308 -7.67 -2.56 23.99
CA ASP C 308 -9.01 -1.96 23.84
C ASP C 308 -8.89 -0.48 23.47
N VAL C 309 -9.29 -0.17 22.25
CA VAL C 309 -9.12 1.15 21.67
C VAL C 309 -9.97 2.30 22.24
N PRO C 310 -11.28 2.10 22.48
CA PRO C 310 -12.07 3.22 23.02
C PRO C 310 -11.50 3.90 24.27
N GLY C 311 -11.04 3.09 25.22
CA GLY C 311 -10.50 3.61 26.45
C GLY C 311 -9.16 4.28 26.21
N LEU C 312 -8.27 3.52 25.58
CA LEU C 312 -6.93 4.00 25.26
C LEU C 312 -6.98 5.37 24.58
N ILE C 313 -7.93 5.57 23.66
CA ILE C 313 -8.05 6.83 22.93
C ILE C 313 -8.47 7.95 23.86
N SER C 314 -9.47 7.66 24.68
CA SER C 314 -10.10 8.72 25.44
C SER C 314 -9.25 9.18 26.62
N ARG C 315 -8.37 8.32 27.11
CA ARG C 315 -7.47 8.69 28.19
C ARG C 315 -6.25 9.48 27.72
N ASN C 316 -5.87 9.31 26.45
CA ASN C 316 -4.59 9.85 25.97
C ASN C 316 -4.66 10.92 24.87
N THR C 317 -5.86 11.41 24.58
CA THR C 317 -6.01 12.42 23.54
C THR C 317 -5.82 13.83 24.09
N LEU C 318 -5.80 13.97 25.42
CA LEU C 318 -5.75 15.31 26.02
C LEU C 318 -4.44 16.10 25.80
N PRO C 319 -3.28 15.43 25.84
CA PRO C 319 -2.10 16.24 25.54
C PRO C 319 -2.12 16.83 24.12
N ILE C 320 -2.30 15.99 23.11
CA ILE C 320 -2.28 16.52 21.74
C ILE C 320 -3.44 17.50 21.50
N PHE C 321 -4.60 17.23 22.10
CA PHE C 321 -5.73 18.15 21.99
C PHE C 321 -5.36 19.53 22.54
N ASN C 322 -4.75 19.56 23.71
CA ASN C 322 -4.38 20.82 24.34
C ASN C 322 -3.33 21.60 23.53
N LYS C 323 -2.35 20.88 22.96
CA LYS C 323 -1.30 21.54 22.18
C LYS C 323 -1.92 22.09 20.91
N ALA C 324 -2.85 21.31 20.35
CA ALA C 324 -3.57 21.69 19.16
C ALA C 324 -4.31 23.00 19.35
N ILE C 325 -5.08 23.09 20.43
CA ILE C 325 -5.94 24.26 20.58
C ILE C 325 -5.14 25.51 20.92
N GLU C 326 -3.86 25.33 21.29
CA GLU C 326 -2.99 26.47 21.63
C GLU C 326 -2.88 27.44 20.47
N VAL C 327 -2.90 26.95 19.24
CA VAL C 327 -2.86 27.83 18.07
C VAL C 327 -4.12 28.70 18.03
N ALA C 328 -5.18 28.25 18.68
CA ALA C 328 -6.44 28.99 18.68
C ALA C 328 -6.62 29.85 19.94
N GLY C 329 -5.62 29.87 20.82
CA GLY C 329 -5.74 30.59 22.07
C GLY C 329 -6.51 29.79 23.11
N SER C 330 -6.47 28.48 22.95
CA SER C 330 -7.08 27.53 23.89
C SER C 330 -8.51 27.81 24.38
N PRO C 331 -9.48 27.87 23.45
CA PRO C 331 -10.86 27.93 23.97
C PRO C 331 -11.27 26.62 24.63
N SER C 332 -12.41 26.64 25.33
CA SER C 332 -12.91 25.44 26.00
C SER C 332 -13.45 24.44 24.98
N TRP C 333 -13.59 23.19 25.41
CA TRP C 333 -14.03 22.09 24.54
C TRP C 333 -15.39 22.36 23.91
N ASN C 334 -16.27 22.96 24.69
CA ASN C 334 -17.61 23.25 24.22
C ASN C 334 -17.73 24.54 23.41
N ASP C 335 -16.65 25.31 23.34
CA ASP C 335 -16.59 26.47 22.45
C ASP C 335 -16.00 26.12 21.08
N LEU C 336 -15.55 24.87 20.97
CA LEU C 336 -14.95 24.32 19.76
C LEU C 336 -15.98 23.52 18.96
N PHE C 337 -15.89 23.56 17.64
CA PHE C 337 -16.67 22.58 16.88
C PHE C 337 -15.83 21.33 16.63
N TRP C 338 -16.49 20.22 16.38
CA TRP C 338 -15.83 18.93 16.40
C TRP C 338 -16.14 18.11 15.17
N CYS C 339 -15.09 17.73 14.45
CA CYS C 339 -15.22 16.77 13.37
C CYS C 339 -14.38 15.54 13.68
N VAL C 340 -15.02 14.52 14.25
CA VAL C 340 -14.32 13.35 14.75
C VAL C 340 -14.61 12.14 13.88
N HIS C 341 -13.57 11.34 13.62
CA HIS C 341 -13.72 10.09 12.89
C HIS C 341 -14.74 9.22 13.60
N PRO C 342 -15.86 8.90 12.93
CA PRO C 342 -16.86 8.07 13.61
C PRO C 342 -16.46 6.61 13.66
N GLY C 343 -15.40 6.31 14.39
CA GLY C 343 -14.83 4.96 14.46
C GLY C 343 -15.77 3.95 15.07
N GLY C 344 -16.44 4.37 16.14
CA GLY C 344 -17.47 3.55 16.75
C GLY C 344 -18.33 4.40 17.65
N ARG C 345 -19.56 3.99 17.85
CA ARG C 345 -20.47 4.63 18.75
C ARG C 345 -19.89 4.76 20.16
N ALA C 346 -19.25 3.71 20.62
CA ALA C 346 -18.68 3.69 21.97
C ALA C 346 -17.60 4.75 22.10
N ILE C 347 -16.73 4.83 21.09
CA ILE C 347 -15.63 5.78 21.13
C ILE C 347 -16.13 7.22 21.24
N LEU C 348 -17.16 7.54 20.46
CA LEU C 348 -17.73 8.88 20.50
C LEU C 348 -18.28 9.17 21.87
N ASP C 349 -18.99 8.19 22.43
CA ASP C 349 -19.58 8.31 23.76
C ASP C 349 -18.49 8.66 24.78
N GLU C 350 -17.36 7.96 24.73
CA GLU C 350 -16.27 8.20 25.65
C GLU C 350 -15.63 9.59 25.48
N VAL C 351 -15.52 10.04 24.23
CA VAL C 351 -14.88 11.32 23.96
C VAL C 351 -15.68 12.45 24.58
N ALA C 352 -17.00 12.33 24.51
CA ALA C 352 -17.90 13.31 25.08
C ALA C 352 -17.80 13.35 26.62
N LYS C 353 -17.76 12.17 27.24
CA LYS C 353 -17.71 12.09 28.69
C LYS C 353 -16.39 12.62 29.21
N THR C 354 -15.30 12.19 28.59
CA THR C 354 -13.97 12.62 28.99
C THR C 354 -13.82 14.13 28.88
N LEU C 355 -14.42 14.70 27.83
CA LEU C 355 -14.30 16.12 27.54
C LEU C 355 -15.50 16.93 28.03
N SER C 356 -16.45 16.26 28.68
CA SER C 356 -17.68 16.91 29.15
C SER C 356 -18.31 17.75 28.05
N LEU C 357 -18.61 17.12 26.90
CA LEU C 357 -19.21 17.84 25.78
C LEU C 357 -20.74 17.94 25.83
N LYS C 358 -21.28 19.08 25.40
CA LYS C 358 -22.73 19.19 25.20
C LYS C 358 -23.10 18.24 24.06
N PRO C 359 -24.29 17.63 24.13
CA PRO C 359 -24.74 16.66 23.12
C PRO C 359 -24.75 17.20 21.69
N GLU C 360 -24.87 18.51 21.55
CA GLU C 360 -24.92 19.14 20.23
C GLU C 360 -23.57 19.12 19.53
N LYS C 361 -22.50 18.89 20.30
CA LYS C 361 -21.14 18.95 19.78
C LYS C 361 -20.83 17.86 18.76
N LEU C 362 -21.18 16.62 19.08
CA LEU C 362 -20.91 15.47 18.22
C LEU C 362 -22.09 15.09 17.32
N GLU C 363 -23.03 16.00 17.12
CA GLU C 363 -24.19 15.72 16.27
C GLU C 363 -23.81 15.50 14.81
N ALA C 364 -22.99 16.40 14.26
CA ALA C 364 -22.52 16.26 12.88
C ALA C 364 -21.82 14.91 12.67
N THR C 365 -21.00 14.54 13.64
CA THR C 365 -20.32 13.26 13.59
C THR C 365 -21.29 12.10 13.63
N ARG C 366 -22.25 12.14 14.56
CA ARG C 366 -23.24 11.07 14.66
C ARG C 366 -24.16 11.02 13.43
N ASP C 367 -24.43 12.18 12.82
CA ASP C 367 -25.21 12.24 11.59
C ASP C 367 -24.55 11.34 10.55
N ILE C 368 -23.23 11.45 10.43
CA ILE C 368 -22.49 10.69 9.44
C ILE C 368 -22.46 9.20 9.77
N LEU C 369 -22.24 8.85 11.04
CA LEU C 369 -22.27 7.44 11.45
C LEU C 369 -23.65 6.83 11.16
N TYR C 370 -24.68 7.58 11.50
CA TYR C 370 -26.05 7.14 11.29
C TYR C 370 -26.38 6.90 9.79
N ASN C 371 -25.99 7.83 8.93
CA ASN C 371 -26.41 7.75 7.52
C ASN C 371 -25.48 7.02 6.56
N TYR C 372 -24.22 6.84 6.95
CA TYR C 372 -23.22 6.26 6.06
C TYR C 372 -22.37 5.19 6.72
N GLY C 373 -22.38 5.17 8.04
CA GLY C 373 -21.54 4.23 8.75
C GLY C 373 -20.11 4.74 8.83
N ASN C 374 -19.21 3.80 9.09
CA ASN C 374 -17.78 4.04 9.16
C ASN C 374 -17.18 3.76 7.78
N MET C 375 -16.77 4.80 7.08
CA MET C 375 -16.22 4.67 5.74
C MET C 375 -14.70 4.84 5.80
N SER C 376 -14.09 4.33 6.86
CA SER C 376 -12.64 4.46 7.05
C SER C 376 -12.21 5.92 6.98
N GLY C 377 -11.15 6.20 6.22
CA GLY C 377 -10.60 7.54 6.15
C GLY C 377 -11.53 8.64 5.63
N ALA C 378 -12.51 8.25 4.81
CA ALA C 378 -13.39 9.22 4.17
C ALA C 378 -14.37 9.86 5.14
N SER C 379 -14.65 9.15 6.22
CA SER C 379 -15.77 9.49 7.09
C SER C 379 -15.65 10.89 7.66
N VAL C 380 -14.46 11.25 8.12
CA VAL C 380 -14.31 12.54 8.78
C VAL C 380 -14.50 13.68 7.76
N LEU C 381 -14.23 13.42 6.49
CA LEU C 381 -14.44 14.45 5.48
C LEU C 381 -15.94 14.69 5.20
N PHE C 382 -16.74 13.61 5.23
CA PHE C 382 -18.20 13.71 5.25
C PHE C 382 -18.72 14.56 6.42
N VAL C 383 -18.16 14.35 7.61
CA VAL C 383 -18.55 15.11 8.80
C VAL C 383 -18.28 16.59 8.60
N LEU C 384 -17.11 16.90 8.07
CA LEU C 384 -16.73 18.27 7.78
C LEU C 384 -17.72 18.95 6.82
N ASP C 385 -18.21 18.19 5.84
CA ASP C 385 -19.20 18.65 4.88
C ASP C 385 -20.52 18.88 5.60
N GLN C 386 -20.88 17.93 6.45
CA GLN C 386 -22.10 17.99 7.24
C GLN C 386 -22.08 19.18 8.21
N MET C 387 -20.91 19.50 8.74
CA MET C 387 -20.77 20.63 9.64
C MET C 387 -21.12 21.96 8.93
N ARG C 388 -20.61 22.14 7.71
CA ARG C 388 -20.93 23.34 6.93
C ARG C 388 -22.40 23.36 6.48
N ARG C 389 -22.98 22.19 6.24
CA ARG C 389 -24.37 22.09 5.82
C ARG C 389 -25.35 22.38 6.96
N ARG C 390 -25.07 21.82 8.14
CA ARG C 390 -25.86 22.10 9.34
C ARG C 390 -25.84 23.58 9.61
N SER C 391 -24.67 24.17 9.39
CA SER C 391 -24.51 25.60 9.56
C SER C 391 -25.32 26.40 8.53
N ALA C 392 -25.47 25.88 7.32
CA ALA C 392 -26.28 26.57 6.32
C ALA C 392 -27.76 26.44 6.71
N GLU C 393 -28.15 25.22 7.05
CA GLU C 393 -29.51 24.88 7.43
C GLU C 393 -29.98 25.66 8.65
N LYS C 394 -29.11 25.77 9.66
CA LYS C 394 -29.44 26.46 10.90
C LYS C 394 -29.14 27.95 10.80
N LYS C 395 -28.59 28.38 9.66
CA LYS C 395 -28.22 29.77 9.43
C LYS C 395 -27.31 30.32 10.52
N SER C 396 -26.37 29.46 10.91
CA SER C 396 -25.41 29.77 11.96
C SER C 396 -24.48 30.85 11.46
N ARG C 397 -23.78 31.48 12.38
CA ARG C 397 -22.91 32.59 12.06
C ARG C 397 -21.60 32.16 11.40
N THR C 398 -21.19 30.93 11.64
CA THR C 398 -19.97 30.37 11.03
C THR C 398 -20.21 28.98 10.43
N THR C 399 -19.30 28.53 9.56
CA THR C 399 -19.41 27.20 8.95
C THR C 399 -19.15 26.08 9.95
N GLY C 400 -18.82 26.45 11.18
CA GLY C 400 -18.68 25.47 12.24
C GLY C 400 -19.84 25.54 13.20
N GLU C 401 -21.04 25.79 12.68
CA GLU C 401 -22.24 25.96 13.51
C GLU C 401 -22.10 27.06 14.57
N GLY C 402 -21.41 28.15 14.21
CA GLY C 402 -21.26 29.25 15.14
C GLY C 402 -19.96 29.28 15.92
N CYS C 403 -19.30 28.13 16.03
CA CYS C 403 -18.00 28.13 16.70
C CYS C 403 -16.95 28.76 15.82
N GLU C 404 -15.97 29.37 16.46
CA GLU C 404 -14.88 30.06 15.78
C GLU C 404 -13.77 29.09 15.36
N TRP C 405 -13.41 28.17 16.26
CA TRP C 405 -12.37 27.18 16.01
C TRP C 405 -12.92 25.77 16.15
N GLY C 406 -12.28 24.82 15.46
CA GLY C 406 -12.64 23.43 15.60
C GLY C 406 -11.46 22.49 15.36
N LEU C 407 -11.67 21.22 15.69
CA LEU C 407 -10.64 20.18 15.60
C LEU C 407 -11.12 19.06 14.70
N VAL C 408 -10.29 18.67 13.73
CA VAL C 408 -10.57 17.47 12.97
C VAL C 408 -9.75 16.36 13.61
N VAL C 409 -10.39 15.25 13.94
CA VAL C 409 -9.72 14.21 14.69
C VAL C 409 -9.88 12.87 14.03
N GLY C 410 -8.75 12.27 13.68
CA GLY C 410 -8.71 10.91 13.18
C GLY C 410 -7.83 10.02 14.02
N PHE C 411 -8.11 8.72 14.01
CA PHE C 411 -7.24 7.79 14.70
C PHE C 411 -7.23 6.44 13.98
N GLY C 412 -6.19 5.66 14.21
CA GLY C 412 -6.06 4.39 13.55
C GLY C 412 -4.85 3.61 14.03
N PRO C 413 -4.38 2.67 13.20
CA PRO C 413 -3.29 1.75 13.53
C PRO C 413 -2.07 2.46 14.06
N GLY C 414 -1.28 1.74 14.86
CA GLY C 414 -0.13 2.26 15.57
C GLY C 414 -0.64 2.84 16.88
N LEU C 415 -1.95 3.01 16.88
CA LEU C 415 -2.69 3.96 17.70
C LEU C 415 -2.09 5.31 17.47
N THR C 416 -2.45 5.83 16.31
CA THR C 416 -2.09 7.14 15.87
C THR C 416 -3.31 8.01 16.05
N VAL C 417 -3.12 9.19 16.60
CA VAL C 417 -4.19 10.16 16.63
C VAL C 417 -3.73 11.36 15.80
N GLU C 418 -4.55 11.72 14.81
CA GLU C 418 -4.24 12.86 13.93
C GLU C 418 -5.21 13.99 14.18
N VAL C 419 -4.66 15.19 14.25
CA VAL C 419 -5.47 16.34 14.57
C VAL C 419 -5.11 17.51 13.69
N SER C 420 -6.12 18.13 13.10
CA SER C 420 -5.92 19.44 12.53
C SER C 420 -6.83 20.39 13.28
N VAL C 421 -6.35 21.63 13.40
CA VAL C 421 -7.12 22.71 13.98
C VAL C 421 -7.66 23.54 12.82
N LEU C 422 -8.97 23.76 12.82
CA LEU C 422 -9.61 24.51 11.73
C LEU C 422 -10.22 25.83 12.21
N ARG C 423 -10.08 26.87 11.40
CA ARG C 423 -10.84 28.09 11.67
C ARG C 423 -12.09 28.05 10.78
N ALA C 424 -13.25 28.23 11.39
CA ALA C 424 -14.51 28.31 10.66
C ALA C 424 -14.57 29.64 9.92
N ILE C 425 -15.50 29.74 8.98
CA ILE C 425 -15.64 30.95 8.18
C ILE C 425 -16.99 31.59 8.44
N ALA C 426 -17.01 32.91 8.48
CA ALA C 426 -18.24 33.66 8.69
C ALA C 426 -19.24 33.44 7.57
N THR C 427 -20.48 33.11 7.94
CA THR C 427 -21.49 32.83 6.95
C THR C 427 -22.14 34.12 6.48
N GLY C 428 -22.22 35.09 7.38
CA GLY C 428 -22.86 36.35 7.07
C GLY C 428 -24.30 36.34 7.55
N HIS C 429 -24.54 35.67 8.67
CA HIS C 429 -25.87 35.63 9.27
C HIS C 429 -25.88 36.25 10.67
N TYR D 46 1.41 34.47 7.95
CA TYR D 46 0.43 34.50 9.02
C TYR D 46 1.04 33.92 10.30
N LYS D 47 0.22 33.61 11.32
CA LYS D 47 0.77 33.29 12.65
C LYS D 47 1.50 31.94 12.71
N HIS D 48 1.57 31.24 11.58
CA HIS D 48 2.30 29.99 11.47
C HIS D 48 3.64 30.24 10.79
N ARG D 49 4.74 29.95 11.49
CA ARG D 49 6.06 30.36 11.01
C ARG D 49 6.64 29.41 9.98
N ARG D 50 6.96 29.97 8.81
CA ARG D 50 7.59 29.22 7.73
C ARG D 50 9.11 29.35 7.80
N ALA D 51 9.80 28.53 7.03
CA ALA D 51 11.24 28.66 6.91
C ALA D 51 11.55 29.65 5.80
N ALA D 52 12.79 30.10 5.72
CA ALA D 52 13.18 31.11 4.74
C ALA D 52 13.82 30.54 3.49
N GLY D 53 14.73 29.60 3.65
CA GLY D 53 15.51 29.17 2.50
C GLY D 53 15.06 27.85 1.95
N PRO D 54 15.72 27.39 0.89
CA PRO D 54 15.48 26.13 0.18
C PRO D 54 15.80 24.90 1.06
N ALA D 55 15.02 23.84 0.88
CA ALA D 55 15.23 22.57 1.54
C ALA D 55 16.63 22.05 1.23
N THR D 56 17.34 21.67 2.28
CA THR D 56 18.75 21.34 2.10
C THR D 56 19.02 19.91 2.61
N VAL D 57 19.77 19.15 1.82
CA VAL D 57 20.21 17.83 2.25
C VAL D 57 21.37 18.00 3.22
N LEU D 58 21.16 17.52 4.44
CA LEU D 58 22.11 17.72 5.53
C LEU D 58 22.87 16.45 5.86
N ALA D 59 22.43 15.32 5.29
CA ALA D 59 23.01 14.01 5.56
C ALA D 59 22.42 12.95 4.62
N ILE D 60 23.23 11.96 4.25
CA ILE D 60 22.81 10.82 3.41
C ILE D 60 23.45 9.56 3.92
N GLY D 61 22.62 8.62 4.37
CA GLY D 61 23.09 7.34 4.87
C GLY D 61 22.53 6.21 4.03
N LYS D 62 23.20 5.07 4.05
CA LYS D 62 22.76 3.93 3.26
C LYS D 62 22.99 2.61 3.96
N ALA D 63 22.29 1.58 3.49
CA ALA D 63 22.48 0.23 3.97
C ALA D 63 22.06 -0.77 2.92
N THR D 64 22.64 -1.97 2.99
CA THR D 64 22.24 -3.14 2.22
C THR D 64 22.25 -4.36 3.16
N PRO D 65 21.50 -5.42 2.81
CA PRO D 65 21.76 -6.69 3.49
C PRO D 65 23.23 -7.05 3.33
N PRO D 66 23.77 -7.83 4.27
CA PRO D 66 25.20 -8.12 4.24
C PRO D 66 25.64 -8.99 3.05
N THR D 67 24.82 -9.94 2.62
CA THR D 67 25.25 -10.90 1.62
C THR D 67 25.32 -10.41 0.17
N ALA D 68 26.53 -10.42 -0.39
CA ALA D 68 26.78 -9.96 -1.76
C ALA D 68 26.66 -11.06 -2.82
N TYR D 69 26.11 -10.72 -3.97
CA TYR D 69 26.00 -11.66 -5.08
C TYR D 69 26.67 -11.11 -6.29
N SER D 70 27.81 -11.71 -6.63
CA SER D 70 28.55 -11.30 -7.81
C SER D 70 27.69 -11.59 -9.02
N GLN D 71 27.55 -10.60 -9.90
CA GLN D 71 26.69 -10.76 -11.07
C GLN D 71 27.18 -11.90 -11.98
N SER D 72 28.49 -12.06 -12.13
CA SER D 72 29.07 -13.13 -12.95
C SER D 72 28.66 -14.53 -12.46
N GLU D 73 28.37 -14.62 -11.18
CA GLU D 73 27.96 -15.89 -10.59
C GLU D 73 26.47 -16.02 -10.42
N TYR D 74 25.73 -14.99 -10.78
CA TYR D 74 24.31 -15.01 -10.45
C TYR D 74 23.47 -15.97 -11.29
N PRO D 75 23.67 -16.02 -12.63
CA PRO D 75 22.78 -16.93 -13.37
C PRO D 75 22.87 -18.39 -12.91
N ASP D 76 24.06 -18.88 -12.58
CA ASP D 76 24.18 -20.19 -11.95
C ASP D 76 23.36 -20.32 -10.68
N PHE D 77 23.67 -19.47 -9.70
CA PHE D 77 22.96 -19.48 -8.41
C PHE D 77 21.45 -19.42 -8.58
N PHE D 78 21.01 -18.49 -9.41
CA PHE D 78 19.61 -18.19 -9.59
C PHE D 78 18.87 -19.39 -10.18
N PHE D 79 19.44 -19.98 -11.23
CA PHE D 79 18.82 -21.14 -11.86
C PHE D 79 18.97 -22.41 -11.00
N ASP D 80 20.02 -22.52 -10.18
CA ASP D 80 20.03 -23.67 -9.28
C ASP D 80 18.94 -23.55 -8.21
N ILE D 81 18.93 -22.44 -7.49
CA ILE D 81 18.00 -22.28 -6.36
C ILE D 81 16.52 -22.29 -6.81
N THR D 82 16.25 -21.92 -8.07
CA THR D 82 14.88 -21.94 -8.60
C THR D 82 14.52 -23.24 -9.33
N ASN D 83 15.47 -24.18 -9.37
CA ASN D 83 15.26 -25.50 -9.98
C ASN D 83 14.89 -25.41 -11.47
N THR D 84 15.58 -24.54 -12.18
CA THR D 84 15.29 -24.29 -13.59
C THR D 84 16.58 -24.35 -14.40
N SER D 85 17.61 -24.94 -13.82
CA SER D 85 18.92 -24.95 -14.44
C SER D 85 18.98 -25.92 -15.61
N HIS D 86 17.87 -26.61 -15.87
CA HIS D 86 17.76 -27.47 -17.05
C HIS D 86 17.22 -26.68 -18.25
N LYS D 87 16.77 -25.47 -18.02
CA LYS D 87 16.26 -24.65 -19.11
C LYS D 87 17.40 -23.88 -19.76
N THR D 88 18.27 -24.65 -20.42
CA THR D 88 19.49 -24.18 -21.05
C THR D 88 19.32 -22.93 -21.86
N GLU D 89 18.27 -22.90 -22.68
CA GLU D 89 18.07 -21.78 -23.58
C GLU D 89 17.56 -20.57 -22.79
N LEU D 90 16.75 -20.82 -21.77
CA LEU D 90 16.32 -19.75 -20.87
C LEU D 90 17.51 -19.12 -20.14
N LYS D 91 18.38 -19.97 -19.61
CA LYS D 91 19.55 -19.52 -18.84
C LYS D 91 20.58 -18.76 -19.68
N ALA D 92 20.62 -19.04 -20.98
CA ALA D 92 21.55 -18.33 -21.85
C ALA D 92 21.04 -16.93 -22.14
N LYS D 93 19.73 -16.76 -22.19
CA LYS D 93 19.22 -15.42 -22.42
C LYS D 93 19.46 -14.59 -21.16
N PHE D 94 19.25 -15.22 -20.00
CA PHE D 94 19.47 -14.53 -18.75
C PHE D 94 20.95 -14.18 -18.52
N ALA D 95 21.84 -15.13 -18.84
CA ALA D 95 23.27 -14.93 -18.67
C ALA D 95 23.71 -13.75 -19.51
N ARG D 96 23.05 -13.62 -20.65
CA ARG D 96 23.34 -12.61 -21.64
C ARG D 96 22.79 -11.25 -21.21
N ILE D 97 21.63 -11.25 -20.55
CA ILE D 97 21.14 -10.04 -19.93
C ILE D 97 22.05 -9.60 -18.78
N CYS D 98 22.50 -10.55 -17.98
CA CYS D 98 23.40 -10.21 -16.88
C CYS D 98 24.75 -9.59 -17.29
N LYS D 99 25.43 -10.12 -18.31
CA LYS D 99 26.73 -9.55 -18.70
C LYS D 99 26.58 -8.20 -19.39
N ASN D 100 25.37 -7.88 -19.80
CA ASN D 100 25.14 -6.58 -20.43
C ASN D 100 24.35 -5.64 -19.53
N SER D 101 24.21 -6.00 -18.27
CA SER D 101 23.36 -5.21 -17.37
C SER D 101 24.10 -4.00 -16.78
N GLY D 102 25.42 -3.98 -16.85
CA GLY D 102 26.18 -2.91 -16.26
C GLY D 102 26.26 -3.09 -14.75
N ILE D 103 25.90 -4.30 -14.30
CA ILE D 103 25.84 -4.62 -12.88
C ILE D 103 26.93 -5.61 -12.48
N ASN D 104 27.69 -5.27 -11.44
CA ASN D 104 28.72 -6.16 -10.93
C ASN D 104 28.29 -6.91 -9.66
N THR D 105 27.55 -6.24 -8.79
CA THR D 105 27.18 -6.81 -7.49
C THR D 105 25.80 -6.32 -7.04
N ARG D 106 25.02 -7.23 -6.45
CA ARG D 106 23.78 -6.86 -5.77
C ARG D 106 23.77 -7.49 -4.38
N TYR D 107 22.93 -6.98 -3.48
CA TYR D 107 22.82 -7.54 -2.13
C TYR D 107 21.40 -8.06 -1.92
N PHE D 108 21.26 -9.20 -1.26
CA PHE D 108 19.94 -9.74 -1.03
C PHE D 108 19.76 -10.17 0.39
N HIS D 109 18.60 -9.81 0.96
CA HIS D 109 18.26 -10.30 2.29
C HIS D 109 17.83 -11.75 2.21
N CYS D 110 17.11 -12.09 1.15
CA CYS D 110 16.66 -13.46 0.96
C CYS D 110 17.77 -14.31 0.38
N THR D 111 18.61 -14.83 1.28
CA THR D 111 19.71 -15.70 0.89
C THR D 111 19.15 -17.10 0.66
N GLU D 112 19.99 -18.00 0.18
CA GLU D 112 19.61 -19.39 -0.08
C GLU D 112 18.83 -19.99 1.11
N ASP D 113 19.30 -19.69 2.32
CA ASP D 113 18.71 -20.20 3.54
C ASP D 113 17.28 -19.70 3.71
N ILE D 114 17.10 -18.41 3.44
CA ILE D 114 15.80 -17.77 3.49
C ILE D 114 14.91 -18.36 2.40
N LEU D 115 15.48 -18.50 1.20
CA LEU D 115 14.75 -19.03 0.07
C LEU D 115 14.29 -20.48 0.31
N LYS D 116 15.15 -21.33 0.87
CA LYS D 116 14.77 -22.74 1.11
C LYS D 116 13.78 -22.88 2.25
N ALA D 117 13.76 -21.92 3.15
CA ALA D 117 12.77 -21.90 4.22
C ALA D 117 11.42 -21.38 3.73
N ASN D 118 11.40 -20.80 2.53
CA ASN D 118 10.14 -20.30 1.96
C ASN D 118 10.03 -20.72 0.50
N PRO D 119 9.89 -22.03 0.24
CA PRO D 119 10.10 -22.60 -1.09
C PRO D 119 9.12 -22.07 -2.13
N SER D 120 7.96 -21.60 -1.69
CA SER D 120 7.00 -21.04 -2.62
C SER D 120 7.59 -19.87 -3.39
N MET D 121 8.54 -19.16 -2.78
CA MET D 121 9.19 -18.03 -3.45
C MET D 121 10.15 -18.46 -4.56
N CYS D 122 10.54 -19.73 -4.57
CA CYS D 122 11.48 -20.22 -5.58
C CYS D 122 10.73 -20.81 -6.77
N THR D 123 9.39 -20.79 -6.69
CA THR D 123 8.56 -21.20 -7.81
C THR D 123 8.27 -19.99 -8.68
N TYR D 124 7.46 -20.21 -9.71
CA TYR D 124 7.10 -19.15 -10.64
C TYR D 124 5.85 -18.36 -10.19
N LEU D 125 4.69 -19.00 -10.19
CA LEU D 125 3.45 -18.28 -9.90
C LEU D 125 2.60 -19.01 -8.86
N GLU D 126 3.25 -19.80 -8.02
CA GLU D 126 2.60 -20.45 -6.88
C GLU D 126 2.25 -19.43 -5.80
N PRO D 127 1.19 -19.69 -5.01
CA PRO D 127 0.83 -18.79 -3.91
C PRO D 127 2.00 -18.57 -2.96
N SER D 128 2.36 -17.30 -2.74
CA SER D 128 3.55 -17.01 -1.96
C SER D 128 3.47 -15.66 -1.28
N LEU D 129 2.39 -14.92 -1.52
CA LEU D 129 2.29 -13.54 -1.03
C LEU D 129 2.48 -13.47 0.50
N ASP D 130 1.82 -14.35 1.24
CA ASP D 130 1.93 -14.30 2.71
C ASP D 130 3.35 -14.44 3.25
N VAL D 131 4.16 -15.34 2.70
CA VAL D 131 5.51 -15.48 3.23
C VAL D 131 6.39 -14.35 2.78
N ARG D 132 6.08 -13.73 1.63
CA ARG D 132 6.82 -12.56 1.18
C ARG D 132 6.47 -11.36 2.05
N GLN D 133 5.20 -11.25 2.44
CA GLN D 133 4.75 -10.14 3.29
C GLN D 133 5.44 -10.14 4.65
N ASP D 134 5.49 -11.29 5.30
CA ASP D 134 6.11 -11.46 6.61
C ASP D 134 7.56 -10.97 6.63
N ILE D 135 8.31 -11.36 5.62
CA ILE D 135 9.69 -10.95 5.48
C ILE D 135 9.81 -9.46 5.23
N ALA D 136 9.01 -8.93 4.29
CA ALA D 136 9.09 -7.53 3.90
C ALA D 136 8.68 -6.57 5.01
N ILE D 137 7.57 -6.88 5.68
CA ILE D 137 7.05 -6.03 6.74
C ILE D 137 8.04 -5.88 7.89
N ARG D 138 8.76 -6.94 8.20
CA ARG D 138 9.75 -6.86 9.25
C ARG D 138 11.08 -6.27 8.77
N GLU D 139 11.56 -6.68 7.60
CA GLU D 139 12.90 -6.28 7.21
C GLU D 139 12.99 -4.88 6.58
N VAL D 140 11.93 -4.40 5.94
CA VAL D 140 11.97 -3.06 5.32
C VAL D 140 12.26 -1.92 6.34
N PRO D 141 11.50 -1.86 7.46
CA PRO D 141 11.81 -0.81 8.44
C PRO D 141 13.16 -1.05 9.14
N ARG D 142 13.58 -2.31 9.28
CA ARG D 142 14.88 -2.61 9.88
C ARG D 142 16.06 -2.23 9.03
N LEU D 143 15.92 -2.38 7.72
CA LEU D 143 16.97 -1.92 6.83
C LEU D 143 17.02 -0.38 6.83
N ALA D 144 15.86 0.25 6.91
CA ALA D 144 15.82 1.70 6.98
C ALA D 144 16.52 2.18 8.21
N GLU D 145 16.34 1.46 9.32
CA GLU D 145 17.00 1.85 10.57
C GLU D 145 18.52 1.90 10.41
N LYS D 146 19.09 0.93 9.72
CA LYS D 146 20.53 0.89 9.54
C LYS D 146 20.99 2.07 8.74
N ALA D 147 20.25 2.44 7.72
CA ALA D 147 20.64 3.59 6.93
C ALA D 147 20.42 4.89 7.72
N ALA D 148 19.32 4.96 8.45
CA ALA D 148 19.02 6.15 9.25
C ALA D 148 20.08 6.40 10.33
N ILE D 149 20.55 5.33 10.99
CA ILE D 149 21.58 5.46 12.03
C ILE D 149 22.79 6.16 11.45
N GLU D 150 23.16 5.75 10.24
CA GLU D 150 24.27 6.40 9.57
C GLU D 150 23.93 7.87 9.18
N ALA D 151 22.75 8.12 8.63
CA ALA D 151 22.38 9.50 8.28
C ALA D 151 22.30 10.37 9.54
N LEU D 152 21.65 9.87 10.59
CA LEU D 152 21.55 10.61 11.84
C LEU D 152 22.93 10.91 12.43
N ALA D 153 23.86 9.97 12.29
CA ALA D 153 25.23 10.18 12.79
C ALA D 153 25.96 11.25 12.01
N GLU D 154 25.82 11.24 10.68
CA GLU D 154 26.49 12.26 9.88
C GLU D 154 25.92 13.63 10.28
N TRP D 155 24.61 13.69 10.46
CA TRP D 155 23.91 14.92 10.82
C TRP D 155 24.37 15.43 12.20
N GLY D 156 24.47 14.51 13.15
CA GLY D 156 25.12 14.79 14.41
C GLY D 156 24.26 15.49 15.44
N GLN D 157 22.97 15.60 15.17
CA GLN D 157 22.12 16.35 16.09
C GLN D 157 21.26 15.39 16.88
N PRO D 158 20.76 15.84 18.05
CA PRO D 158 19.89 14.95 18.82
C PRO D 158 18.72 14.45 17.98
N ARG D 159 18.36 13.19 18.17
CA ARG D 159 17.30 12.60 17.39
C ARG D 159 15.95 13.24 17.62
N ASP D 160 15.76 13.85 18.80
CA ASP D 160 14.45 14.37 19.12
C ASP D 160 14.16 15.68 18.41
N GLN D 161 15.10 16.16 17.62
CA GLN D 161 14.89 17.36 16.82
C GLN D 161 14.39 17.00 15.41
N ILE D 162 14.17 15.70 15.15
CA ILE D 162 13.49 15.25 13.94
C ILE D 162 12.01 15.51 14.08
N THR D 163 11.44 16.20 13.09
CA THR D 163 10.06 16.62 13.18
C THR D 163 9.18 15.83 12.22
N HIS D 164 9.79 15.38 11.11
CA HIS D 164 9.04 14.65 10.10
C HIS D 164 9.73 13.39 9.67
N VAL D 165 8.93 12.43 9.20
CA VAL D 165 9.42 11.19 8.61
C VAL D 165 8.70 10.95 7.31
N VAL D 166 9.46 10.80 6.24
CA VAL D 166 8.90 10.40 4.94
C VAL D 166 9.48 9.05 4.60
N PHE D 167 8.65 8.07 4.32
CA PHE D 167 9.22 6.74 4.12
C PHE D 167 8.55 6.20 2.85
N ALA D 168 9.33 5.77 1.86
CA ALA D 168 8.74 5.14 0.65
C ALA D 168 9.27 3.73 0.46
N THR D 169 8.42 2.82 0.01
CA THR D 169 8.86 1.48 -0.34
C THR D 169 7.96 0.89 -1.41
N THR D 170 8.45 -0.13 -2.10
CA THR D 170 7.65 -0.85 -3.07
C THR D 170 7.46 -2.29 -2.64
N SER D 171 8.06 -2.65 -1.51
CA SER D 171 8.01 -4.02 -1.09
C SER D 171 7.22 -4.21 0.18
N GLY D 172 5.97 -4.60 0.02
CA GLY D 172 5.12 -4.96 1.15
C GLY D 172 4.32 -3.79 1.65
N VAL D 173 3.20 -4.09 2.30
CA VAL D 173 2.37 -3.09 2.96
C VAL D 173 1.81 -3.63 4.26
N ASN D 174 1.67 -2.73 5.21
CA ASN D 174 1.21 -3.11 6.52
C ASN D 174 0.55 -1.95 7.24
N MET D 175 -0.24 -2.30 8.26
CA MET D 175 -0.87 -1.36 9.17
C MET D 175 -0.59 -1.82 10.60
N PRO D 176 0.16 -1.02 11.38
CA PRO D 176 0.68 0.30 11.04
C PRO D 176 1.82 0.21 10.05
N GLY D 177 2.18 1.34 9.49
CA GLY D 177 3.16 1.38 8.44
C GLY D 177 4.58 1.24 8.92
N ALA D 178 5.47 1.02 7.95
CA ALA D 178 6.89 0.96 8.19
C ALA D 178 7.38 2.27 8.77
N ASP D 179 6.68 3.36 8.46
CA ASP D 179 7.00 4.68 9.00
C ASP D 179 6.91 4.70 10.53
N LEU D 180 5.84 4.11 11.06
CA LEU D 180 5.63 4.07 12.49
C LEU D 180 6.65 3.15 13.15
N THR D 181 6.82 1.97 12.56
CA THR D 181 7.77 0.99 13.08
C THR D 181 9.17 1.59 13.14
N LEU D 182 9.55 2.31 12.09
CA LEU D 182 10.86 2.96 12.04
C LEU D 182 10.94 4.04 13.14
N THR D 183 9.82 4.70 13.39
CA THR D 183 9.79 5.72 14.41
C THR D 183 10.09 5.11 15.77
N ARG D 184 9.46 3.96 16.02
CA ARG D 184 9.68 3.25 17.27
C ARG D 184 11.13 2.76 17.41
N LEU D 185 11.67 2.16 16.36
CA LEU D 185 13.02 1.64 16.44
C LEU D 185 14.06 2.71 16.77
N LEU D 186 13.92 3.87 16.16
CA LEU D 186 14.90 4.93 16.35
C LEU D 186 14.65 5.75 17.61
N GLY D 187 13.50 5.55 18.24
CA GLY D 187 13.12 6.34 19.40
C GLY D 187 12.86 7.80 19.06
N LEU D 188 12.28 8.03 17.90
CA LEU D 188 11.94 9.41 17.55
C LEU D 188 10.80 9.89 18.45
N ASN D 189 10.65 11.20 18.54
CA ASN D 189 9.54 11.83 19.25
C ASN D 189 8.27 11.24 18.69
N PRO D 190 7.35 10.78 19.55
CA PRO D 190 6.11 10.12 19.14
C PRO D 190 5.19 11.03 18.31
N ASN D 191 5.52 12.31 18.24
CA ASN D 191 4.72 13.25 17.47
C ASN D 191 5.32 13.67 16.13
N VAL D 192 6.23 12.88 15.59
CA VAL D 192 6.79 13.20 14.27
C VAL D 192 5.66 13.14 13.25
N LYS D 193 5.67 14.06 12.29
CA LYS D 193 4.64 14.09 11.25
C LYS D 193 5.06 13.16 10.12
N ARG D 194 4.27 12.11 9.93
CA ARG D 194 4.69 10.98 9.09
C ARG D 194 3.95 10.96 7.75
N THR D 195 4.72 10.77 6.69
CA THR D 195 4.19 10.53 5.35
C THR D 195 4.68 9.18 4.81
N MET D 196 3.75 8.26 4.72
CA MET D 196 4.04 6.89 4.36
C MET D 196 3.62 6.66 2.92
N LEU D 197 4.59 6.32 2.09
CA LEU D 197 4.32 6.18 0.68
C LEU D 197 4.51 4.70 0.27
N TYR D 198 3.46 3.90 0.43
CA TYR D 198 3.53 2.48 0.08
C TYR D 198 3.37 2.27 -1.42
N GLN D 199 3.96 1.19 -1.94
CA GLN D 199 3.80 0.76 -3.35
C GLN D 199 4.11 1.89 -4.31
N GLN D 200 5.24 2.55 -4.08
CA GLN D 200 5.55 3.80 -4.77
C GLN D 200 6.15 3.61 -6.15
N GLY D 201 7.10 2.70 -6.26
CA GLY D 201 7.73 2.44 -7.54
C GLY D 201 9.10 3.03 -7.70
N CYS D 202 9.71 2.73 -8.84
CA CYS D 202 11.10 3.08 -9.10
C CYS D 202 11.42 4.58 -9.02
N PHE D 203 10.41 5.43 -9.12
CA PHE D 203 10.68 6.87 -9.03
C PHE D 203 10.55 7.39 -7.59
N GLY D 204 10.42 6.47 -6.63
CA GLY D 204 10.24 6.81 -5.23
C GLY D 204 11.34 7.64 -4.60
N GLY D 205 12.58 7.45 -5.04
CA GLY D 205 13.69 8.25 -4.55
C GLY D 205 13.53 9.72 -4.89
N ALA D 206 13.13 10.02 -6.13
CA ALA D 206 12.86 11.42 -6.46
C ALA D 206 11.60 11.94 -5.75
N THR D 207 10.60 11.10 -5.60
CA THR D 207 9.39 11.47 -4.87
C THR D 207 9.68 11.99 -3.43
N VAL D 208 10.48 11.27 -2.65
CA VAL D 208 10.71 11.69 -1.26
C VAL D 208 11.43 13.04 -1.18
N LEU D 209 12.24 13.38 -2.19
CA LEU D 209 12.84 14.73 -2.29
C LEU D 209 11.75 15.81 -2.45
N ARG D 210 10.83 15.56 -3.38
CA ARG D 210 9.68 16.43 -3.61
C ARG D 210 8.79 16.54 -2.38
N VAL D 211 8.49 15.39 -1.77
CA VAL D 211 7.70 15.41 -0.56
C VAL D 211 8.39 16.16 0.60
N ALA D 212 9.66 15.85 0.85
CA ALA D 212 10.37 16.46 1.98
C ALA D 212 10.57 17.94 1.79
N LYS D 213 10.71 18.36 0.54
CA LYS D 213 10.92 19.77 0.20
C LYS D 213 9.91 20.68 0.87
N ASP D 214 8.62 20.42 0.64
CA ASP D 214 7.58 21.30 1.16
C ASP D 214 7.46 21.21 2.66
N LEU D 215 7.68 20.02 3.22
CA LEU D 215 7.65 19.84 4.67
C LEU D 215 8.73 20.72 5.32
N ALA D 216 9.95 20.63 4.79
CA ALA D 216 11.05 21.42 5.29
C ALA D 216 10.79 22.92 5.12
N GLU D 217 10.34 23.32 3.93
CA GLU D 217 10.22 24.75 3.60
C GLU D 217 9.05 25.44 4.28
N ASN D 218 7.96 24.72 4.53
CA ASN D 218 6.81 25.35 5.13
C ASN D 218 6.80 25.39 6.68
N ASN D 219 7.83 24.82 7.32
CA ASN D 219 7.85 24.78 8.78
C ASN D 219 9.21 25.12 9.39
N LYS D 220 9.30 26.29 10.02
CA LYS D 220 10.54 26.76 10.65
C LYS D 220 11.11 25.72 11.60
N GLY D 221 12.38 25.36 11.39
CA GLY D 221 13.05 24.37 12.24
C GLY D 221 12.79 22.91 11.90
N ALA D 222 11.97 22.64 10.87
CA ALA D 222 11.67 21.26 10.51
C ALA D 222 12.91 20.52 10.03
N ARG D 223 13.05 19.28 10.51
CA ARG D 223 14.12 18.42 10.07
C ARG D 223 13.45 17.11 9.65
N VAL D 224 13.63 16.72 8.39
CA VAL D 224 12.87 15.62 7.84
C VAL D 224 13.70 14.40 7.60
N LEU D 225 13.36 13.31 8.28
CA LEU D 225 14.04 12.05 8.04
C LEU D 225 13.43 11.42 6.81
N THR D 226 14.22 11.38 5.74
CA THR D 226 13.71 11.05 4.42
C THR D 226 14.23 9.69 4.00
N VAL D 227 13.31 8.74 3.91
CA VAL D 227 13.65 7.32 3.84
C VAL D 227 13.08 6.60 2.61
N VAL D 228 13.93 5.84 1.91
CA VAL D 228 13.41 4.85 0.96
C VAL D 228 14.06 3.50 1.25
N SER D 229 13.24 2.47 1.41
CA SER D 229 13.77 1.17 1.77
C SER D 229 13.16 0.11 0.89
N GLU D 230 14.01 -0.63 0.18
CA GLU D 230 13.44 -1.60 -0.76
C GLU D 230 14.05 -2.99 -0.64
N LEU D 231 13.18 -4.01 -0.58
CA LEU D 231 13.68 -5.39 -0.68
C LEU D 231 13.06 -6.09 -1.89
N THR D 232 13.74 -7.10 -2.43
CA THR D 232 13.25 -7.77 -3.65
C THR D 232 12.46 -9.03 -3.32
N CYS D 233 12.16 -9.23 -2.04
CA CYS D 233 11.49 -10.45 -1.58
C CYS D 233 10.03 -10.56 -2.07
N VAL D 234 9.44 -9.44 -2.46
CA VAL D 234 8.08 -9.48 -3.00
C VAL D 234 8.06 -9.77 -4.53
N THR D 235 9.19 -9.59 -5.20
CA THR D 235 9.25 -9.85 -6.64
C THR D 235 10.04 -11.12 -7.06
N PHE D 236 11.02 -11.52 -6.27
CA PHE D 236 11.89 -12.64 -6.64
C PHE D 236 11.12 -13.92 -6.98
N ARG D 237 11.41 -14.51 -8.14
CA ARG D 237 10.72 -15.73 -8.54
C ARG D 237 11.42 -16.50 -9.65
N ALA D 238 11.01 -17.75 -9.84
CA ALA D 238 11.60 -18.61 -10.85
C ALA D 238 11.49 -17.98 -12.25
N PRO D 239 12.55 -18.09 -13.05
CA PRO D 239 12.54 -17.58 -14.43
C PRO D 239 11.59 -18.43 -15.28
N ASN D 240 10.94 -17.86 -16.28
CA ASN D 240 9.99 -18.63 -17.09
C ASN D 240 9.80 -18.07 -18.49
N GLU D 241 9.57 -18.93 -19.48
CA GLU D 241 9.42 -18.50 -20.88
C GLU D 241 8.28 -17.53 -21.13
N GLU D 242 7.13 -17.80 -20.51
CA GLU D 242 5.92 -17.03 -20.76
C GLU D 242 5.99 -15.57 -20.33
N HIS D 243 6.95 -15.22 -19.49
CA HIS D 243 7.14 -13.80 -19.21
C HIS D 243 8.62 -13.47 -19.08
N LEU D 244 9.23 -13.23 -20.23
CA LEU D 244 10.66 -12.96 -20.38
C LEU D 244 11.05 -11.60 -19.83
N ASP D 245 10.08 -10.72 -19.61
CA ASP D 245 10.36 -9.41 -19.06
C ASP D 245 10.72 -9.51 -17.59
N ASN D 246 10.36 -10.64 -16.99
CA ASN D 246 10.74 -10.94 -15.62
C ASN D 246 12.23 -11.29 -15.56
N LEU D 247 12.78 -11.74 -16.68
CA LEU D 247 14.21 -12.05 -16.74
C LEU D 247 15.02 -10.80 -16.56
N VAL D 248 14.46 -9.68 -17.00
CA VAL D 248 15.17 -8.42 -16.86
C VAL D 248 15.21 -7.97 -15.40
N GLY D 249 14.03 -7.92 -14.77
CA GLY D 249 13.93 -7.56 -13.36
C GLY D 249 14.79 -8.44 -12.46
N SER D 250 14.80 -9.72 -12.78
CA SER D 250 15.54 -10.69 -12.00
C SER D 250 17.05 -10.47 -12.12
N ALA D 251 17.44 -9.77 -13.18
CA ALA D 251 18.86 -9.54 -13.43
C ALA D 251 19.33 -8.21 -12.86
N ILE D 252 18.39 -7.30 -12.59
CA ILE D 252 18.78 -5.94 -12.22
C ILE D 252 18.40 -5.48 -10.80
N PHE D 253 17.31 -6.01 -10.26
CA PHE D 253 16.81 -5.53 -8.97
C PHE D 253 17.63 -6.11 -7.81
N GLY D 254 18.02 -5.24 -6.89
CA GLY D 254 18.72 -5.66 -5.67
C GLY D 254 18.11 -5.04 -4.44
N ASP D 255 18.68 -5.31 -3.27
CA ASP D 255 18.13 -4.77 -2.04
C ASP D 255 18.94 -3.56 -1.59
N GLY D 256 18.27 -2.59 -0.97
CA GLY D 256 18.96 -1.43 -0.45
C GLY D 256 18.05 -0.46 0.27
N ALA D 257 18.63 0.41 1.10
CA ALA D 257 17.86 1.48 1.74
C ALA D 257 18.72 2.72 1.87
N SER D 258 18.10 3.88 1.75
CA SER D 258 18.82 5.13 1.95
C SER D 258 17.99 6.12 2.73
N VAL D 259 18.69 6.94 3.51
CA VAL D 259 18.01 7.85 4.40
C VAL D 259 18.69 9.20 4.36
N LEU D 260 17.89 10.25 4.25
CA LEU D 260 18.42 11.61 4.27
C LEU D 260 17.91 12.37 5.46
N VAL D 261 18.68 13.37 5.87
CA VAL D 261 18.18 14.38 6.77
C VAL D 261 17.99 15.66 5.95
N ILE D 262 16.76 16.14 5.84
CA ILE D 262 16.51 17.33 5.02
C ILE D 262 15.92 18.44 5.83
N GLY D 263 16.44 19.65 5.65
CA GLY D 263 15.94 20.81 6.39
C GLY D 263 16.26 22.14 5.74
N SER D 264 15.47 23.15 6.08
CA SER D 264 15.75 24.51 5.64
C SER D 264 16.49 25.28 6.73
N ASP D 265 17.13 26.38 6.33
CA ASP D 265 17.82 27.27 7.25
C ASP D 265 18.83 26.48 8.09
N PRO D 266 19.83 25.92 7.42
CA PRO D 266 20.81 25.11 8.15
C PRO D 266 21.66 25.94 9.11
N ILE D 267 21.97 25.37 10.26
CA ILE D 267 22.82 26.00 11.28
C ILE D 267 24.28 25.97 10.87
N PRO D 268 24.94 27.15 10.82
CA PRO D 268 26.33 27.27 10.36
C PRO D 268 27.31 26.38 11.16
N GLU D 269 28.18 25.67 10.44
CA GLU D 269 29.20 24.73 10.97
C GLU D 269 28.62 23.45 11.57
N VAL D 270 27.59 23.60 12.40
CA VAL D 270 27.00 22.47 13.11
C VAL D 270 26.34 21.54 12.08
N GLU D 271 25.67 22.11 11.08
CA GLU D 271 25.08 21.29 10.03
C GLU D 271 25.87 21.51 8.75
N LYS D 272 25.98 20.50 7.89
CA LYS D 272 26.82 20.63 6.70
C LYS D 272 26.01 20.36 5.45
N PRO D 273 25.58 21.42 4.77
CA PRO D 273 24.77 21.28 3.58
C PRO D 273 25.48 20.44 2.51
N GLN D 274 24.73 19.58 1.82
CA GLN D 274 25.29 18.82 0.72
C GLN D 274 24.67 19.26 -0.61
N PHE D 275 23.36 19.48 -0.59
CA PHE D 275 22.62 19.89 -1.77
C PHE D 275 21.40 20.71 -1.36
N GLU D 276 21.02 21.67 -2.19
CA GLU D 276 19.76 22.37 -1.97
C GLU D 276 18.76 21.98 -3.04
N ILE D 277 17.53 21.70 -2.64
CA ILE D 277 16.48 21.39 -3.59
C ILE D 277 15.74 22.66 -3.98
N HIS D 278 15.85 23.07 -5.25
CA HIS D 278 15.24 24.34 -5.65
C HIS D 278 13.94 24.23 -6.43
N TRP D 279 13.63 23.04 -6.91
CA TRP D 279 12.45 22.85 -7.71
C TRP D 279 12.15 21.38 -7.79
N SER D 280 10.91 20.98 -7.52
CA SER D 280 10.49 19.61 -7.72
C SER D 280 9.21 19.51 -8.52
N GLY D 281 9.21 18.61 -9.50
CA GLY D 281 8.06 18.41 -10.35
C GLY D 281 8.05 17.05 -11.01
N GLU D 282 6.95 16.76 -11.69
CA GLU D 282 6.79 15.51 -12.38
C GLU D 282 5.84 15.63 -13.57
N THR D 283 5.84 14.62 -14.43
CA THR D 283 4.93 14.63 -15.55
C THR D 283 4.56 13.20 -15.96
N ILE D 284 3.38 13.07 -16.55
CA ILE D 284 2.93 11.80 -17.10
C ILE D 284 3.20 11.81 -18.59
N LEU D 285 3.94 10.82 -19.07
CA LEU D 285 4.35 10.79 -20.48
C LEU D 285 3.18 10.50 -21.44
N PRO D 286 3.23 11.10 -22.63
CA PRO D 286 2.16 10.88 -23.61
C PRO D 286 2.19 9.46 -24.15
N GLU D 287 1.00 8.89 -24.37
CA GLU D 287 0.84 7.58 -25.00
C GLU D 287 1.50 6.46 -24.20
N SER D 288 1.50 6.60 -22.89
CA SER D 288 2.33 5.70 -22.07
C SER D 288 1.47 4.87 -21.13
N ASP D 289 0.33 4.43 -21.65
CA ASP D 289 -0.66 3.74 -20.86
C ASP D 289 -0.17 2.29 -20.81
N GLY D 290 0.05 1.80 -19.60
CA GLY D 290 0.44 0.41 -19.39
C GLY D 290 1.86 -0.01 -19.79
N ALA D 291 2.74 0.96 -20.02
CA ALA D 291 4.14 0.63 -20.34
C ALA D 291 4.86 -0.02 -19.15
N ILE D 292 4.59 0.47 -17.93
CA ILE D 292 5.03 -0.20 -16.69
C ILE D 292 3.86 -0.37 -15.73
N GLU D 293 3.44 -1.62 -15.56
CA GLU D 293 2.40 -1.99 -14.61
C GLU D 293 3.00 -2.84 -13.48
N GLY D 294 2.57 -2.57 -12.24
CA GLY D 294 2.98 -3.40 -11.12
C GLY D 294 1.77 -3.90 -10.35
N ARG D 295 1.52 -5.20 -10.39
CA ARG D 295 0.31 -5.76 -9.76
C ARG D 295 0.67 -6.65 -8.57
N LEU D 296 0.07 -6.33 -7.42
CA LEU D 296 0.30 -7.11 -6.22
C LEU D 296 -0.75 -8.19 -6.08
N THR D 297 -0.32 -9.43 -6.20
CA THR D 297 -1.22 -10.59 -6.23
C THR D 297 -0.88 -11.62 -5.17
N GLU D 298 -1.67 -12.69 -5.18
CA GLU D 298 -1.42 -13.86 -4.35
C GLU D 298 -0.06 -14.53 -4.64
N ALA D 299 0.55 -14.21 -5.77
CA ALA D 299 1.88 -14.75 -6.10
C ALA D 299 3.01 -13.73 -5.82
N GLY D 300 2.67 -12.66 -5.11
CA GLY D 300 3.63 -11.59 -4.87
C GLY D 300 3.46 -10.47 -5.89
N LEU D 301 4.56 -9.78 -6.17
CA LEU D 301 4.51 -8.60 -7.02
C LEU D 301 5.01 -8.95 -8.41
N ILE D 302 4.19 -8.64 -9.43
CA ILE D 302 4.51 -8.92 -10.83
C ILE D 302 4.51 -7.67 -11.74
N PHE D 303 5.53 -7.54 -12.59
CA PHE D 303 5.69 -6.37 -13.45
C PHE D 303 5.40 -6.64 -14.94
N HIS D 304 4.39 -5.94 -15.48
CA HIS D 304 3.94 -6.16 -16.86
C HIS D 304 4.37 -5.04 -17.82
N LEU D 305 5.55 -5.20 -18.40
CA LEU D 305 6.25 -4.09 -19.06
C LEU D 305 5.99 -3.94 -20.57
N LEU D 306 6.73 -3.01 -21.18
CA LEU D 306 6.87 -2.93 -22.65
C LEU D 306 8.36 -2.88 -22.99
N LYS D 307 8.74 -3.48 -24.11
CA LYS D 307 10.13 -3.53 -24.54
C LYS D 307 10.75 -2.13 -24.76
N ASP D 308 9.93 -1.16 -25.15
CA ASP D 308 10.47 0.11 -25.60
C ASP D 308 10.30 1.19 -24.52
N VAL D 309 10.70 0.85 -23.31
CA VAL D 309 10.71 1.79 -22.19
C VAL D 309 11.87 2.78 -22.35
N PRO D 310 13.09 2.29 -22.69
CA PRO D 310 14.18 3.24 -22.93
C PRO D 310 13.85 4.37 -23.92
N GLY D 311 13.16 4.02 -25.00
CA GLY D 311 12.81 4.99 -26.01
C GLY D 311 11.77 5.98 -25.51
N LEU D 312 10.66 5.44 -24.99
CA LEU D 312 9.56 6.25 -24.44
C LEU D 312 10.08 7.37 -23.53
N ILE D 313 11.10 7.07 -22.73
CA ILE D 313 11.61 8.03 -21.76
C ILE D 313 12.36 9.22 -22.39
N SER D 314 13.35 8.96 -23.23
CA SER D 314 14.20 10.06 -23.73
C SER D 314 13.62 10.90 -24.86
N ARG D 315 12.60 10.39 -25.54
CA ARG D 315 11.95 11.16 -26.58
C ARG D 315 11.08 12.24 -25.95
N ASN D 316 10.66 11.98 -24.71
CA ASN D 316 9.69 12.84 -24.03
C ASN D 316 10.17 13.51 -22.76
N THR D 317 11.46 13.34 -22.43
CA THR D 317 12.00 13.91 -21.21
C THR D 317 12.46 15.35 -21.39
N LEU D 318 12.50 15.82 -22.63
CA LEU D 318 13.01 17.15 -22.88
C LEU D 318 12.08 18.25 -22.36
N PRO D 319 10.76 18.10 -22.50
CA PRO D 319 9.94 19.17 -21.93
C PRO D 319 10.11 19.34 -20.43
N ILE D 320 9.97 18.30 -19.61
CA ILE D 320 10.12 18.52 -18.17
C ILE D 320 11.55 18.97 -17.87
N PHE D 321 12.53 18.44 -18.58
CA PHE D 321 13.92 18.84 -18.37
C PHE D 321 14.10 20.33 -18.64
N ASN D 322 13.56 20.83 -19.76
CA ASN D 322 13.72 22.24 -20.08
C ASN D 322 12.97 23.08 -19.04
N LYS D 323 11.84 22.56 -18.57
CA LYS D 323 11.09 23.25 -17.54
C LYS D 323 11.82 23.31 -16.19
N ALA D 324 12.42 22.20 -15.81
CA ALA D 324 13.17 22.09 -14.56
C ALA D 324 14.34 23.07 -14.47
N ILE D 325 15.16 23.09 -15.52
CA ILE D 325 16.40 23.85 -15.51
C ILE D 325 16.20 25.36 -15.58
N GLU D 326 14.97 25.80 -15.82
CA GLU D 326 14.69 27.24 -15.87
C GLU D 326 15.13 27.91 -14.60
N VAL D 327 14.94 27.22 -13.48
CA VAL D 327 15.34 27.71 -12.16
C VAL D 327 16.84 27.84 -12.05
N ALA D 328 17.52 27.07 -12.90
CA ALA D 328 18.97 26.97 -12.85
C ALA D 328 19.59 27.97 -13.82
N GLY D 329 18.75 28.80 -14.42
CA GLY D 329 19.21 29.71 -15.45
C GLY D 329 19.39 28.94 -16.74
N SER D 330 18.67 27.83 -16.90
CA SER D 330 18.72 27.00 -18.11
C SER D 330 20.15 26.78 -18.64
N PRO D 331 21.05 26.20 -17.85
CA PRO D 331 22.35 25.90 -18.46
C PRO D 331 22.27 24.75 -19.47
N SER D 332 23.37 24.52 -20.18
CA SER D 332 23.45 23.42 -21.13
C SER D 332 23.52 22.10 -20.36
N TRP D 333 23.23 21.01 -21.05
CA TRP D 333 23.16 19.70 -20.41
C TRP D 333 24.44 19.29 -19.70
N ASN D 334 25.60 19.59 -20.29
CA ASN D 334 26.89 19.17 -19.75
C ASN D 334 27.42 20.07 -18.66
N ASP D 335 26.76 21.19 -18.39
CA ASP D 335 27.14 22.01 -17.24
C ASP D 335 26.36 21.64 -15.96
N LEU D 336 25.42 20.71 -16.10
CA LEU D 336 24.64 20.19 -14.98
C LEU D 336 25.23 18.89 -14.49
N PHE D 337 25.15 18.64 -13.18
CA PHE D 337 25.47 17.30 -12.68
C PHE D 337 24.17 16.50 -12.70
N TRP D 338 24.32 15.17 -12.72
CA TRP D 338 23.22 14.28 -13.02
C TRP D 338 23.16 13.13 -12.02
N CYS D 339 22.01 13.02 -11.35
CA CYS D 339 21.71 11.85 -10.55
C CYS D 339 20.48 11.20 -11.13
N VAL D 340 20.67 10.21 -11.99
CA VAL D 340 19.55 9.62 -12.71
C VAL D 340 19.33 8.19 -12.19
N HIS D 341 18.06 7.79 -12.09
CA HIS D 341 17.73 6.45 -11.64
C HIS D 341 18.35 5.41 -12.55
N PRO D 342 19.21 4.53 -12.01
CA PRO D 342 19.82 3.50 -12.86
C PRO D 342 18.80 2.42 -13.19
N GLY D 343 17.79 2.79 -13.97
CA GLY D 343 16.71 1.87 -14.32
C GLY D 343 17.23 0.72 -15.14
N GLY D 344 18.13 1.02 -16.07
CA GLY D 344 18.81 0.01 -16.87
C GLY D 344 20.02 0.62 -17.55
N ARG D 345 20.97 -0.21 -17.95
CA ARG D 345 22.13 0.28 -18.68
C ARG D 345 21.72 0.93 -20.01
N ALA D 346 20.72 0.36 -20.65
CA ALA D 346 20.26 0.86 -21.95
C ALA D 346 19.66 2.25 -21.86
N ILE D 347 18.80 2.46 -20.87
CA ILE D 347 18.13 3.74 -20.67
C ILE D 347 19.14 4.85 -20.43
N LEU D 348 20.15 4.54 -19.62
CA LEU D 348 21.21 5.50 -19.34
C LEU D 348 21.97 5.87 -20.62
N ASP D 349 22.31 4.86 -21.42
CA ASP D 349 23.03 5.07 -22.67
C ASP D 349 22.29 6.04 -23.59
N GLU D 350 21.00 5.83 -23.76
CA GLU D 350 20.19 6.69 -24.61
C GLU D 350 19.94 8.10 -24.06
N VAL D 351 19.82 8.23 -22.74
CA VAL D 351 19.57 9.55 -22.16
C VAL D 351 20.78 10.38 -22.50
N ALA D 352 21.94 9.75 -22.42
CA ALA D 352 23.20 10.39 -22.72
C ALA D 352 23.28 10.81 -24.20
N LYS D 353 22.85 9.96 -25.13
CA LYS D 353 22.91 10.32 -26.56
C LYS D 353 21.87 11.41 -26.92
N THR D 354 20.66 11.30 -26.39
CA THR D 354 19.63 12.32 -26.63
C THR D 354 20.11 13.70 -26.20
N LEU D 355 20.81 13.75 -25.07
CA LEU D 355 21.25 15.01 -24.50
C LEU D 355 22.71 15.30 -24.85
N SER D 356 23.34 14.38 -25.58
CA SER D 356 24.75 14.47 -25.92
C SER D 356 25.62 14.79 -24.71
N LEU D 357 25.49 13.98 -23.66
CA LEU D 357 26.24 14.20 -22.44
C LEU D 357 27.63 13.64 -22.58
N LYS D 358 28.62 14.32 -22.00
CA LYS D 358 29.95 13.76 -21.92
C LYS D 358 29.90 12.50 -21.09
N PRO D 359 30.75 11.51 -21.41
CA PRO D 359 30.74 10.21 -20.72
C PRO D 359 30.91 10.29 -19.20
N GLU D 360 31.53 11.36 -18.72
CA GLU D 360 31.81 11.53 -17.30
C GLU D 360 30.54 11.82 -16.51
N LYS D 361 29.52 12.28 -17.21
CA LYS D 361 28.32 12.81 -16.58
C LYS D 361 27.51 11.81 -15.76
N LEU D 362 27.35 10.61 -16.31
CA LEU D 362 26.55 9.56 -15.70
C LEU D 362 27.38 8.56 -14.91
N GLU D 363 28.62 8.92 -14.58
CA GLU D 363 29.52 8.02 -13.86
C GLU D 363 29.01 7.73 -12.46
N ALA D 364 28.65 8.75 -11.70
CA ALA D 364 28.08 8.52 -10.37
C ALA D 364 26.89 7.56 -10.45
N THR D 365 26.06 7.72 -11.47
CA THR D 365 24.92 6.83 -11.66
C THR D 365 25.37 5.38 -11.94
N ARG D 366 26.31 5.24 -12.87
CA ARG D 366 26.81 3.93 -13.26
C ARG D 366 27.57 3.24 -12.11
N ASP D 367 28.21 4.03 -11.27
CA ASP D 367 28.87 3.52 -10.07
C ASP D 367 27.88 2.72 -9.23
N ILE D 368 26.68 3.29 -9.07
CA ILE D 368 25.65 2.67 -8.24
C ILE D 368 25.08 1.43 -8.92
N LEU D 369 24.78 1.55 -10.21
CA LEU D 369 24.31 0.41 -10.97
C LEU D 369 25.36 -0.71 -10.89
N TYR D 370 26.62 -0.34 -11.03
CA TYR D 370 27.69 -1.32 -11.01
C TYR D 370 27.84 -2.02 -9.66
N ASN D 371 27.85 -1.24 -8.59
CA ASN D 371 28.13 -1.78 -7.26
C ASN D 371 26.95 -2.30 -6.45
N TYR D 372 25.73 -1.91 -6.83
CA TYR D 372 24.55 -2.27 -6.03
C TYR D 372 23.36 -2.77 -6.86
N GLY D 373 23.41 -2.55 -8.17
CA GLY D 373 22.28 -2.93 -9.01
C GLY D 373 21.15 -1.91 -8.95
N ASN D 374 19.96 -2.32 -9.42
CA ASN D 374 18.79 -1.44 -9.37
C ASN D 374 18.00 -1.67 -8.10
N MET D 375 18.07 -0.72 -7.16
CA MET D 375 17.43 -0.88 -5.86
C MET D 375 16.13 -0.11 -5.78
N SER D 376 15.42 -0.11 -6.89
CA SER D 376 14.16 0.59 -7.02
C SER D 376 14.35 2.05 -6.58
N GLY D 377 13.41 2.56 -5.80
CA GLY D 377 13.45 3.96 -5.41
C GLY D 377 14.71 4.39 -4.68
N ALA D 378 15.38 3.45 -4.01
CA ALA D 378 16.53 3.83 -3.19
C ALA D 378 17.75 4.26 -4.01
N SER D 379 17.84 3.79 -5.24
CA SER D 379 19.09 3.92 -6.01
C SER D 379 19.54 5.35 -6.22
N VAL D 380 18.62 6.24 -6.57
CA VAL D 380 19.02 7.58 -6.90
C VAL D 380 19.53 8.28 -5.64
N LEU D 381 19.06 7.85 -4.47
CA LEU D 381 19.58 8.44 -3.24
C LEU D 381 21.02 7.99 -3.02
N PHE D 382 21.31 6.73 -3.33
CA PHE D 382 22.69 6.26 -3.38
C PHE D 382 23.52 7.13 -4.32
N VAL D 383 22.98 7.42 -5.50
CA VAL D 383 23.69 8.24 -6.49
C VAL D 383 24.02 9.61 -5.94
N LEU D 384 23.03 10.23 -5.31
CA LEU D 384 23.26 11.52 -4.66
C LEU D 384 24.39 11.43 -3.64
N ASP D 385 24.46 10.34 -2.90
CA ASP D 385 25.54 10.13 -1.94
C ASP D 385 26.88 9.96 -2.65
N GLN D 386 26.88 9.15 -3.70
CA GLN D 386 28.09 8.91 -4.46
C GLN D 386 28.63 10.19 -5.11
N MET D 387 27.72 11.07 -5.52
CA MET D 387 28.07 12.35 -6.15
C MET D 387 28.89 13.24 -5.20
N ARG D 388 28.46 13.35 -3.95
CA ARG D 388 29.20 14.13 -2.95
C ARG D 388 30.54 13.45 -2.63
N ARG D 389 30.56 12.12 -2.70
CA ARG D 389 31.77 11.35 -2.39
C ARG D 389 32.81 11.51 -3.48
N ARG D 390 32.37 11.41 -4.72
CA ARG D 390 33.28 11.64 -5.84
C ARG D 390 33.88 13.04 -5.72
N SER D 391 33.03 13.99 -5.34
CA SER D 391 33.46 15.37 -5.19
C SER D 391 34.43 15.58 -4.03
N ALA D 392 34.28 14.80 -2.97
CA ALA D 392 35.19 14.93 -1.86
C ALA D 392 36.52 14.36 -2.29
N GLU D 393 36.46 13.17 -2.90
CA GLU D 393 37.64 12.45 -3.35
C GLU D 393 38.44 13.19 -4.43
N LYS D 394 37.74 13.84 -5.36
CA LYS D 394 38.41 14.60 -6.42
C LYS D 394 38.82 16.01 -6.00
N LYS D 395 38.48 16.39 -4.77
CA LYS D 395 38.67 17.76 -4.30
C LYS D 395 38.00 18.70 -5.30
N SER D 396 36.79 18.35 -5.73
CA SER D 396 36.02 19.18 -6.65
C SER D 396 35.61 20.48 -5.97
N ARG D 397 35.20 21.46 -6.77
CA ARG D 397 34.82 22.78 -6.24
C ARG D 397 33.40 22.81 -5.66
N THR D 398 32.55 21.87 -6.07
CA THR D 398 31.21 21.72 -5.51
C THR D 398 30.93 20.27 -5.16
N THR D 399 29.87 20.03 -4.42
CA THR D 399 29.45 18.67 -4.14
C THR D 399 28.85 18.02 -5.37
N GLY D 400 28.73 18.78 -6.46
CA GLY D 400 28.22 18.25 -7.72
C GLY D 400 29.33 18.06 -8.73
N GLU D 401 30.49 17.65 -8.24
CA GLU D 401 31.71 17.48 -9.03
C GLU D 401 32.14 18.77 -9.73
N GLY D 402 31.94 19.91 -9.07
CA GLY D 402 32.32 21.18 -9.65
C GLY D 402 31.20 21.93 -10.31
N CYS D 403 30.12 21.24 -10.70
CA CYS D 403 28.95 21.91 -11.30
C CYS D 403 28.13 22.69 -10.28
N GLU D 404 27.48 23.75 -10.74
CA GLU D 404 26.67 24.58 -9.85
C GLU D 404 25.25 24.01 -9.67
N TRP D 405 24.64 23.54 -10.77
CA TRP D 405 23.28 22.99 -10.72
C TRP D 405 23.25 21.54 -11.22
N GLY D 406 22.24 20.79 -10.77
CA GLY D 406 22.03 19.42 -11.22
C GLY D 406 20.59 18.93 -11.16
N LEU D 407 20.35 17.76 -11.74
CA LEU D 407 19.00 17.20 -11.75
C LEU D 407 18.97 15.84 -11.09
N VAL D 408 17.97 15.63 -10.24
CA VAL D 408 17.64 14.28 -9.81
C VAL D 408 16.44 13.82 -10.63
N VAL D 409 16.58 12.65 -11.27
CA VAL D 409 15.58 12.16 -12.19
C VAL D 409 15.14 10.75 -11.84
N GLY D 410 13.85 10.58 -11.60
CA GLY D 410 13.31 9.25 -11.38
C GLY D 410 12.24 8.92 -12.39
N PHE D 411 12.04 7.64 -12.67
CA PHE D 411 10.96 7.28 -13.59
C PHE D 411 10.34 5.94 -13.21
N GLY D 412 9.09 5.73 -13.60
CA GLY D 412 8.37 4.53 -13.22
C GLY D 412 6.97 4.50 -13.80
N PRO D 413 6.06 3.74 -13.17
CA PRO D 413 4.70 3.46 -13.64
C PRO D 413 3.89 4.69 -14.01
N GLY D 414 2.97 4.47 -14.95
CA GLY D 414 2.17 5.51 -15.56
C GLY D 414 2.98 6.08 -16.70
N LEU D 415 4.26 5.74 -16.64
CA LEU D 415 5.35 6.50 -17.22
C LEU D 415 5.29 7.88 -16.64
N THR D 416 5.78 7.91 -15.41
CA THR D 416 5.97 9.10 -14.62
C THR D 416 7.44 9.41 -14.65
N VAL D 417 7.76 10.67 -14.87
CA VAL D 417 9.12 11.14 -14.72
C VAL D 417 9.09 12.15 -13.60
N GLU D 418 9.96 11.95 -12.61
CA GLU D 418 10.08 12.86 -11.48
C GLU D 418 11.41 13.60 -11.57
N VAL D 419 11.39 14.91 -11.34
CA VAL D 419 12.61 15.71 -11.44
C VAL D 419 12.69 16.70 -10.29
N SER D 420 13.84 16.75 -9.65
CA SER D 420 14.15 17.87 -8.78
C SER D 420 15.40 18.56 -9.25
N VAL D 421 15.41 19.88 -9.11
CA VAL D 421 16.59 20.65 -9.41
C VAL D 421 17.30 20.92 -8.11
N LEU D 422 18.56 20.54 -8.10
CA LEU D 422 19.40 20.66 -6.93
C LEU D 422 20.48 21.67 -7.20
N ARG D 423 20.77 22.48 -6.21
CA ARG D 423 21.97 23.30 -6.24
C ARG D 423 23.04 22.62 -5.40
N ALA D 424 24.21 22.38 -6.00
CA ALA D 424 25.34 21.83 -5.25
C ALA D 424 25.92 22.88 -4.30
N ILE D 425 26.74 22.43 -3.38
CA ILE D 425 27.34 23.31 -2.38
C ILE D 425 28.85 23.39 -2.58
N ALA D 426 29.41 24.58 -2.43
CA ALA D 426 30.86 24.76 -2.56
C ALA D 426 31.58 24.01 -1.44
N THR D 427 32.61 23.26 -1.82
CA THR D 427 33.34 22.40 -0.90
C THR D 427 34.45 23.13 -0.15
N GLY D 428 34.97 24.18 -0.78
CA GLY D 428 36.08 24.94 -0.23
C GLY D 428 37.39 24.51 -0.87
N HIS D 429 37.31 23.58 -1.81
CA HIS D 429 38.48 23.11 -2.55
C HIS D 429 38.65 23.96 -3.79
N TYR E 46 -49.75 30.33 -15.63
CA TYR E 46 -49.24 31.54 -16.30
C TYR E 46 -49.93 31.71 -17.67
N LYS E 47 -49.36 32.53 -18.56
CA LYS E 47 -50.05 32.82 -19.83
C LYS E 47 -50.22 31.60 -20.77
N HIS E 48 -49.49 30.52 -20.48
CA HIS E 48 -49.70 29.26 -21.18
C HIS E 48 -51.02 28.62 -20.76
N ARG E 49 -51.83 28.23 -21.74
CA ARG E 49 -53.17 27.74 -21.44
C ARG E 49 -53.24 26.20 -21.34
N ARG E 50 -53.56 25.73 -20.13
CA ARG E 50 -53.69 24.28 -19.87
C ARG E 50 -55.09 23.78 -20.19
N ALA E 51 -55.24 22.47 -20.26
CA ALA E 51 -56.57 21.90 -20.32
C ALA E 51 -57.08 21.75 -18.89
N ALA E 52 -58.38 21.52 -18.73
CA ALA E 52 -58.97 21.52 -17.40
C ALA E 52 -59.10 20.10 -16.83
N GLY E 53 -59.57 19.17 -17.65
CA GLY E 53 -59.91 17.85 -17.15
C GLY E 53 -58.90 16.75 -17.48
N PRO E 54 -59.21 15.53 -17.01
CA PRO E 54 -58.32 14.37 -17.21
C PRO E 54 -58.22 13.94 -18.65
N ALA E 55 -57.02 13.51 -19.01
CA ALA E 55 -56.76 13.01 -20.34
C ALA E 55 -57.75 11.90 -20.63
N THR E 56 -58.40 11.98 -21.78
CA THR E 56 -59.49 11.05 -22.10
C THR E 56 -59.20 10.32 -23.38
N VAL E 57 -59.41 9.01 -23.35
CA VAL E 57 -59.33 8.18 -24.55
C VAL E 57 -60.61 8.40 -25.38
N LEU E 58 -60.46 8.94 -26.58
CA LEU E 58 -61.63 9.31 -27.35
C LEU E 58 -61.91 8.34 -28.50
N ALA E 59 -60.97 7.41 -28.73
CA ALA E 59 -61.05 6.46 -29.83
C ALA E 59 -59.93 5.45 -29.76
N ILE E 60 -60.20 4.23 -30.22
CA ILE E 60 -59.18 3.17 -30.29
C ILE E 60 -59.28 2.36 -31.58
N GLY E 61 -58.21 2.39 -32.38
CA GLY E 61 -58.14 1.62 -33.60
C GLY E 61 -57.02 0.61 -33.49
N LYS E 62 -57.11 -0.45 -34.29
CA LYS E 62 -56.12 -1.50 -34.27
C LYS E 62 -55.97 -2.03 -35.71
N ALA E 63 -54.88 -2.73 -35.98
CA ALA E 63 -54.68 -3.39 -37.26
C ALA E 63 -53.68 -4.52 -37.07
N THR E 64 -53.76 -5.53 -37.94
CA THR E 64 -52.77 -6.59 -38.02
C THR E 64 -52.45 -6.84 -39.47
N PRO E 65 -51.27 -7.40 -39.74
CA PRO E 65 -51.05 -7.93 -41.09
C PRO E 65 -52.17 -8.92 -41.43
N PRO E 66 -52.44 -9.09 -42.74
CA PRO E 66 -53.55 -9.95 -43.16
C PRO E 66 -53.35 -11.44 -42.91
N THR E 67 -52.14 -11.96 -43.08
CA THR E 67 -51.96 -13.41 -43.09
C THR E 67 -52.03 -14.03 -41.70
N ALA E 68 -53.03 -14.89 -41.50
CA ALA E 68 -53.23 -15.55 -40.22
C ALA E 68 -52.49 -16.87 -40.14
N TYR E 69 -51.99 -17.18 -38.94
CA TYR E 69 -51.30 -18.45 -38.68
C TYR E 69 -51.96 -19.15 -37.51
N SER E 70 -52.60 -20.30 -37.75
CA SER E 70 -53.18 -21.06 -36.65
C SER E 70 -52.07 -21.59 -35.71
N GLN E 71 -52.25 -21.45 -34.40
CA GLN E 71 -51.19 -21.87 -33.49
C GLN E 71 -50.91 -23.37 -33.58
N SER E 72 -51.95 -24.20 -33.71
CA SER E 72 -51.77 -25.66 -33.80
C SER E 72 -50.92 -26.08 -34.98
N GLU E 73 -50.96 -25.29 -36.04
CA GLU E 73 -50.22 -25.59 -37.25
C GLU E 73 -48.86 -24.91 -37.28
N TYR E 74 -48.58 -24.11 -36.26
CA TYR E 74 -47.38 -23.30 -36.33
C TYR E 74 -46.06 -24.08 -36.21
N PRO E 75 -45.97 -25.04 -35.25
CA PRO E 75 -44.67 -25.73 -35.16
C PRO E 75 -44.28 -26.45 -36.46
N ASP E 76 -45.27 -27.05 -37.13
CA ASP E 76 -45.05 -27.55 -38.48
C ASP E 76 -44.50 -26.45 -39.38
N PHE E 77 -45.27 -25.37 -39.57
CA PHE E 77 -44.81 -24.28 -40.41
C PHE E 77 -43.46 -23.72 -39.99
N PHE E 78 -43.32 -23.45 -38.70
CA PHE E 78 -42.14 -22.78 -38.16
C PHE E 78 -40.85 -23.58 -38.33
N PHE E 79 -40.89 -24.85 -37.94
CA PHE E 79 -39.71 -25.69 -38.02
C PHE E 79 -39.29 -26.06 -39.44
N ASP E 80 -40.25 -26.09 -40.36
CA ASP E 80 -39.95 -26.30 -41.78
C ASP E 80 -39.30 -25.09 -42.50
N ILE E 81 -39.88 -23.89 -42.40
CA ILE E 81 -39.34 -22.71 -43.08
C ILE E 81 -37.94 -22.33 -42.55
N THR E 82 -37.67 -22.73 -41.31
CA THR E 82 -36.37 -22.50 -40.69
C THR E 82 -35.42 -23.68 -40.90
N ASN E 83 -35.90 -24.69 -41.61
CA ASN E 83 -35.11 -25.87 -41.95
C ASN E 83 -34.62 -26.63 -40.72
N THR E 84 -35.51 -26.81 -39.75
CA THR E 84 -35.11 -27.41 -38.48
C THR E 84 -36.03 -28.54 -38.04
N SER E 85 -36.82 -29.09 -38.97
CA SER E 85 -37.79 -30.13 -38.63
C SER E 85 -37.12 -31.46 -38.30
N HIS E 86 -35.78 -31.51 -38.39
CA HIS E 86 -35.03 -32.71 -38.03
C HIS E 86 -34.67 -32.75 -36.55
N LYS E 87 -34.92 -31.66 -35.84
CA LYS E 87 -34.68 -31.57 -34.41
C LYS E 87 -35.92 -32.13 -33.71
N THR E 88 -36.16 -33.42 -33.86
CA THR E 88 -37.41 -34.03 -33.44
C THR E 88 -37.90 -33.67 -32.04
N GLU E 89 -37.04 -33.74 -31.01
CA GLU E 89 -37.55 -33.47 -29.67
C GLU E 89 -37.62 -31.96 -29.40
N LEU E 90 -36.77 -31.17 -30.05
CA LEU E 90 -36.93 -29.72 -29.97
C LEU E 90 -38.32 -29.33 -30.52
N LYS E 91 -38.69 -29.87 -31.68
CA LYS E 91 -39.98 -29.56 -32.28
C LYS E 91 -41.08 -30.08 -31.37
N ALA E 92 -40.77 -31.10 -30.58
CA ALA E 92 -41.75 -31.65 -29.65
C ALA E 92 -41.91 -30.72 -28.47
N LYS E 93 -40.82 -30.06 -28.13
CA LYS E 93 -40.79 -29.12 -27.01
C LYS E 93 -41.43 -27.76 -27.39
N PHE E 94 -41.15 -27.26 -28.58
CA PHE E 94 -41.76 -26.04 -29.00
C PHE E 94 -43.22 -26.23 -29.13
N ALA E 95 -43.62 -27.40 -29.54
CA ALA E 95 -45.01 -27.67 -29.75
C ALA E 95 -45.78 -27.72 -28.49
N ARG E 96 -45.15 -28.02 -27.38
CA ARG E 96 -45.91 -28.06 -26.14
C ARG E 96 -46.10 -26.66 -25.55
N ILE E 97 -45.17 -25.77 -25.80
CA ILE E 97 -45.31 -24.39 -25.40
C ILE E 97 -46.44 -23.77 -26.15
N CYS E 98 -46.52 -24.08 -27.42
CA CYS E 98 -47.59 -23.58 -28.24
C CYS E 98 -48.92 -24.09 -27.70
N LYS E 99 -48.96 -25.36 -27.35
CA LYS E 99 -50.20 -25.96 -26.89
C LYS E 99 -50.63 -25.37 -25.54
N ASN E 100 -49.67 -24.80 -24.82
CA ASN E 100 -49.96 -24.26 -23.50
C ASN E 100 -49.87 -22.73 -23.42
N SER E 101 -49.74 -22.09 -24.59
CA SER E 101 -49.52 -20.64 -24.62
C SER E 101 -50.80 -19.81 -24.48
N GLY E 102 -51.97 -20.43 -24.65
CA GLY E 102 -53.20 -19.68 -24.56
C GLY E 102 -53.43 -18.88 -25.82
N ILE E 103 -52.68 -19.23 -26.86
CA ILE E 103 -52.75 -18.54 -28.14
C ILE E 103 -53.41 -19.39 -29.22
N ASN E 104 -54.42 -18.83 -29.87
CA ASN E 104 -55.08 -19.54 -30.95
C ASN E 104 -54.62 -19.08 -32.31
N THR E 105 -54.37 -17.78 -32.45
CA THR E 105 -54.06 -17.18 -33.74
C THR E 105 -53.06 -16.04 -33.61
N ARG E 106 -52.11 -15.96 -34.54
CA ARG E 106 -51.25 -14.78 -34.64
C ARG E 106 -51.21 -14.28 -36.09
N TYR E 107 -50.82 -13.02 -36.27
CA TYR E 107 -50.72 -12.46 -37.61
C TYR E 107 -49.29 -12.04 -37.91
N PHE E 108 -48.82 -12.32 -39.13
CA PHE E 108 -47.45 -11.99 -39.49
C PHE E 108 -47.36 -11.33 -40.86
N HIS E 109 -46.61 -10.24 -40.92
CA HIS E 109 -46.29 -9.60 -42.19
C HIS E 109 -45.22 -10.40 -42.94
N CYS E 110 -44.28 -10.95 -42.18
CA CYS E 110 -43.21 -11.71 -42.81
C CYS E 110 -43.71 -13.09 -43.15
N THR E 111 -44.31 -13.19 -44.32
CA THR E 111 -44.83 -14.46 -44.80
C THR E 111 -43.67 -15.30 -45.38
N GLU E 112 -43.95 -16.56 -45.64
CA GLU E 112 -42.92 -17.47 -46.16
C GLU E 112 -42.24 -16.89 -47.39
N ASP E 113 -43.00 -16.28 -48.30
CA ASP E 113 -42.42 -15.66 -49.50
C ASP E 113 -41.50 -14.49 -49.10
N ILE E 114 -41.91 -13.72 -48.10
CA ILE E 114 -41.04 -12.67 -47.58
C ILE E 114 -39.84 -13.30 -46.89
N LEU E 115 -40.10 -14.36 -46.13
CA LEU E 115 -39.05 -15.09 -45.44
C LEU E 115 -38.07 -15.75 -46.42
N LYS E 116 -38.58 -16.28 -47.53
CA LYS E 116 -37.74 -16.92 -48.54
C LYS E 116 -36.92 -15.92 -49.36
N ALA E 117 -37.39 -14.67 -49.42
CA ALA E 117 -36.63 -13.57 -50.03
C ALA E 117 -35.55 -13.00 -49.10
N ASN E 118 -35.58 -13.41 -47.83
CA ASN E 118 -34.58 -12.94 -46.87
C ASN E 118 -34.00 -14.08 -46.03
N PRO E 119 -33.18 -14.93 -46.66
CA PRO E 119 -32.78 -16.23 -46.10
C PRO E 119 -32.02 -16.12 -44.79
N SER E 120 -31.40 -14.96 -44.55
CA SER E 120 -30.68 -14.73 -43.30
C SER E 120 -31.61 -14.76 -42.07
N MET E 121 -32.87 -14.39 -42.27
CA MET E 121 -33.84 -14.40 -41.18
C MET E 121 -34.32 -15.80 -40.80
N CYS E 122 -34.10 -16.78 -41.68
CA CYS E 122 -34.53 -18.15 -41.40
C CYS E 122 -33.42 -18.97 -40.76
N THR E 123 -32.26 -18.35 -40.56
CA THR E 123 -31.17 -19.00 -39.84
C THR E 123 -31.30 -18.70 -38.35
N TYR E 124 -30.30 -19.11 -37.58
CA TYR E 124 -30.31 -18.88 -36.13
C TYR E 124 -29.66 -17.54 -35.79
N LEU E 125 -28.37 -17.43 -36.07
CA LEU E 125 -27.61 -16.27 -35.65
C LEU E 125 -26.71 -15.74 -36.79
N GLU E 126 -27.11 -15.97 -38.03
CA GLU E 126 -26.37 -15.41 -39.15
C GLU E 126 -26.60 -13.90 -39.21
N PRO E 127 -25.65 -13.14 -39.81
CA PRO E 127 -25.89 -11.70 -39.98
C PRO E 127 -27.20 -11.44 -40.73
N SER E 128 -28.08 -10.64 -40.14
CA SER E 128 -29.41 -10.45 -40.72
C SER E 128 -30.01 -9.09 -40.41
N LEU E 129 -29.31 -8.28 -39.62
CA LEU E 129 -29.89 -7.02 -39.17
C LEU E 129 -30.38 -6.13 -40.30
N ASP E 130 -29.55 -5.98 -41.33
CA ASP E 130 -29.86 -5.09 -42.45
C ASP E 130 -31.19 -5.41 -43.13
N VAL E 131 -31.51 -6.69 -43.33
CA VAL E 131 -32.77 -7.02 -44.00
C VAL E 131 -33.96 -6.90 -43.06
N ARG E 132 -33.73 -7.08 -41.76
CA ARG E 132 -34.78 -6.88 -40.77
C ARG E 132 -35.06 -5.40 -40.62
N GLN E 133 -33.99 -4.62 -40.66
CA GLN E 133 -34.12 -3.18 -40.56
C GLN E 133 -34.95 -2.68 -41.73
N ASP E 134 -34.60 -3.15 -42.93
CA ASP E 134 -35.27 -2.75 -44.16
C ASP E 134 -36.79 -2.98 -44.14
N ILE E 135 -37.24 -4.15 -43.71
CA ILE E 135 -38.68 -4.45 -43.60
C ILE E 135 -39.36 -3.61 -42.52
N ALA E 136 -38.76 -3.60 -41.33
CA ALA E 136 -39.36 -2.97 -40.15
C ALA E 136 -39.52 -1.46 -40.30
N ILE E 137 -38.49 -0.78 -40.78
CA ILE E 137 -38.52 0.67 -40.96
C ILE E 137 -39.64 1.03 -41.93
N ARG E 138 -39.84 0.13 -42.88
CA ARG E 138 -40.85 0.32 -43.89
C ARG E 138 -42.26 0.00 -43.42
N GLU E 139 -42.44 -1.17 -42.79
CA GLU E 139 -43.78 -1.64 -42.42
C GLU E 139 -44.38 -1.13 -41.09
N VAL E 140 -43.53 -0.80 -40.13
CA VAL E 140 -44.02 -0.37 -38.82
C VAL E 140 -44.91 0.88 -38.93
N PRO E 141 -44.45 1.95 -39.61
CA PRO E 141 -45.38 3.09 -39.72
C PRO E 141 -46.61 2.80 -40.61
N ARG E 142 -46.47 1.90 -41.59
CA ARG E 142 -47.66 1.57 -42.39
C ARG E 142 -48.72 0.77 -41.63
N LEU E 143 -48.32 -0.10 -40.73
CA LEU E 143 -49.30 -0.80 -39.91
C LEU E 143 -49.93 0.22 -38.98
N ALA E 144 -49.12 1.15 -38.50
CA ALA E 144 -49.63 2.21 -37.66
C ALA E 144 -50.67 3.03 -38.43
N GLU E 145 -50.40 3.29 -39.71
CA GLU E 145 -51.38 4.06 -40.52
C GLU E 145 -52.75 3.37 -40.61
N LYS E 146 -52.75 2.05 -40.82
CA LYS E 146 -54.03 1.33 -40.94
C LYS E 146 -54.78 1.41 -39.62
N ALA E 147 -54.06 1.30 -38.50
CA ALA E 147 -54.72 1.43 -37.21
C ALA E 147 -55.13 2.88 -36.95
N ALA E 148 -54.26 3.83 -37.30
CA ALA E 148 -54.60 5.25 -37.17
C ALA E 148 -55.82 5.66 -38.01
N ILE E 149 -55.92 5.13 -39.22
CA ILE E 149 -57.06 5.45 -40.07
C ILE E 149 -58.37 5.10 -39.37
N GLU E 150 -58.40 3.92 -38.75
CA GLU E 150 -59.58 3.47 -38.04
C GLU E 150 -59.85 4.29 -36.77
N ALA E 151 -58.80 4.58 -36.00
CA ALA E 151 -58.94 5.44 -34.82
C ALA E 151 -59.40 6.84 -35.23
N LEU E 152 -58.79 7.41 -36.26
CA LEU E 152 -59.23 8.75 -36.70
C LEU E 152 -60.69 8.77 -37.14
N ALA E 153 -61.15 7.73 -37.83
CA ALA E 153 -62.55 7.65 -38.26
C ALA E 153 -63.50 7.52 -37.08
N GLU E 154 -63.11 6.75 -36.07
CA GLU E 154 -63.96 6.60 -34.88
C GLU E 154 -64.10 7.94 -34.15
N TRP E 155 -63.01 8.68 -34.07
CA TRP E 155 -62.99 9.98 -33.41
C TRP E 155 -63.90 10.98 -34.13
N GLY E 156 -63.82 10.97 -35.46
CA GLY E 156 -64.72 11.71 -36.31
C GLY E 156 -64.37 13.17 -36.58
N GLN E 157 -63.19 13.60 -36.17
CA GLN E 157 -62.81 15.00 -36.31
C GLN E 157 -61.76 15.17 -37.41
N PRO E 158 -61.65 16.39 -37.99
CA PRO E 158 -60.62 16.64 -38.99
C PRO E 158 -59.21 16.31 -38.47
N ARG E 159 -58.38 15.74 -39.33
CA ARG E 159 -57.04 15.34 -38.95
C ARG E 159 -56.19 16.53 -38.52
N ASP E 160 -56.52 17.72 -39.00
CA ASP E 160 -55.68 18.89 -38.71
C ASP E 160 -55.88 19.37 -37.28
N GLN E 161 -56.69 18.66 -36.55
CA GLN E 161 -56.93 18.97 -35.18
C GLN E 161 -56.11 18.08 -34.28
N ILE E 162 -55.32 17.22 -34.90
CA ILE E 162 -54.30 16.47 -34.19
C ILE E 162 -53.14 17.40 -33.96
N THR E 163 -52.68 17.50 -32.71
CA THR E 163 -51.63 18.43 -32.29
C THR E 163 -50.35 17.73 -31.86
N HIS E 164 -50.50 16.49 -31.39
CA HIS E 164 -49.37 15.70 -30.90
C HIS E 164 -49.36 14.29 -31.44
N VAL E 165 -48.18 13.70 -31.53
CA VAL E 165 -48.08 12.31 -31.93
C VAL E 165 -47.16 11.61 -30.97
N VAL E 166 -47.61 10.48 -30.43
CA VAL E 166 -46.74 9.61 -29.66
C VAL E 166 -46.65 8.27 -30.37
N PHE E 167 -45.44 7.79 -30.62
CA PHE E 167 -45.26 6.55 -31.35
C PHE E 167 -44.19 5.72 -30.60
N ALA E 168 -44.52 4.50 -30.25
CA ALA E 168 -43.54 3.58 -29.67
C ALA E 168 -43.41 2.34 -30.55
N THR E 169 -42.20 1.82 -30.69
CA THR E 169 -42.03 0.52 -31.35
C THR E 169 -40.79 -0.16 -30.74
N THR E 170 -40.71 -1.48 -30.85
CA THR E 170 -39.55 -2.20 -30.37
C THR E 170 -38.83 -2.81 -31.56
N SER E 171 -39.38 -2.57 -32.74
CA SER E 171 -38.82 -3.21 -33.91
C SER E 171 -38.25 -2.21 -34.88
N GLY E 172 -36.93 -2.04 -34.80
CA GLY E 172 -36.21 -1.25 -35.77
C GLY E 172 -36.05 0.20 -35.38
N VAL E 173 -35.03 0.84 -35.93
CA VAL E 173 -34.80 2.24 -35.67
C VAL E 173 -34.33 2.95 -36.93
N ASN E 174 -34.77 4.19 -37.10
CA ASN E 174 -34.39 4.93 -38.28
C ASN E 174 -34.40 6.39 -37.98
N MET E 175 -33.66 7.14 -38.79
CA MET E 175 -33.65 8.59 -38.72
C MET E 175 -33.89 9.10 -40.13
N PRO E 176 -35.01 9.79 -40.35
CA PRO E 176 -36.01 10.18 -39.34
C PRO E 176 -36.88 9.00 -38.89
N GLY E 177 -37.66 9.21 -37.82
CA GLY E 177 -38.44 8.14 -37.20
C GLY E 177 -39.73 7.76 -37.88
N ALA E 178 -40.33 6.67 -37.41
CA ALA E 178 -41.66 6.23 -37.85
C ALA E 178 -42.72 7.26 -37.52
N ASP E 179 -42.49 8.06 -36.48
CA ASP E 179 -43.41 9.13 -36.10
C ASP E 179 -43.56 10.16 -37.23
N LEU E 180 -42.43 10.55 -37.81
CA LEU E 180 -42.42 11.50 -38.91
C LEU E 180 -42.99 10.85 -40.17
N THR E 181 -42.57 9.61 -40.45
CA THR E 181 -43.11 8.90 -41.59
C THR E 181 -44.62 8.80 -41.48
N LEU E 182 -45.11 8.44 -40.30
CA LEU E 182 -46.55 8.30 -40.08
C LEU E 182 -47.28 9.64 -40.25
N THR E 183 -46.63 10.73 -39.83
CA THR E 183 -47.18 12.07 -39.97
C THR E 183 -47.42 12.45 -41.44
N ARG E 184 -46.44 12.18 -42.28
CA ARG E 184 -46.58 12.41 -43.70
C ARG E 184 -47.68 11.57 -44.30
N LEU E 185 -47.73 10.29 -43.96
CA LEU E 185 -48.71 9.39 -44.55
C LEU E 185 -50.14 9.79 -44.26
N LEU E 186 -50.40 10.22 -43.03
CA LEU E 186 -51.75 10.60 -42.62
C LEU E 186 -52.12 12.00 -43.06
N GLY E 187 -51.15 12.75 -43.56
CA GLY E 187 -51.33 14.15 -43.90
C GLY E 187 -51.65 15.05 -42.70
N LEU E 188 -51.02 14.77 -41.56
CA LEU E 188 -51.18 15.57 -40.34
C LEU E 188 -50.48 16.93 -40.49
N ASN E 189 -50.86 17.89 -39.66
CA ASN E 189 -50.23 19.21 -39.65
C ASN E 189 -48.72 19.11 -39.46
N PRO E 190 -47.93 19.84 -40.26
CA PRO E 190 -46.47 19.74 -40.17
C PRO E 190 -45.92 20.18 -38.81
N ASN E 191 -46.73 20.85 -38.00
CA ASN E 191 -46.28 21.35 -36.70
C ASN E 191 -46.68 20.47 -35.52
N VAL E 192 -47.06 19.22 -35.79
CA VAL E 192 -47.42 18.32 -34.71
C VAL E 192 -46.19 18.07 -33.82
N LYS E 193 -46.41 18.03 -32.52
CA LYS E 193 -45.33 17.81 -31.55
C LYS E 193 -45.17 16.32 -31.35
N ARG E 194 -44.02 15.80 -31.75
CA ARG E 194 -43.79 14.38 -31.87
C ARG E 194 -42.88 13.81 -30.77
N THR E 195 -43.29 12.71 -30.16
CA THR E 195 -42.45 11.96 -29.23
C THR E 195 -42.27 10.55 -29.74
N MET E 196 -41.05 10.27 -30.18
CA MET E 196 -40.72 8.99 -30.79
C MET E 196 -39.91 8.11 -29.79
N LEU E 197 -40.51 6.97 -29.45
CA LEU E 197 -40.02 6.07 -28.41
C LEU E 197 -39.55 4.74 -28.99
N TYR E 198 -38.30 4.70 -29.44
CA TYR E 198 -37.75 3.51 -30.06
C TYR E 198 -37.29 2.52 -29.01
N GLN E 199 -37.32 1.23 -29.36
CA GLN E 199 -36.80 0.18 -28.50
C GLN E 199 -37.46 0.24 -27.13
N GLN E 200 -38.78 0.33 -27.12
CA GLN E 200 -39.48 0.62 -25.88
C GLN E 200 -39.70 -0.61 -25.02
N GLY E 201 -40.13 -1.70 -25.63
CA GLY E 201 -40.37 -2.93 -24.88
C GLY E 201 -41.82 -3.22 -24.65
N CYS E 202 -42.07 -4.38 -24.03
CA CYS E 202 -43.42 -4.91 -23.86
C CYS E 202 -44.31 -3.99 -23.00
N PHE E 203 -43.73 -3.05 -22.26
CA PHE E 203 -44.54 -2.13 -21.47
C PHE E 203 -44.87 -0.86 -22.28
N GLY E 204 -44.51 -0.87 -23.56
CA GLY E 204 -44.71 0.29 -24.41
C GLY E 204 -46.14 0.80 -24.57
N GLY E 205 -47.13 -0.10 -24.55
CA GLY E 205 -48.51 0.34 -24.61
C GLY E 205 -48.91 1.13 -23.38
N ALA E 206 -48.52 0.67 -22.20
CA ALA E 206 -48.79 1.44 -20.99
C ALA E 206 -48.01 2.75 -20.98
N THR E 207 -46.78 2.71 -21.47
CA THR E 207 -45.96 3.93 -21.57
C THR E 207 -46.64 5.06 -22.35
N VAL E 208 -47.14 4.77 -23.54
CA VAL E 208 -47.70 5.83 -24.38
C VAL E 208 -48.93 6.47 -23.72
N LEU E 209 -49.65 5.71 -22.91
CA LEU E 209 -50.74 6.33 -22.14
C LEU E 209 -50.16 7.38 -21.22
N ARG E 210 -49.11 7.02 -20.49
CA ARG E 210 -48.42 7.94 -19.59
C ARG E 210 -47.87 9.15 -20.33
N VAL E 211 -47.19 8.91 -21.44
CA VAL E 211 -46.66 10.02 -22.21
C VAL E 211 -47.78 10.95 -22.68
N ALA E 212 -48.83 10.38 -23.28
CA ALA E 212 -49.93 11.19 -23.81
C ALA E 212 -50.73 11.91 -22.71
N LYS E 213 -50.77 11.34 -21.51
CA LYS E 213 -51.50 11.94 -20.39
C LYS E 213 -51.12 13.41 -20.20
N ASP E 214 -49.83 13.66 -20.09
CA ASP E 214 -49.35 15.01 -19.82
C ASP E 214 -49.49 15.91 -21.02
N LEU E 215 -49.33 15.36 -22.23
CA LEU E 215 -49.49 16.17 -23.44
C LEU E 215 -50.91 16.72 -23.54
N ALA E 216 -51.90 15.87 -23.31
CA ALA E 216 -53.32 16.25 -23.34
C ALA E 216 -53.64 17.29 -22.26
N GLU E 217 -53.16 17.01 -21.06
CA GLU E 217 -53.54 17.78 -19.88
C GLU E 217 -52.84 19.13 -19.77
N ASN E 218 -51.62 19.24 -20.22
CA ASN E 218 -50.93 20.49 -20.14
C ASN E 218 -51.27 21.47 -21.26
N ASN E 219 -52.06 21.06 -22.21
CA ASN E 219 -52.31 21.88 -23.40
C ASN E 219 -53.76 21.93 -23.87
N LYS E 220 -54.43 23.05 -23.66
CA LYS E 220 -55.82 23.18 -24.08
C LYS E 220 -56.03 22.89 -25.55
N GLY E 221 -56.96 21.99 -25.85
CA GLY E 221 -57.30 21.61 -27.20
C GLY E 221 -56.36 20.59 -27.82
N ALA E 222 -55.32 20.20 -27.09
CA ALA E 222 -54.39 19.22 -27.62
C ALA E 222 -55.11 17.89 -27.80
N ARG E 223 -54.87 17.27 -28.95
CA ARG E 223 -55.40 15.97 -29.28
C ARG E 223 -54.20 15.10 -29.67
N VAL E 224 -54.02 14.00 -28.96
CA VAL E 224 -52.80 13.20 -29.08
C VAL E 224 -53.04 11.89 -29.81
N LEU E 225 -52.44 11.76 -30.97
CA LEU E 225 -52.54 10.53 -31.73
C LEU E 225 -51.49 9.60 -31.15
N THR E 226 -51.97 8.57 -30.47
CA THR E 226 -51.12 7.78 -29.60
C THR E 226 -50.94 6.38 -30.14
N VAL E 227 -49.71 6.08 -30.57
CA VAL E 227 -49.46 4.94 -31.41
C VAL E 227 -48.44 3.95 -30.82
N VAL E 228 -48.79 2.68 -30.89
CA VAL E 228 -47.83 1.62 -30.72
C VAL E 228 -47.95 0.67 -31.89
N SER E 229 -46.84 0.39 -32.54
CA SER E 229 -46.85 -0.46 -33.72
C SER E 229 -45.72 -1.46 -33.65
N GLU E 230 -46.03 -2.75 -33.75
CA GLU E 230 -45.00 -3.78 -33.56
C GLU E 230 -44.93 -4.87 -34.63
N LEU E 231 -43.71 -5.13 -35.11
CA LEU E 231 -43.47 -6.27 -35.99
C LEU E 231 -42.42 -7.21 -35.40
N THR E 232 -42.52 -8.49 -35.73
CA THR E 232 -41.63 -9.50 -35.17
C THR E 232 -40.43 -9.80 -36.07
N CYS E 233 -40.27 -9.00 -37.13
CA CYS E 233 -39.23 -9.25 -38.13
C CYS E 233 -37.80 -9.00 -37.62
N VAL E 234 -37.68 -8.27 -36.52
CA VAL E 234 -36.38 -8.03 -35.89
C VAL E 234 -35.99 -9.16 -34.90
N THR E 235 -36.97 -9.94 -34.47
CA THR E 235 -36.72 -11.03 -33.54
C THR E 235 -36.82 -12.46 -34.11
N PHE E 236 -37.65 -12.67 -35.13
CA PHE E 236 -37.89 -14.00 -35.70
C PHE E 236 -36.60 -14.73 -36.11
N ARG E 237 -36.42 -15.97 -35.65
CA ARG E 237 -35.21 -16.72 -36.00
C ARG E 237 -35.35 -18.22 -35.73
N ALA E 238 -34.48 -19.02 -36.34
CA ALA E 238 -34.52 -20.48 -36.22
C ALA E 238 -34.43 -20.96 -34.79
N PRO E 239 -35.20 -22.02 -34.45
CA PRO E 239 -35.14 -22.59 -33.11
C PRO E 239 -33.80 -23.27 -32.81
N ASN E 240 -33.37 -23.20 -31.56
CA ASN E 240 -32.07 -23.75 -31.19
C ASN E 240 -31.93 -24.10 -29.71
N GLU E 241 -31.16 -25.14 -29.43
CA GLU E 241 -30.85 -25.58 -28.05
C GLU E 241 -30.10 -24.58 -27.18
N GLU E 242 -29.13 -23.87 -27.75
CA GLU E 242 -28.31 -22.93 -26.98
C GLU E 242 -29.12 -21.78 -26.38
N HIS E 243 -30.32 -21.53 -26.90
CA HIS E 243 -31.14 -20.48 -26.30
C HIS E 243 -32.61 -20.93 -26.34
N LEU E 244 -32.99 -21.73 -25.34
CA LEU E 244 -34.31 -22.35 -25.31
C LEU E 244 -35.48 -21.43 -24.97
N ASP E 245 -35.20 -20.33 -24.27
CA ASP E 245 -36.25 -19.36 -23.96
C ASP E 245 -36.60 -18.51 -25.17
N ASN E 246 -35.80 -18.61 -26.23
CA ASN E 246 -36.13 -18.00 -27.52
C ASN E 246 -37.29 -18.71 -28.15
N LEU E 247 -37.50 -19.94 -27.70
CA LEU E 247 -38.59 -20.81 -28.14
C LEU E 247 -39.92 -20.28 -27.66
N VAL E 248 -39.90 -19.66 -26.50
CA VAL E 248 -41.10 -19.11 -25.91
C VAL E 248 -41.52 -17.89 -26.73
N GLY E 249 -40.57 -17.00 -26.98
CA GLY E 249 -40.79 -15.83 -27.82
C GLY E 249 -41.28 -16.19 -29.21
N SER E 250 -40.74 -17.26 -29.77
CA SER E 250 -41.11 -17.68 -31.11
C SER E 250 -42.55 -18.17 -31.15
N ALA E 251 -43.06 -18.56 -29.99
CA ALA E 251 -44.38 -19.14 -29.88
C ALA E 251 -45.46 -18.12 -29.53
N ILE E 252 -45.05 -17.00 -28.95
CA ILE E 252 -46.04 -16.08 -28.43
C ILE E 252 -46.10 -14.73 -29.15
N PHE E 253 -44.98 -14.28 -29.72
CA PHE E 253 -44.92 -12.96 -30.31
C PHE E 253 -45.58 -12.96 -31.67
N GLY E 254 -46.47 -12.00 -31.89
CA GLY E 254 -47.11 -11.79 -33.19
C GLY E 254 -47.08 -10.32 -33.57
N ASP E 255 -47.69 -9.99 -34.70
CA ASP E 255 -47.68 -8.62 -35.22
C ASP E 255 -48.95 -7.84 -34.91
N GLY E 256 -48.80 -6.53 -34.72
CA GLY E 256 -49.97 -5.69 -34.51
C GLY E 256 -49.65 -4.23 -34.26
N ALA E 257 -50.65 -3.39 -34.41
CA ALA E 257 -50.53 -1.99 -34.08
C ALA E 257 -51.85 -1.50 -33.54
N SER E 258 -51.81 -0.57 -32.61
CA SER E 258 -53.02 0.04 -32.09
C SER E 258 -52.77 1.53 -31.95
N VAL E 259 -53.83 2.31 -32.12
CA VAL E 259 -53.75 3.77 -32.14
C VAL E 259 -54.91 4.34 -31.36
N LEU E 260 -54.62 5.31 -30.52
CA LEU E 260 -55.65 6.01 -29.77
C LEU E 260 -55.62 7.48 -30.15
N VAL E 261 -56.76 8.13 -29.96
CA VAL E 261 -56.85 9.58 -29.95
C VAL E 261 -57.13 9.98 -28.49
N ILE E 262 -56.21 10.74 -27.89
CA ILE E 262 -56.36 11.13 -26.49
C ILE E 262 -56.35 12.63 -26.37
N GLY E 263 -57.23 13.15 -25.52
CA GLY E 263 -57.33 14.57 -25.28
C GLY E 263 -58.09 14.84 -24.00
N SER E 264 -57.88 16.02 -23.45
CA SER E 264 -58.64 16.50 -22.32
C SER E 264 -59.81 17.33 -22.83
N ASP E 265 -60.78 17.56 -21.94
CA ASP E 265 -61.91 18.44 -22.24
C ASP E 265 -62.62 18.02 -23.52
N PRO E 266 -63.19 16.81 -23.52
CA PRO E 266 -63.82 16.36 -24.76
C PRO E 266 -65.04 17.20 -25.07
N ILE E 267 -65.27 17.47 -26.36
CA ILE E 267 -66.44 18.23 -26.78
C ILE E 267 -67.73 17.45 -26.60
N PRO E 268 -68.67 18.03 -25.83
CA PRO E 268 -69.96 17.39 -25.59
C PRO E 268 -70.66 17.13 -26.90
N GLU E 269 -71.22 15.93 -27.03
CA GLU E 269 -71.94 15.48 -28.21
C GLU E 269 -71.05 15.10 -29.39
N VAL E 270 -70.07 15.94 -29.71
CA VAL E 270 -69.18 15.67 -30.85
C VAL E 270 -68.19 14.53 -30.58
N GLU E 271 -67.60 14.52 -29.39
CA GLU E 271 -66.60 13.51 -29.04
C GLU E 271 -67.20 12.56 -28.01
N LYS E 272 -66.70 11.31 -28.01
CA LYS E 272 -67.26 10.22 -27.22
C LYS E 272 -66.22 9.61 -26.30
N PRO E 273 -66.21 10.00 -25.03
CA PRO E 273 -65.20 9.44 -24.12
C PRO E 273 -65.32 7.91 -23.98
N GLN E 274 -64.20 7.20 -23.91
CA GLN E 274 -64.23 5.76 -23.65
C GLN E 274 -63.64 5.49 -22.27
N PHE E 275 -62.54 6.18 -21.97
CA PHE E 275 -61.83 6.02 -20.70
C PHE E 275 -61.11 7.32 -20.31
N GLU E 276 -60.98 7.56 -19.01
CA GLU E 276 -60.21 8.69 -18.51
C GLU E 276 -58.95 8.22 -17.84
N ILE E 277 -57.83 8.87 -18.14
CA ILE E 277 -56.58 8.55 -17.45
C ILE E 277 -56.39 9.46 -16.20
N HIS E 278 -56.46 8.87 -15.01
CA HIS E 278 -56.44 9.67 -13.79
C HIS E 278 -55.10 9.64 -13.04
N TRP E 279 -54.26 8.68 -13.40
CA TRP E 279 -52.99 8.49 -12.73
C TRP E 279 -52.14 7.57 -13.60
N SER E 280 -50.89 7.95 -13.84
CA SER E 280 -49.92 7.06 -14.47
C SER E 280 -48.63 7.09 -13.66
N GLY E 281 -48.04 5.92 -13.44
CA GLY E 281 -46.80 5.81 -12.68
C GLY E 281 -46.05 4.54 -13.08
N GLU E 282 -44.83 4.37 -12.60
CA GLU E 282 -44.07 3.16 -12.90
C GLU E 282 -43.10 2.84 -11.76
N THR E 283 -42.55 1.65 -11.79
CA THR E 283 -41.55 1.32 -10.79
C THR E 283 -40.57 0.26 -11.33
N ILE E 284 -39.37 0.27 -10.78
CA ILE E 284 -38.40 -0.76 -11.08
C ILE E 284 -38.43 -1.81 -9.96
N LEU E 285 -38.65 -3.08 -10.30
CA LEU E 285 -38.79 -4.12 -9.28
C LEU E 285 -37.46 -4.40 -8.57
N PRO E 286 -37.52 -4.77 -7.28
CA PRO E 286 -36.32 -5.09 -6.51
C PRO E 286 -35.62 -6.39 -6.95
N GLU E 287 -34.28 -6.38 -7.02
CA GLU E 287 -33.47 -7.57 -7.34
C GLU E 287 -33.87 -8.09 -8.72
N SER E 288 -34.01 -7.16 -9.64
CA SER E 288 -34.51 -7.51 -10.95
C SER E 288 -33.55 -7.14 -12.08
N ASP E 289 -32.54 -7.98 -12.27
CA ASP E 289 -31.49 -7.72 -13.25
C ASP E 289 -31.43 -8.90 -14.19
N GLY E 290 -31.28 -8.62 -15.48
CA GLY E 290 -31.16 -9.67 -16.46
C GLY E 290 -32.47 -10.41 -16.67
N ALA E 291 -33.46 -10.11 -15.84
CA ALA E 291 -34.77 -10.73 -15.96
C ALA E 291 -35.25 -10.56 -17.41
N ILE E 292 -35.10 -9.35 -17.94
CA ILE E 292 -35.25 -9.12 -19.37
C ILE E 292 -34.14 -8.20 -19.94
N GLU E 293 -33.28 -8.77 -20.76
CA GLU E 293 -32.30 -7.98 -21.50
C GLU E 293 -32.75 -8.10 -22.96
N GLY E 294 -32.73 -6.99 -23.70
CA GLY E 294 -33.02 -7.03 -25.12
C GLY E 294 -31.90 -6.42 -25.93
N ARG E 295 -31.22 -7.26 -26.72
CA ARG E 295 -30.01 -6.80 -27.39
C ARG E 295 -30.15 -6.72 -28.91
N LEU E 296 -29.89 -5.54 -29.46
CA LEU E 296 -29.93 -5.34 -30.91
C LEU E 296 -28.52 -5.54 -31.46
N THR E 297 -28.36 -6.59 -32.26
CA THR E 297 -27.06 -6.99 -32.78
C THR E 297 -27.04 -7.07 -34.30
N GLU E 298 -25.89 -7.44 -34.84
CA GLU E 298 -25.79 -7.69 -36.28
C GLU E 298 -26.72 -8.84 -36.71
N ALA E 299 -27.20 -9.62 -35.74
CA ALA E 299 -28.14 -10.71 -35.99
C ALA E 299 -29.60 -10.35 -35.70
N GLY E 300 -29.87 -9.06 -35.48
CA GLY E 300 -31.22 -8.64 -35.11
C GLY E 300 -31.40 -8.48 -33.60
N LEU E 301 -32.63 -8.66 -33.12
CA LEU E 301 -32.94 -8.43 -31.71
C LEU E 301 -33.01 -9.75 -30.96
N ILE E 302 -32.23 -9.87 -29.89
CA ILE E 302 -32.22 -11.10 -29.11
C ILE E 302 -32.54 -10.83 -27.64
N PHE E 303 -33.49 -11.57 -27.08
CA PHE E 303 -33.90 -11.37 -25.69
C PHE E 303 -33.20 -12.34 -24.74
N HIS E 304 -32.25 -11.82 -23.97
CA HIS E 304 -31.32 -12.64 -23.19
C HIS E 304 -31.81 -12.99 -21.80
N LEU E 305 -31.59 -14.25 -21.43
CA LEU E 305 -31.74 -14.77 -20.07
C LEU E 305 -33.05 -14.33 -19.40
N LEU E 306 -34.14 -14.36 -20.17
CA LEU E 306 -35.48 -14.32 -19.61
C LEU E 306 -35.70 -15.64 -18.86
N LYS E 307 -36.02 -15.59 -17.57
CA LYS E 307 -36.38 -16.81 -16.83
C LYS E 307 -37.74 -16.59 -16.12
N ASP E 308 -37.90 -16.94 -14.85
CA ASP E 308 -39.23 -16.76 -14.25
C ASP E 308 -39.32 -15.36 -13.63
N VAL E 309 -39.80 -14.47 -14.49
CA VAL E 309 -40.37 -13.16 -14.17
C VAL E 309 -41.84 -13.30 -13.72
N PRO E 310 -42.58 -14.33 -14.20
CA PRO E 310 -43.93 -14.50 -13.60
C PRO E 310 -43.90 -14.45 -12.07
N GLY E 311 -42.88 -15.06 -11.45
CA GLY E 311 -42.73 -15.03 -10.01
C GLY E 311 -42.32 -13.65 -9.54
N LEU E 312 -41.22 -13.13 -10.08
CA LEU E 312 -40.73 -11.79 -9.76
C LEU E 312 -41.82 -10.71 -9.78
N ILE E 313 -42.68 -10.78 -10.80
CA ILE E 313 -43.73 -9.79 -11.01
C ILE E 313 -44.92 -9.86 -10.03
N SER E 314 -45.44 -11.05 -9.82
CA SER E 314 -46.63 -11.17 -9.04
C SER E 314 -46.39 -10.83 -7.59
N ARG E 315 -45.21 -11.10 -7.08
CA ARG E 315 -44.95 -10.97 -5.65
C ARG E 315 -44.62 -9.56 -5.22
N ASN E 316 -44.39 -8.71 -6.21
CA ASN E 316 -43.82 -7.40 -5.99
C ASN E 316 -44.72 -6.28 -6.44
N THR E 317 -45.72 -6.61 -7.24
CA THR E 317 -46.54 -5.57 -7.91
C THR E 317 -47.56 -4.92 -6.95
N LEU E 318 -47.66 -5.46 -5.73
CA LEU E 318 -48.65 -4.96 -4.78
C LEU E 318 -48.39 -3.52 -4.32
N PRO E 319 -47.10 -3.14 -4.09
CA PRO E 319 -46.95 -1.72 -3.74
C PRO E 319 -47.46 -0.75 -4.80
N ILE E 320 -47.03 -0.89 -6.06
CA ILE E 320 -47.48 0.09 -7.06
C ILE E 320 -48.98 -0.03 -7.28
N PHE E 321 -49.52 -1.23 -7.21
CA PHE E 321 -50.96 -1.44 -7.32
C PHE E 321 -51.72 -0.70 -6.22
N ASN E 322 -51.23 -0.80 -4.99
CA ASN E 322 -51.89 -0.13 -3.88
C ASN E 322 -51.81 1.39 -3.98
N LYS E 323 -50.69 1.89 -4.46
CA LYS E 323 -50.54 3.33 -4.61
C LYS E 323 -51.46 3.84 -5.71
N ALA E 324 -51.52 3.07 -6.79
CA ALA E 324 -52.33 3.40 -7.96
C ALA E 324 -53.80 3.59 -7.61
N ILE E 325 -54.38 2.63 -6.88
CA ILE E 325 -55.81 2.66 -6.59
C ILE E 325 -56.19 3.73 -5.56
N GLU E 326 -55.20 4.33 -4.91
CA GLU E 326 -55.46 5.40 -3.94
C GLU E 326 -56.25 6.50 -4.63
N VAL E 327 -55.96 6.71 -5.91
CA VAL E 327 -56.65 7.69 -6.73
C VAL E 327 -58.12 7.34 -6.92
N ALA E 328 -58.41 6.04 -6.84
CA ALA E 328 -59.77 5.55 -7.05
C ALA E 328 -60.50 5.32 -5.74
N GLY E 329 -59.86 5.71 -4.64
CA GLY E 329 -60.43 5.50 -3.32
C GLY E 329 -60.19 4.06 -2.88
N SER E 330 -59.15 3.46 -3.42
CA SER E 330 -58.75 2.09 -3.10
C SER E 330 -59.90 1.06 -3.10
N PRO E 331 -60.61 0.91 -4.24
CA PRO E 331 -61.63 -0.14 -4.27
C PRO E 331 -60.98 -1.52 -4.27
N SER E 332 -61.77 -2.57 -4.10
CA SER E 332 -61.20 -3.90 -4.09
C SER E 332 -60.79 -4.36 -5.49
N TRP E 333 -59.90 -5.35 -5.55
CA TRP E 333 -59.35 -5.82 -6.82
C TRP E 333 -60.42 -6.29 -7.80
N ASN E 334 -61.45 -6.94 -7.26
CA ASN E 334 -62.51 -7.51 -8.09
C ASN E 334 -63.53 -6.44 -8.48
N ASP E 335 -63.41 -5.27 -7.89
CA ASP E 335 -64.26 -4.15 -8.27
C ASP E 335 -63.61 -3.33 -9.38
N LEU E 336 -62.36 -3.68 -9.70
CA LEU E 336 -61.62 -2.99 -10.77
C LEU E 336 -61.71 -3.78 -12.08
N PHE E 337 -61.73 -3.08 -13.21
CA PHE E 337 -61.57 -3.79 -14.48
C PHE E 337 -60.08 -3.85 -14.77
N TRP E 338 -59.67 -4.80 -15.60
CA TRP E 338 -58.24 -5.12 -15.71
C TRP E 338 -57.79 -5.24 -17.16
N CYS E 339 -56.85 -4.38 -17.54
CA CYS E 339 -56.23 -4.47 -18.85
C CYS E 339 -54.77 -4.71 -18.66
N VAL E 340 -54.40 -5.98 -18.79
CA VAL E 340 -53.06 -6.43 -18.49
C VAL E 340 -52.36 -6.88 -19.75
N HIS E 341 -51.07 -6.58 -19.83
CA HIS E 341 -50.25 -7.03 -20.94
C HIS E 341 -50.24 -8.54 -20.99
N PRO E 342 -50.72 -9.11 -22.11
CA PRO E 342 -50.74 -10.57 -22.15
C PRO E 342 -49.34 -11.13 -22.37
N GLY E 343 -48.47 -10.94 -21.37
CA GLY E 343 -47.08 -11.33 -21.48
C GLY E 343 -46.97 -12.83 -21.65
N GLY E 344 -47.80 -13.55 -20.91
CA GLY E 344 -47.89 -14.99 -21.02
C GLY E 344 -49.09 -15.51 -20.27
N ARG E 345 -49.53 -16.72 -20.58
CA ARG E 345 -50.61 -17.34 -19.83
C ARG E 345 -50.23 -17.57 -18.34
N ALA E 346 -48.98 -17.94 -18.05
CA ALA E 346 -48.57 -18.20 -16.67
C ALA E 346 -48.60 -16.93 -15.86
N ILE E 347 -48.09 -15.85 -16.45
CA ILE E 347 -48.06 -14.56 -15.76
C ILE E 347 -49.47 -14.14 -15.41
N LEU E 348 -50.39 -14.31 -16.35
CA LEU E 348 -51.77 -13.94 -16.11
C LEU E 348 -52.32 -14.75 -14.95
N ASP E 349 -52.04 -16.06 -14.95
CA ASP E 349 -52.48 -16.96 -13.90
C ASP E 349 -51.98 -16.54 -12.53
N GLU E 350 -50.71 -16.19 -12.44
CA GLU E 350 -50.17 -15.74 -11.17
C GLU E 350 -50.78 -14.43 -10.71
N VAL E 351 -51.11 -13.54 -11.65
CA VAL E 351 -51.66 -12.24 -11.26
C VAL E 351 -53.03 -12.46 -10.62
N ALA E 352 -53.77 -13.39 -11.20
CA ALA E 352 -55.10 -13.72 -10.72
C ALA E 352 -55.05 -14.33 -9.33
N LYS E 353 -54.13 -15.26 -9.11
CA LYS E 353 -54.04 -15.92 -7.79
C LYS E 353 -53.54 -14.98 -6.70
N THR E 354 -52.51 -14.20 -7.00
CA THR E 354 -51.96 -13.22 -6.07
C THR E 354 -53.00 -12.22 -5.59
N LEU E 355 -53.87 -11.78 -6.50
CA LEU E 355 -54.87 -10.77 -6.18
C LEU E 355 -56.24 -11.40 -5.92
N SER E 356 -56.30 -12.73 -6.00
CA SER E 356 -57.53 -13.51 -5.87
C SER E 356 -58.65 -12.92 -6.76
N LEU E 357 -58.36 -12.78 -8.05
CA LEU E 357 -59.34 -12.26 -8.97
C LEU E 357 -60.26 -13.35 -9.47
N LYS E 358 -61.53 -13.00 -9.65
CA LYS E 358 -62.46 -13.89 -10.34
C LYS E 358 -61.98 -14.09 -11.76
N PRO E 359 -62.19 -15.30 -12.31
CA PRO E 359 -61.74 -15.68 -13.66
C PRO E 359 -62.23 -14.76 -14.77
N GLU E 360 -63.32 -14.07 -14.49
CA GLU E 360 -63.95 -13.18 -15.46
C GLU E 360 -63.16 -11.89 -15.64
N LYS E 361 -62.29 -11.60 -14.68
CA LYS E 361 -61.57 -10.34 -14.66
C LYS E 361 -60.59 -10.21 -15.82
N LEU E 362 -59.84 -11.28 -16.07
CA LEU E 362 -58.81 -11.26 -17.09
C LEU E 362 -59.27 -11.78 -18.43
N GLU E 363 -60.58 -11.89 -18.65
CA GLU E 363 -61.08 -12.44 -19.91
C GLU E 363 -60.75 -11.56 -21.13
N ALA E 364 -60.97 -10.26 -21.02
CA ALA E 364 -60.62 -9.34 -22.13
C ALA E 364 -59.14 -9.48 -22.47
N THR E 365 -58.31 -9.59 -21.44
CA THR E 365 -56.88 -9.76 -21.63
C THR E 365 -56.59 -11.08 -22.33
N ARG E 366 -57.21 -12.15 -21.86
CA ARG E 366 -57.02 -13.47 -22.48
C ARG E 366 -57.62 -13.55 -23.89
N ASP E 367 -58.69 -12.79 -24.14
CA ASP E 367 -59.24 -12.72 -25.49
C ASP E 367 -58.16 -12.27 -26.46
N ILE E 368 -57.40 -11.27 -26.05
CA ILE E 368 -56.36 -10.74 -26.92
C ILE E 368 -55.21 -11.74 -27.05
N LEU E 369 -54.80 -12.36 -25.96
CA LEU E 369 -53.76 -13.39 -26.03
C LEU E 369 -54.22 -14.52 -26.97
N TYR E 370 -55.50 -14.87 -26.87
CA TYR E 370 -56.09 -15.92 -27.69
C TYR E 370 -56.13 -15.56 -29.17
N ASN E 371 -56.61 -14.36 -29.48
CA ASN E 371 -56.87 -14.03 -30.88
C ASN E 371 -55.71 -13.42 -31.61
N TYR E 372 -54.74 -12.89 -30.87
CA TYR E 372 -53.65 -12.17 -31.51
C TYR E 372 -52.27 -12.55 -30.97
N GLY E 373 -52.24 -13.16 -29.79
CA GLY E 373 -50.97 -13.49 -29.17
C GLY E 373 -50.37 -12.29 -28.48
N ASN E 374 -49.07 -12.37 -28.23
CA ASN E 374 -48.35 -11.29 -27.60
C ASN E 374 -47.82 -10.34 -28.67
N MET E 375 -48.43 -9.16 -28.79
CA MET E 375 -48.01 -8.20 -29.80
C MET E 375 -47.20 -7.10 -29.12
N SER E 376 -46.42 -7.51 -28.14
CA SER E 376 -45.55 -6.63 -27.41
C SER E 376 -46.34 -5.44 -26.88
N GLY E 377 -45.84 -4.23 -27.07
CA GLY E 377 -46.50 -3.05 -26.51
C GLY E 377 -47.93 -2.75 -26.96
N ALA E 378 -48.27 -3.17 -28.18
CA ALA E 378 -49.58 -2.84 -28.74
C ALA E 378 -50.69 -3.58 -28.04
N SER E 379 -50.36 -4.71 -27.44
CA SER E 379 -51.36 -5.67 -26.97
C SER E 379 -52.35 -5.14 -25.94
N VAL E 380 -51.83 -4.46 -24.92
CA VAL E 380 -52.67 -3.98 -23.83
C VAL E 380 -53.66 -2.93 -24.37
N LEU E 381 -53.27 -2.26 -25.45
CA LEU E 381 -54.15 -1.32 -26.13
C LEU E 381 -55.25 -2.08 -26.89
N PHE E 382 -54.91 -3.22 -27.51
CA PHE E 382 -55.94 -4.15 -28.02
C PHE E 382 -56.88 -4.56 -26.87
N VAL E 383 -56.31 -4.86 -25.70
CA VAL E 383 -57.14 -5.26 -24.56
C VAL E 383 -58.12 -4.15 -24.17
N LEU E 384 -57.63 -2.92 -24.08
CA LEU E 384 -58.49 -1.78 -23.77
C LEU E 384 -59.63 -1.63 -24.78
N ASP E 385 -59.33 -1.92 -26.03
CA ASP E 385 -60.33 -1.92 -27.08
C ASP E 385 -61.34 -3.05 -26.84
N GLN E 386 -60.85 -4.23 -26.51
CA GLN E 386 -61.70 -5.37 -26.21
C GLN E 386 -62.59 -5.13 -24.99
N MET E 387 -62.04 -4.44 -23.99
CA MET E 387 -62.80 -4.18 -22.77
C MET E 387 -64.07 -3.36 -23.04
N ARG E 388 -63.92 -2.29 -23.83
CA ARG E 388 -65.06 -1.48 -24.22
C ARG E 388 -65.99 -2.25 -25.19
N ARG E 389 -65.43 -3.13 -26.02
CA ARG E 389 -66.24 -3.90 -26.96
C ARG E 389 -67.08 -4.94 -26.24
N ARG E 390 -66.46 -5.63 -25.30
CA ARG E 390 -67.19 -6.60 -24.49
C ARG E 390 -68.34 -5.90 -23.76
N SER E 391 -68.08 -4.71 -23.27
CA SER E 391 -69.07 -3.94 -22.52
C SER E 391 -70.24 -3.50 -23.39
N ALA E 392 -70.00 -3.28 -24.68
CA ALA E 392 -71.07 -2.88 -25.58
C ALA E 392 -71.98 -4.07 -25.83
N GLU E 393 -71.36 -5.21 -26.08
CA GLU E 393 -72.06 -6.47 -26.32
C GLU E 393 -72.93 -6.91 -25.14
N LYS E 394 -72.42 -6.75 -23.93
CA LYS E 394 -73.15 -7.19 -22.73
C LYS E 394 -74.11 -6.15 -22.19
N LYS E 395 -74.12 -4.98 -22.82
CA LYS E 395 -74.91 -3.83 -22.37
C LYS E 395 -74.52 -3.45 -20.95
N SER E 396 -73.22 -3.46 -20.66
CA SER E 396 -72.73 -3.16 -19.30
C SER E 396 -73.02 -1.69 -19.00
N ARG E 397 -72.97 -1.31 -17.73
CA ARG E 397 -73.28 0.07 -17.42
C ARG E 397 -72.09 1.00 -17.65
N THR E 398 -70.87 0.46 -17.71
CA THR E 398 -69.69 1.26 -18.02
C THR E 398 -68.84 0.60 -19.09
N THR E 399 -67.91 1.36 -19.67
CA THR E 399 -67.00 0.81 -20.67
C THR E 399 -66.02 -0.20 -20.07
N GLY E 400 -66.08 -0.35 -18.75
CA GLY E 400 -65.26 -1.30 -18.02
C GLY E 400 -66.04 -2.51 -17.52
N GLU E 401 -66.98 -2.97 -18.35
CA GLU E 401 -67.84 -4.10 -18.01
C GLU E 401 -68.60 -3.83 -16.71
N GLY E 402 -68.96 -2.58 -16.48
CA GLY E 402 -69.71 -2.25 -15.27
C GLY E 402 -68.85 -1.70 -14.14
N CYS E 403 -67.54 -1.95 -14.19
CA CYS E 403 -66.65 -1.41 -13.16
C CYS E 403 -66.45 0.09 -13.36
N GLU E 404 -66.24 0.81 -12.27
CA GLU E 404 -66.04 2.25 -12.34
C GLU E 404 -64.57 2.59 -12.66
N TRP E 405 -63.65 1.95 -11.97
CA TRP E 405 -62.22 2.22 -12.13
C TRP E 405 -61.51 0.95 -12.58
N GLY E 406 -60.38 1.11 -13.25
CA GLY E 406 -59.57 -0.02 -13.68
C GLY E 406 -58.09 0.30 -13.80
N LEU E 407 -57.29 -0.72 -14.04
CA LEU E 407 -55.85 -0.54 -14.14
C LEU E 407 -55.32 -1.01 -15.48
N VAL E 408 -54.49 -0.21 -16.13
CA VAL E 408 -53.74 -0.72 -17.28
C VAL E 408 -52.34 -1.03 -16.77
N VAL E 409 -51.87 -2.24 -17.04
CA VAL E 409 -50.61 -2.70 -16.49
C VAL E 409 -49.68 -3.28 -17.58
N GLY E 410 -48.49 -2.69 -17.70
CA GLY E 410 -47.46 -3.18 -18.60
C GLY E 410 -46.19 -3.55 -17.84
N PHE E 411 -45.38 -4.45 -18.41
CA PHE E 411 -44.09 -4.80 -17.83
C PHE E 411 -43.03 -5.19 -18.87
N GLY E 412 -41.76 -5.02 -18.51
CA GLY E 412 -40.68 -5.27 -19.44
C GLY E 412 -39.30 -5.08 -18.82
N PRO E 413 -38.28 -4.89 -19.67
CA PRO E 413 -36.86 -4.86 -19.28
C PRO E 413 -36.54 -3.96 -18.08
N GLY E 414 -35.50 -4.34 -17.34
CA GLY E 414 -35.12 -3.68 -16.09
C GLY E 414 -35.95 -4.27 -14.97
N LEU E 415 -36.99 -4.98 -15.40
CA LEU E 415 -38.20 -5.21 -14.66
C LEU E 415 -38.83 -3.90 -14.27
N THR E 416 -39.51 -3.34 -15.26
CA THR E 416 -40.32 -2.14 -15.15
C THR E 416 -41.76 -2.61 -15.07
N VAL E 417 -42.51 -2.04 -14.15
CA VAL E 417 -43.95 -2.25 -14.20
C VAL E 417 -44.57 -0.88 -14.38
N GLU E 418 -45.37 -0.72 -15.43
CA GLU E 418 -46.05 0.54 -15.69
C GLU E 418 -47.53 0.36 -15.49
N VAL E 419 -48.11 1.32 -14.78
CA VAL E 419 -49.50 1.30 -14.39
C VAL E 419 -50.16 2.66 -14.61
N SER E 420 -51.34 2.62 -15.24
CA SER E 420 -52.25 3.75 -15.25
C SER E 420 -53.60 3.35 -14.65
N VAL E 421 -54.24 4.30 -13.96
CA VAL E 421 -55.56 4.10 -13.41
C VAL E 421 -56.60 4.74 -14.34
N LEU E 422 -57.58 3.96 -14.77
CA LEU E 422 -58.58 4.50 -15.68
C LEU E 422 -59.93 4.53 -15.01
N ARG E 423 -60.68 5.57 -15.29
CA ARG E 423 -62.09 5.61 -14.94
C ARG E 423 -62.84 5.23 -16.19
N ALA E 424 -63.73 4.25 -16.09
CA ALA E 424 -64.59 3.89 -17.21
C ALA E 424 -65.69 4.94 -17.38
N ILE E 425 -66.33 4.91 -18.52
CA ILE E 425 -67.37 5.87 -18.85
C ILE E 425 -68.72 5.17 -18.92
N ALA E 426 -69.75 5.81 -18.38
CA ALA E 426 -71.09 5.23 -18.43
C ALA E 426 -71.59 5.10 -19.88
N THR E 427 -72.14 3.93 -20.21
CA THR E 427 -72.62 3.60 -21.54
C THR E 427 -74.01 4.12 -21.78
N GLY E 428 -74.76 4.30 -20.70
CA GLY E 428 -76.15 4.72 -20.81
C GLY E 428 -77.11 3.55 -20.69
N HIS E 429 -76.58 2.36 -20.41
CA HIS E 429 -77.40 1.17 -20.17
C HIS E 429 -77.71 1.01 -18.67
N TYR F 46 -57.94 18.86 -12.53
CA TYR F 46 -59.07 18.18 -11.91
C TYR F 46 -58.70 17.75 -10.48
N LYS F 47 -58.72 16.44 -10.21
CA LYS F 47 -58.35 15.97 -8.87
C LYS F 47 -56.87 15.54 -8.84
N HIS F 48 -56.14 15.93 -9.88
CA HIS F 48 -54.71 15.66 -10.00
C HIS F 48 -53.98 17.00 -9.99
N ARG F 49 -52.94 17.12 -9.18
CA ARG F 49 -52.30 18.43 -8.96
C ARG F 49 -51.34 18.85 -10.08
N ARG F 50 -51.71 19.90 -10.82
CA ARG F 50 -50.82 20.54 -11.76
C ARG F 50 -49.95 21.59 -11.06
N ALA F 51 -48.80 21.88 -11.63
CA ALA F 51 -47.97 22.98 -11.14
C ALA F 51 -48.52 24.30 -11.69
N ALA F 52 -48.10 25.42 -11.11
CA ALA F 52 -48.71 26.68 -11.46
C ALA F 52 -47.93 27.45 -12.53
N GLY F 53 -46.62 27.53 -12.39
CA GLY F 53 -45.84 28.39 -13.26
C GLY F 53 -45.08 27.64 -14.33
N PRO F 54 -44.33 28.38 -15.14
CA PRO F 54 -43.56 27.83 -16.24
C PRO F 54 -42.40 26.90 -15.82
N ALA F 55 -42.18 25.87 -16.64
CA ALA F 55 -41.07 24.95 -16.47
C ALA F 55 -39.78 25.74 -16.48
N THR F 56 -38.96 25.50 -15.47
CA THR F 56 -37.78 26.31 -15.26
C THR F 56 -36.53 25.47 -15.20
N VAL F 57 -35.50 25.90 -15.91
CA VAL F 57 -34.21 25.26 -15.82
C VAL F 57 -33.59 25.66 -14.49
N LEU F 58 -33.35 24.68 -13.63
CA LEU F 58 -32.87 24.94 -12.28
C LEU F 58 -31.40 24.58 -12.10
N ALA F 59 -30.78 23.98 -13.11
CA ALA F 59 -29.39 23.54 -13.03
C ALA F 59 -28.96 23.06 -14.40
N ILE F 60 -27.67 23.24 -14.72
CA ILE F 60 -27.09 22.70 -15.96
C ILE F 60 -25.70 22.17 -15.69
N GLY F 61 -25.52 20.86 -15.86
CA GLY F 61 -24.24 20.21 -15.69
C GLY F 61 -23.82 19.64 -17.03
N LYS F 62 -22.52 19.43 -17.21
CA LYS F 62 -21.99 18.89 -18.46
C LYS F 62 -20.79 17.99 -18.23
N ALA F 63 -20.48 17.17 -19.22
CA ALA F 63 -19.27 16.38 -19.19
C ALA F 63 -18.85 15.96 -20.60
N THR F 64 -17.56 15.77 -20.74
CA THR F 64 -16.96 15.22 -21.94
C THR F 64 -15.97 14.16 -21.48
N PRO F 65 -15.65 13.19 -22.36
CA PRO F 65 -14.50 12.34 -22.10
C PRO F 65 -13.25 13.20 -21.90
N PRO F 66 -12.29 12.68 -21.13
CA PRO F 66 -11.09 13.43 -20.76
C PRO F 66 -10.12 13.72 -21.92
N THR F 67 -9.98 12.82 -22.89
CA THR F 67 -8.92 13.03 -23.90
C THR F 67 -9.30 14.08 -24.94
N ALA F 68 -8.54 15.17 -24.97
CA ALA F 68 -8.78 16.28 -25.90
C ALA F 68 -8.03 16.04 -27.20
N TYR F 69 -8.65 16.42 -28.31
CA TYR F 69 -8.06 16.30 -29.65
C TYR F 69 -8.06 17.66 -30.32
N SER F 70 -6.88 18.27 -30.48
CA SER F 70 -6.81 19.56 -31.15
C SER F 70 -7.16 19.37 -32.62
N GLN F 71 -8.07 20.20 -33.13
CA GLN F 71 -8.58 20.03 -34.48
C GLN F 71 -7.47 20.17 -35.51
N SER F 72 -6.53 21.07 -35.24
CA SER F 72 -5.41 21.30 -36.14
C SER F 72 -4.58 20.03 -36.40
N GLU F 73 -4.50 19.15 -35.39
CA GLU F 73 -3.72 17.91 -35.55
C GLU F 73 -4.59 16.70 -35.89
N TYR F 74 -5.89 16.92 -36.04
CA TYR F 74 -6.76 15.77 -36.22
C TYR F 74 -6.58 15.00 -37.54
N PRO F 75 -6.40 15.70 -38.70
CA PRO F 75 -6.30 14.94 -39.96
C PRO F 75 -5.15 13.93 -40.02
N ASP F 76 -4.00 14.33 -39.48
CA ASP F 76 -2.88 13.43 -39.29
C ASP F 76 -3.33 12.21 -38.49
N PHE F 77 -3.79 12.48 -37.26
CA PHE F 77 -4.24 11.42 -36.37
C PHE F 77 -5.26 10.51 -37.03
N PHE F 78 -6.27 11.13 -37.64
CA PHE F 78 -7.42 10.38 -38.15
C PHE F 78 -7.04 9.42 -39.26
N PHE F 79 -6.30 9.92 -40.25
CA PHE F 79 -5.94 9.11 -41.40
C PHE F 79 -4.94 8.02 -41.06
N ASP F 80 -4.13 8.28 -40.04
CA ASP F 80 -3.18 7.30 -39.53
C ASP F 80 -3.89 6.11 -38.88
N ILE F 81 -4.78 6.40 -37.92
CA ILE F 81 -5.46 5.35 -37.19
C ILE F 81 -6.40 4.54 -38.08
N THR F 82 -6.89 5.14 -39.17
CA THR F 82 -7.74 4.43 -40.12
C THR F 82 -6.88 3.84 -41.25
N ASN F 83 -5.57 4.12 -41.18
CA ASN F 83 -4.57 3.61 -42.13
C ASN F 83 -4.85 4.06 -43.56
N THR F 84 -5.13 5.36 -43.70
CA THR F 84 -5.52 5.94 -44.97
C THR F 84 -4.67 7.18 -45.25
N SER F 85 -3.56 7.31 -44.53
CA SER F 85 -2.71 8.50 -44.60
C SER F 85 -1.90 8.60 -45.90
N HIS F 86 -2.04 7.59 -46.76
CA HIS F 86 -1.40 7.60 -48.07
C HIS F 86 -2.33 8.20 -49.13
N LYS F 87 -3.58 8.44 -48.78
CA LYS F 87 -4.53 9.00 -49.76
C LYS F 87 -4.43 10.52 -49.85
N THR F 88 -3.30 10.96 -50.42
CA THR F 88 -2.87 12.34 -50.54
C THR F 88 -3.89 13.45 -50.56
N GLU F 89 -4.74 13.44 -51.57
CA GLU F 89 -5.72 14.51 -51.82
C GLU F 89 -6.96 14.40 -50.95
N LEU F 90 -7.32 13.17 -50.62
CA LEU F 90 -8.38 12.91 -49.64
C LEU F 90 -8.05 13.52 -48.28
N LYS F 91 -6.83 13.27 -47.80
CA LYS F 91 -6.36 13.79 -46.51
C LYS F 91 -6.27 15.30 -46.52
N ALA F 92 -5.97 15.84 -47.69
CA ALA F 92 -5.82 17.28 -47.85
C ALA F 92 -7.17 17.98 -47.91
N LYS F 93 -8.18 17.29 -48.40
CA LYS F 93 -9.52 17.88 -48.44
C LYS F 93 -10.13 17.91 -47.03
N PHE F 94 -9.91 16.82 -46.30
CA PHE F 94 -10.36 16.68 -44.93
C PHE F 94 -9.70 17.78 -44.13
N ALA F 95 -8.49 18.09 -44.49
CA ALA F 95 -7.79 19.17 -43.87
C ALA F 95 -8.46 20.49 -44.15
N ARG F 96 -8.88 20.73 -45.36
CA ARG F 96 -9.53 21.99 -45.66
C ARG F 96 -10.79 22.09 -44.82
N ILE F 97 -11.52 20.99 -44.74
CA ILE F 97 -12.77 20.91 -44.01
C ILE F 97 -12.50 21.21 -42.54
N CYS F 98 -11.42 20.63 -42.00
CA CYS F 98 -11.05 20.89 -40.62
C CYS F 98 -10.67 22.33 -40.35
N LYS F 99 -9.87 22.93 -41.21
CA LYS F 99 -9.46 24.30 -40.94
C LYS F 99 -10.63 25.26 -41.16
N ASN F 100 -11.71 24.76 -41.74
CA ASN F 100 -12.89 25.56 -41.97
C ASN F 100 -14.07 25.23 -41.06
N SER F 101 -13.83 24.41 -40.04
CA SER F 101 -14.94 23.94 -39.21
C SER F 101 -15.32 24.92 -38.11
N GLY F 102 -14.43 25.84 -37.78
CA GLY F 102 -14.71 26.74 -36.67
C GLY F 102 -14.52 26.00 -35.35
N ILE F 103 -13.90 24.82 -35.43
CA ILE F 103 -13.70 23.95 -34.28
C ILE F 103 -12.24 23.91 -33.86
N ASN F 104 -11.96 24.16 -32.60
CA ASN F 104 -10.59 24.10 -32.08
C ASN F 104 -10.30 22.76 -31.40
N THR F 105 -11.26 22.25 -30.64
CA THR F 105 -11.05 21.06 -29.84
C THR F 105 -12.30 20.18 -29.79
N ARG F 106 -12.09 18.87 -29.87
CA ARG F 106 -13.16 17.90 -29.61
C ARG F 106 -12.69 16.87 -28.57
N TYR F 107 -13.64 16.18 -27.94
CA TYR F 107 -13.30 15.17 -26.96
C TYR F 107 -13.79 13.81 -27.41
N PHE F 108 -12.97 12.78 -27.16
CA PHE F 108 -13.31 11.42 -27.55
C PHE F 108 -13.06 10.42 -26.42
N HIS F 109 -14.03 9.54 -26.20
CA HIS F 109 -13.86 8.41 -25.30
C HIS F 109 -13.06 7.34 -26.04
N CYS F 110 -13.36 7.16 -27.33
CA CYS F 110 -12.66 6.17 -28.15
C CYS F 110 -11.32 6.69 -28.61
N THR F 111 -10.31 6.52 -27.75
CA THR F 111 -8.94 6.94 -27.99
C THR F 111 -8.18 5.92 -28.82
N GLU F 112 -6.91 6.25 -29.10
CA GLU F 112 -6.03 5.39 -29.88
C GLU F 112 -6.06 3.92 -29.42
N ASP F 113 -5.94 3.68 -28.11
CA ASP F 113 -6.02 2.31 -27.58
C ASP F 113 -7.40 1.69 -27.75
N ILE F 114 -8.44 2.50 -27.54
CA ILE F 114 -9.81 2.00 -27.65
C ILE F 114 -10.11 1.54 -29.07
N LEU F 115 -9.73 2.37 -30.03
CA LEU F 115 -9.97 2.07 -31.44
C LEU F 115 -9.23 0.84 -31.97
N LYS F 116 -7.96 0.70 -31.58
CA LYS F 116 -7.13 -0.41 -32.08
C LYS F 116 -7.49 -1.76 -31.45
N ALA F 117 -8.12 -1.71 -30.27
CA ALA F 117 -8.67 -2.91 -29.65
C ALA F 117 -9.98 -3.35 -30.31
N ASN F 118 -10.56 -2.46 -31.11
CA ASN F 118 -11.78 -2.72 -31.87
C ASN F 118 -11.60 -2.31 -33.32
N PRO F 119 -10.77 -3.07 -34.06
CA PRO F 119 -10.25 -2.67 -35.38
C PRO F 119 -11.32 -2.48 -36.46
N SER F 120 -12.48 -3.12 -36.30
CA SER F 120 -13.55 -2.97 -37.29
C SER F 120 -14.04 -1.52 -37.42
N MET F 121 -13.94 -0.77 -36.32
CA MET F 121 -14.36 0.62 -36.31
C MET F 121 -13.38 1.52 -37.06
N CYS F 122 -12.17 1.00 -37.31
CA CYS F 122 -11.17 1.77 -38.04
C CYS F 122 -11.18 1.47 -39.55
N THR F 123 -12.07 0.57 -39.96
CA THR F 123 -12.27 0.31 -41.38
C THR F 123 -13.35 1.26 -41.92
N TYR F 124 -13.77 1.04 -43.17
CA TYR F 124 -14.81 1.88 -43.76
C TYR F 124 -16.21 1.31 -43.45
N LEU F 125 -16.56 0.16 -44.03
CA LEU F 125 -17.92 -0.35 -43.86
C LEU F 125 -18.02 -1.85 -43.54
N GLU F 126 -16.95 -2.43 -43.02
CA GLU F 126 -16.98 -3.84 -42.62
C GLU F 126 -17.82 -3.98 -41.33
N PRO F 127 -18.31 -5.20 -41.02
CA PRO F 127 -19.11 -5.37 -39.79
C PRO F 127 -18.46 -4.85 -38.50
N SER F 128 -19.20 -4.00 -37.79
CA SER F 128 -18.67 -3.34 -36.63
C SER F 128 -19.72 -2.98 -35.60
N LEU F 129 -21.00 -3.18 -35.94
CA LEU F 129 -22.08 -2.74 -35.06
C LEU F 129 -21.97 -3.30 -33.63
N ASP F 130 -21.72 -4.59 -33.51
CA ASP F 130 -21.66 -5.26 -32.21
C ASP F 130 -20.64 -4.62 -31.27
N VAL F 131 -19.47 -4.23 -31.80
CA VAL F 131 -18.47 -3.61 -30.93
C VAL F 131 -18.77 -2.13 -30.67
N ARG F 132 -19.49 -1.47 -31.57
CA ARG F 132 -19.91 -0.10 -31.35
C ARG F 132 -21.02 -0.06 -30.31
N GLN F 133 -21.93 -1.03 -30.39
CA GLN F 133 -23.04 -1.14 -29.44
C GLN F 133 -22.48 -1.35 -28.03
N ASP F 134 -21.55 -2.29 -27.89
CA ASP F 134 -20.95 -2.60 -26.57
C ASP F 134 -20.35 -1.39 -25.88
N ILE F 135 -19.58 -0.60 -26.62
CA ILE F 135 -18.99 0.62 -26.08
C ILE F 135 -20.05 1.65 -25.74
N ALA F 136 -20.97 1.91 -26.66
CA ALA F 136 -21.94 2.98 -26.47
C ALA F 136 -22.89 2.69 -25.30
N ILE F 137 -23.39 1.46 -25.25
CA ILE F 137 -24.34 1.05 -24.23
C ILE F 137 -23.77 1.18 -22.83
N ARG F 138 -22.47 0.92 -22.71
CA ARG F 138 -21.83 1.05 -21.41
C ARG F 138 -21.51 2.50 -21.14
N GLU F 139 -20.93 3.18 -22.12
CA GLU F 139 -20.41 4.54 -21.91
C GLU F 139 -21.40 5.68 -22.04
N VAL F 140 -22.47 5.54 -22.83
CA VAL F 140 -23.43 6.66 -22.96
C VAL F 140 -24.04 6.99 -21.58
N PRO F 141 -24.55 5.99 -20.85
CA PRO F 141 -25.10 6.37 -19.53
C PRO F 141 -24.07 6.78 -18.45
N ARG F 142 -22.85 6.26 -18.53
CA ARG F 142 -21.83 6.65 -17.57
C ARG F 142 -21.43 8.11 -17.78
N LEU F 143 -21.44 8.56 -19.03
CA LEU F 143 -21.14 9.95 -19.34
C LEU F 143 -22.22 10.90 -18.85
N ALA F 144 -23.46 10.48 -18.95
CA ALA F 144 -24.60 11.24 -18.44
C ALA F 144 -24.49 11.43 -16.94
N GLU F 145 -24.06 10.37 -16.27
CA GLU F 145 -23.92 10.39 -14.81
C GLU F 145 -22.98 11.48 -14.35
N LYS F 146 -21.87 11.63 -15.06
CA LYS F 146 -20.87 12.63 -14.71
C LYS F 146 -21.43 14.02 -14.86
N ALA F 147 -22.22 14.22 -15.91
CA ALA F 147 -22.86 15.51 -16.13
C ALA F 147 -24.00 15.67 -15.12
N ALA F 148 -24.71 14.58 -14.85
CA ALA F 148 -25.80 14.62 -13.88
C ALA F 148 -25.30 14.97 -12.50
N ILE F 149 -24.16 14.41 -12.10
CA ILE F 149 -23.60 14.66 -10.77
C ILE F 149 -23.39 16.14 -10.60
N GLU F 150 -22.85 16.76 -11.64
CA GLU F 150 -22.63 18.20 -11.59
C GLU F 150 -23.92 18.99 -11.54
N ALA F 151 -24.92 18.62 -12.35
CA ALA F 151 -26.23 19.29 -12.34
C ALA F 151 -26.91 19.14 -11.00
N LEU F 152 -26.90 17.91 -10.46
CA LEU F 152 -27.50 17.65 -9.15
C LEU F 152 -26.81 18.45 -8.06
N ALA F 153 -25.49 18.59 -8.18
CA ALA F 153 -24.73 19.37 -7.22
C ALA F 153 -25.08 20.86 -7.32
N GLU F 154 -25.19 21.39 -8.55
CA GLU F 154 -25.57 22.80 -8.71
C GLU F 154 -26.98 23.05 -8.17
N TRP F 155 -27.89 22.13 -8.46
CA TRP F 155 -29.27 22.18 -7.99
C TRP F 155 -29.34 22.13 -6.47
N GLY F 156 -28.59 21.22 -5.88
CA GLY F 156 -28.38 21.22 -4.44
C GLY F 156 -29.50 20.59 -3.62
N GLN F 157 -30.44 19.91 -4.25
CA GLN F 157 -31.54 19.32 -3.48
C GLN F 157 -31.36 17.79 -3.42
N PRO F 158 -31.98 17.11 -2.44
CA PRO F 158 -31.84 15.64 -2.37
C PRO F 158 -32.26 14.93 -3.66
N ARG F 159 -31.53 13.87 -4.00
CA ARG F 159 -31.79 13.12 -5.21
C ARG F 159 -33.17 12.49 -5.25
N ASP F 160 -33.73 12.22 -4.07
CA ASP F 160 -35.03 11.57 -4.01
C ASP F 160 -36.17 12.52 -4.35
N GLN F 161 -35.87 13.78 -4.60
CA GLN F 161 -36.93 14.69 -4.99
C GLN F 161 -37.03 14.79 -6.52
N ILE F 162 -36.18 14.06 -7.23
CA ILE F 162 -36.30 13.88 -8.68
C ILE F 162 -37.40 12.88 -9.01
N THR F 163 -38.37 13.29 -9.82
CA THR F 163 -39.56 12.48 -10.09
C THR F 163 -39.65 11.93 -11.51
N HIS F 164 -38.95 12.57 -12.44
CA HIS F 164 -38.97 12.14 -13.83
C HIS F 164 -37.56 12.12 -14.40
N VAL F 165 -37.36 11.30 -15.42
CA VAL F 165 -36.10 11.28 -16.17
C VAL F 165 -36.36 11.32 -17.67
N VAL F 166 -35.72 12.26 -18.36
CA VAL F 166 -35.78 12.30 -19.81
C VAL F 166 -34.39 12.07 -20.36
N PHE F 167 -34.22 11.09 -21.22
CA PHE F 167 -32.88 10.78 -21.69
C PHE F 167 -32.96 10.65 -23.24
N ALA F 168 -32.13 11.42 -23.94
CA ALA F 168 -32.02 11.29 -25.39
C ALA F 168 -30.57 10.92 -25.73
N THR F 169 -30.41 10.06 -26.72
CA THR F 169 -29.12 9.74 -27.27
C THR F 169 -29.32 9.37 -28.75
N THR F 170 -28.26 9.50 -29.55
CA THR F 170 -28.26 9.09 -30.96
C THR F 170 -27.29 7.92 -31.11
N SER F 171 -26.66 7.55 -30.02
CA SER F 171 -25.63 6.52 -30.07
C SER F 171 -25.97 5.26 -29.29
N GLY F 172 -26.49 4.26 -30.00
CA GLY F 172 -26.74 2.95 -29.45
C GLY F 172 -28.14 2.79 -28.91
N VAL F 173 -28.62 1.55 -28.86
CA VAL F 173 -29.93 1.27 -28.29
C VAL F 173 -29.86 -0.02 -27.51
N ASN F 174 -30.59 -0.06 -26.40
CA ASN F 174 -30.52 -1.21 -25.52
C ASN F 174 -31.81 -1.37 -24.74
N MET F 175 -32.03 -2.57 -24.25
CA MET F 175 -33.16 -2.82 -23.38
C MET F 175 -32.69 -3.58 -22.16
N PRO F 176 -32.76 -2.93 -20.97
CA PRO F 176 -33.36 -1.61 -20.75
C PRO F 176 -32.51 -0.44 -21.24
N GLY F 177 -33.15 0.73 -21.27
CA GLY F 177 -32.53 1.88 -21.85
C GLY F 177 -31.46 2.48 -20.97
N ALA F 178 -30.72 3.43 -21.54
CA ALA F 178 -29.75 4.19 -20.79
C ALA F 178 -30.44 4.91 -19.64
N ASP F 179 -31.74 5.18 -19.79
CA ASP F 179 -32.53 5.82 -18.75
C ASP F 179 -32.58 4.99 -17.49
N LEU F 180 -32.78 3.69 -17.64
CA LEU F 180 -32.87 2.82 -16.47
C LEU F 180 -31.53 2.70 -15.80
N THR F 181 -30.49 2.51 -16.62
CA THR F 181 -29.13 2.38 -16.15
C THR F 181 -28.72 3.62 -15.36
N LEU F 182 -29.04 4.79 -15.89
CA LEU F 182 -28.72 6.03 -15.21
C LEU F 182 -29.48 6.15 -13.89
N THR F 183 -30.72 5.68 -13.88
CA THR F 183 -31.51 5.73 -12.67
C THR F 183 -30.83 4.86 -11.60
N ARG F 184 -30.38 3.67 -11.97
CA ARG F 184 -29.63 2.83 -11.05
C ARG F 184 -28.32 3.49 -10.61
N LEU F 185 -27.56 4.00 -11.59
CA LEU F 185 -26.24 4.54 -11.29
C LEU F 185 -26.33 5.69 -10.29
N LEU F 186 -27.32 6.55 -10.45
CA LEU F 186 -27.48 7.70 -9.58
C LEU F 186 -28.20 7.37 -8.30
N GLY F 187 -28.79 6.18 -8.24
CA GLY F 187 -29.61 5.82 -7.10
C GLY F 187 -30.89 6.64 -6.95
N LEU F 188 -31.52 6.94 -8.08
CA LEU F 188 -32.77 7.68 -8.07
C LEU F 188 -33.89 6.80 -7.54
N ASN F 189 -35.01 7.42 -7.16
CA ASN F 189 -36.16 6.67 -6.69
C ASN F 189 -36.56 5.67 -7.75
N PRO F 190 -36.86 4.44 -7.31
CA PRO F 190 -37.25 3.39 -8.24
C PRO F 190 -38.53 3.73 -8.99
N ASN F 191 -39.26 4.73 -8.53
CA ASN F 191 -40.52 5.07 -9.15
C ASN F 191 -40.45 6.31 -10.04
N VAL F 192 -39.26 6.72 -10.46
CA VAL F 192 -39.18 7.88 -11.35
C VAL F 192 -39.91 7.58 -12.67
N LYS F 193 -40.61 8.58 -13.21
CA LYS F 193 -41.30 8.37 -14.49
C LYS F 193 -40.35 8.68 -15.63
N ARG F 194 -40.03 7.67 -16.45
CA ARG F 194 -38.95 7.78 -17.42
C ARG F 194 -39.42 7.93 -18.87
N THR F 195 -38.80 8.86 -19.60
CA THR F 195 -38.99 8.98 -21.04
C THR F 195 -37.67 8.77 -21.78
N MET F 196 -37.58 7.64 -22.49
CA MET F 196 -36.34 7.26 -23.14
C MET F 196 -36.44 7.55 -24.66
N LEU F 197 -35.58 8.45 -25.13
CA LEU F 197 -35.65 8.92 -26.51
C LEU F 197 -34.45 8.48 -27.31
N TYR F 198 -34.53 7.27 -27.85
CA TYR F 198 -33.45 6.70 -28.64
C TYR F 198 -33.43 7.25 -30.05
N GLN F 199 -32.23 7.28 -30.63
CA GLN F 199 -32.04 7.63 -32.03
C GLN F 199 -32.71 8.96 -32.36
N GLN F 200 -32.50 9.96 -31.53
CA GLN F 200 -33.31 11.17 -31.61
C GLN F 200 -32.78 12.16 -32.65
N GLY F 201 -31.47 12.31 -32.74
CA GLY F 201 -30.87 13.20 -33.73
C GLY F 201 -30.38 14.53 -33.20
N CYS F 202 -29.75 15.32 -34.08
CA CYS F 202 -29.10 16.57 -33.69
C CYS F 202 -30.06 17.57 -33.04
N PHE F 203 -31.37 17.36 -33.19
CA PHE F 203 -32.32 18.28 -32.56
C PHE F 203 -32.70 17.78 -31.16
N GLY F 204 -32.00 16.75 -30.68
CA GLY F 204 -32.28 16.11 -29.39
C GLY F 204 -32.25 16.97 -28.14
N GLY F 205 -31.37 17.97 -28.12
CA GLY F 205 -31.31 18.91 -27.03
C GLY F 205 -32.56 19.76 -26.93
N ALA F 206 -33.04 20.23 -28.08
CA ALA F 206 -34.30 20.97 -28.13
C ALA F 206 -35.47 20.06 -27.81
N THR F 207 -35.41 18.81 -28.28
CA THR F 207 -36.45 17.83 -27.97
C THR F 207 -36.67 17.65 -26.45
N VAL F 208 -35.59 17.41 -25.69
CA VAL F 208 -35.76 17.09 -24.25
C VAL F 208 -36.32 18.26 -23.48
N LEU F 209 -36.06 19.48 -23.94
CA LEU F 209 -36.69 20.69 -23.39
C LEU F 209 -38.22 20.65 -23.58
N ARG F 210 -38.65 20.34 -24.80
CA ARG F 210 -40.09 20.20 -25.10
C ARG F 210 -40.71 19.10 -24.25
N VAL F 211 -40.06 17.93 -24.20
CA VAL F 211 -40.60 16.83 -23.42
C VAL F 211 -40.72 17.18 -21.94
N ALA F 212 -39.65 17.73 -21.34
CA ALA F 212 -39.64 18.03 -19.90
C ALA F 212 -40.61 19.15 -19.52
N LYS F 213 -40.89 20.04 -20.47
CA LYS F 213 -41.80 21.16 -20.23
C LYS F 213 -43.14 20.69 -19.67
N ASP F 214 -43.77 19.76 -20.36
CA ASP F 214 -45.09 19.25 -19.99
C ASP F 214 -45.06 18.38 -18.74
N LEU F 215 -43.97 17.64 -18.53
CA LEU F 215 -43.83 16.83 -17.31
C LEU F 215 -43.83 17.70 -16.07
N ALA F 216 -43.01 18.74 -16.11
CA ALA F 216 -42.87 19.70 -15.02
C ALA F 216 -44.15 20.49 -14.77
N GLU F 217 -44.76 20.98 -15.83
CA GLU F 217 -45.88 21.91 -15.70
C GLU F 217 -47.17 21.22 -15.31
N ASN F 218 -47.35 19.97 -15.74
CA ASN F 218 -48.58 19.23 -15.47
C ASN F 218 -48.56 18.49 -14.13
N ASN F 219 -47.44 18.53 -13.43
CA ASN F 219 -47.33 17.78 -12.17
C ASN F 219 -46.73 18.57 -11.01
N LYS F 220 -47.55 18.87 -10.01
CA LYS F 220 -47.10 19.60 -8.83
C LYS F 220 -45.88 18.96 -8.15
N GLY F 221 -44.83 19.75 -7.99
CA GLY F 221 -43.62 19.28 -7.33
C GLY F 221 -42.66 18.47 -8.18
N ALA F 222 -43.04 18.18 -9.42
CA ALA F 222 -42.20 17.38 -10.29
C ALA F 222 -40.85 18.05 -10.56
N ARG F 223 -39.80 17.25 -10.49
CA ARG F 223 -38.48 17.72 -10.82
C ARG F 223 -37.90 16.77 -11.83
N VAL F 224 -37.60 17.28 -13.01
CA VAL F 224 -37.23 16.43 -14.11
C VAL F 224 -35.73 16.49 -14.39
N LEU F 225 -35.10 15.34 -14.27
CA LEU F 225 -33.69 15.21 -14.62
C LEU F 225 -33.64 15.00 -16.13
N THR F 226 -33.11 15.99 -16.85
CA THR F 226 -33.24 16.07 -18.30
C THR F 226 -31.89 15.84 -18.97
N VAL F 227 -31.77 14.75 -19.71
CA VAL F 227 -30.46 14.24 -20.13
C VAL F 227 -30.27 14.11 -21.65
N VAL F 228 -29.13 14.57 -22.16
CA VAL F 228 -28.69 14.15 -23.49
C VAL F 228 -27.23 13.70 -23.48
N SER F 229 -26.95 12.50 -23.97
CA SER F 229 -25.62 11.95 -23.90
C SER F 229 -25.20 11.33 -25.22
N GLU F 230 -24.10 11.83 -25.78
CA GLU F 230 -23.71 11.42 -27.12
C GLU F 230 -22.25 11.00 -27.26
N LEU F 231 -22.06 9.85 -27.89
CA LEU F 231 -20.74 9.36 -28.27
C LEU F 231 -20.67 9.12 -29.77
N THR F 232 -19.48 9.24 -30.32
CA THR F 232 -19.29 9.11 -31.76
C THR F 232 -18.83 7.69 -32.13
N CYS F 233 -18.86 6.79 -31.16
CA CYS F 233 -18.37 5.44 -31.36
C CYS F 233 -19.26 4.65 -32.32
N VAL F 234 -20.50 5.11 -32.52
CA VAL F 234 -21.39 4.46 -33.47
C VAL F 234 -21.22 5.00 -34.89
N THR F 235 -20.62 6.19 -35.03
CA THR F 235 -20.48 6.77 -36.35
C THR F 235 -19.05 6.78 -36.89
N PHE F 236 -18.07 6.78 -35.99
CA PHE F 236 -16.67 6.89 -36.38
C PHE F 236 -16.23 5.87 -37.43
N ARG F 237 -15.59 6.34 -38.51
CA ARG F 237 -15.10 5.41 -39.54
C ARG F 237 -14.10 6.02 -40.52
N ALA F 238 -13.35 5.15 -41.18
CA ALA F 238 -12.31 5.54 -42.13
C ALA F 238 -12.87 6.39 -43.27
N PRO F 239 -12.12 7.44 -43.66
CA PRO F 239 -12.48 8.34 -44.77
C PRO F 239 -12.45 7.60 -46.10
N ASN F 240 -13.31 8.00 -47.04
CA ASN F 240 -13.39 7.29 -48.29
C ASN F 240 -13.94 8.12 -49.46
N GLU F 241 -13.43 7.84 -50.65
CA GLU F 241 -13.83 8.52 -51.89
C GLU F 241 -15.32 8.37 -52.25
N GLU F 242 -15.87 7.18 -52.06
CA GLU F 242 -17.26 6.93 -52.44
C GLU F 242 -18.26 7.74 -51.62
N HIS F 243 -17.86 8.19 -50.44
CA HIS F 243 -18.78 8.96 -49.61
C HIS F 243 -18.09 10.07 -48.81
N LEU F 244 -17.82 11.19 -49.47
CA LEU F 244 -17.17 12.34 -48.82
C LEU F 244 -18.09 13.11 -47.89
N ASP F 245 -19.38 12.80 -47.90
CA ASP F 245 -20.29 13.49 -47.02
C ASP F 245 -19.99 13.15 -45.57
N ASN F 246 -19.34 12.01 -45.35
CA ASN F 246 -18.85 11.63 -44.01
C ASN F 246 -17.58 12.35 -43.55
N LEU F 247 -16.81 12.91 -44.48
CA LEU F 247 -15.63 13.69 -44.08
C LEU F 247 -16.06 14.92 -43.30
N VAL F 248 -17.30 15.34 -43.50
CA VAL F 248 -17.81 16.48 -42.75
C VAL F 248 -18.05 15.99 -41.33
N GLY F 249 -18.79 14.89 -41.21
CA GLY F 249 -19.09 14.28 -39.93
C GLY F 249 -17.88 13.89 -39.11
N SER F 250 -16.85 13.38 -39.78
CA SER F 250 -15.63 12.96 -39.10
C SER F 250 -14.86 14.17 -38.61
N ALA F 251 -15.17 15.33 -39.18
CA ALA F 251 -14.46 16.57 -38.86
C ALA F 251 -15.16 17.39 -37.79
N ILE F 252 -16.46 17.14 -37.58
CA ILE F 252 -17.18 18.01 -36.67
C ILE F 252 -17.69 17.30 -35.40
N PHE F 253 -18.00 16.01 -35.49
CA PHE F 253 -18.62 15.29 -34.38
C PHE F 253 -17.62 14.96 -33.28
N GLY F 254 -17.99 15.28 -32.04
CA GLY F 254 -17.24 14.91 -30.85
C GLY F 254 -18.15 14.37 -29.77
N ASP F 255 -17.59 14.03 -28.60
CA ASP F 255 -18.37 13.41 -27.52
C ASP F 255 -18.77 14.41 -26.42
N GLY F 256 -19.94 14.22 -25.85
CA GLY F 256 -20.39 15.06 -24.76
C GLY F 256 -21.74 14.67 -24.20
N ALA F 257 -22.03 15.17 -23.00
CA ALA F 257 -23.32 14.98 -22.37
C ALA F 257 -23.66 16.21 -21.54
N SER F 258 -24.94 16.48 -21.44
CA SER F 258 -25.40 17.56 -20.62
C SER F 258 -26.67 17.12 -19.90
N VAL F 259 -26.86 17.65 -18.69
CA VAL F 259 -27.99 17.27 -17.86
C VAL F 259 -28.54 18.53 -17.22
N LEU F 260 -29.87 18.67 -17.24
CA LEU F 260 -30.51 19.80 -16.60
C LEU F 260 -31.45 19.30 -15.51
N VAL F 261 -31.72 20.15 -14.53
CA VAL F 261 -32.83 19.92 -13.62
C VAL F 261 -33.91 20.94 -13.98
N ILE F 262 -35.07 20.43 -14.38
CA ILE F 262 -36.16 21.28 -14.82
C ILE F 262 -37.34 21.03 -13.89
N GLY F 263 -37.99 22.10 -13.45
CA GLY F 263 -39.16 22.00 -12.59
C GLY F 263 -39.89 23.32 -12.55
N SER F 264 -41.20 23.29 -12.26
CA SER F 264 -42.01 24.50 -12.14
C SER F 264 -42.11 24.87 -10.69
N ASP F 265 -42.53 26.10 -10.42
CA ASP F 265 -42.70 26.60 -9.06
C ASP F 265 -41.39 26.44 -8.28
N PRO F 266 -40.34 27.13 -8.72
CA PRO F 266 -39.09 26.93 -7.97
C PRO F 266 -39.25 27.47 -6.56
N ILE F 267 -38.68 26.78 -5.59
CA ILE F 267 -38.76 27.18 -4.18
C ILE F 267 -37.89 28.42 -3.98
N PRO F 268 -38.48 29.50 -3.45
CA PRO F 268 -37.76 30.76 -3.30
C PRO F 268 -36.52 30.63 -2.43
N GLU F 269 -35.42 31.19 -2.93
CA GLU F 269 -34.09 31.18 -2.28
C GLU F 269 -33.38 29.84 -2.32
N VAL F 270 -34.12 28.76 -2.07
CA VAL F 270 -33.53 27.43 -2.08
C VAL F 270 -33.11 27.02 -3.50
N GLU F 271 -33.93 27.31 -4.50
CA GLU F 271 -33.60 26.96 -5.87
C GLU F 271 -33.27 28.22 -6.64
N LYS F 272 -32.43 28.08 -7.67
CA LYS F 272 -31.93 29.23 -8.43
C LYS F 272 -32.26 29.11 -9.90
N PRO F 273 -33.37 29.72 -10.32
CA PRO F 273 -33.83 29.66 -11.72
C PRO F 273 -32.80 30.22 -12.69
N GLN F 274 -32.67 29.58 -13.85
CA GLN F 274 -31.77 30.09 -14.88
C GLN F 274 -32.51 30.55 -16.14
N PHE F 275 -33.51 29.76 -16.55
CA PHE F 275 -34.31 30.07 -17.73
C PHE F 275 -35.70 29.49 -17.55
N GLU F 276 -36.71 30.14 -18.13
CA GLU F 276 -38.05 29.61 -18.12
C GLU F 276 -38.46 29.21 -19.53
N ILE F 277 -39.05 28.04 -19.68
CA ILE F 277 -39.54 27.59 -20.97
C ILE F 277 -41.01 28.00 -21.14
N HIS F 278 -41.29 28.88 -22.10
CA HIS F 278 -42.65 29.41 -22.25
C HIS F 278 -43.40 28.83 -23.43
N TRP F 279 -42.68 28.17 -24.33
CA TRP F 279 -43.31 27.67 -25.52
C TRP F 279 -42.39 26.68 -26.16
N SER F 280 -42.91 25.52 -26.53
CA SER F 280 -42.14 24.58 -27.32
C SER F 280 -42.96 24.10 -28.50
N GLY F 281 -42.33 24.01 -29.67
CA GLY F 281 -43.04 23.58 -30.86
C GLY F 281 -42.03 23.07 -31.87
N GLU F 282 -42.50 22.51 -32.97
CA GLU F 282 -41.63 22.04 -34.03
C GLU F 282 -42.34 22.06 -35.36
N THR F 283 -41.57 21.88 -36.42
CA THR F 283 -42.17 21.81 -37.74
C THR F 283 -41.32 20.98 -38.68
N ILE F 284 -41.96 20.41 -39.68
CA ILE F 284 -41.24 19.69 -40.70
C ILE F 284 -41.05 20.67 -41.82
N LEU F 285 -39.82 20.88 -42.25
CA LEU F 285 -39.62 21.83 -43.32
C LEU F 285 -40.16 21.13 -44.56
N PRO F 286 -40.83 21.89 -45.44
CA PRO F 286 -41.36 21.25 -46.65
C PRO F 286 -40.21 20.92 -47.59
N GLU F 287 -40.41 20.20 -48.68
CA GLU F 287 -39.38 20.03 -49.76
C GLU F 287 -38.07 19.44 -49.24
N SER F 288 -38.12 18.72 -48.13
CA SER F 288 -36.88 18.28 -47.48
C SER F 288 -36.89 16.80 -47.12
N ASP F 289 -37.42 15.97 -48.01
CA ASP F 289 -37.57 14.56 -47.69
C ASP F 289 -36.27 13.84 -48.06
N GLY F 290 -35.56 13.37 -47.04
CA GLY F 290 -34.33 12.62 -47.25
C GLY F 290 -33.07 13.47 -47.28
N ALA F 291 -33.24 14.77 -47.05
CA ALA F 291 -32.13 15.69 -46.90
C ALA F 291 -31.19 15.25 -45.77
N ILE F 292 -31.75 14.74 -44.67
CA ILE F 292 -30.96 14.08 -43.62
C ILE F 292 -31.51 12.71 -43.25
N GLU F 293 -30.75 11.68 -43.57
CA GLU F 293 -31.07 10.30 -43.17
C GLU F 293 -30.03 9.75 -42.19
N GLY F 294 -30.50 9.01 -41.19
CA GLY F 294 -29.62 8.29 -40.29
C GLY F 294 -29.98 6.81 -40.26
N ARG F 295 -29.08 5.97 -40.76
CA ARG F 295 -29.36 4.53 -40.87
C ARG F 295 -28.48 3.69 -39.94
N LEU F 296 -29.11 2.88 -39.09
CA LEU F 296 -28.34 2.03 -38.21
C LEU F 296 -28.18 0.68 -38.90
N THR F 297 -26.94 0.33 -39.23
CA THR F 297 -26.65 -0.90 -39.97
C THR F 297 -25.64 -1.81 -39.27
N GLU F 298 -25.36 -2.94 -39.92
CA GLU F 298 -24.30 -3.86 -39.49
C GLU F 298 -22.92 -3.22 -39.48
N ALA F 299 -22.79 -2.09 -40.17
CA ALA F 299 -21.54 -1.32 -40.19
C ALA F 299 -21.61 -0.12 -39.23
N GLY F 300 -22.65 -0.06 -38.42
CA GLY F 300 -22.87 1.08 -37.54
C GLY F 300 -23.86 2.08 -38.12
N LEU F 301 -23.69 3.35 -37.73
CA LEU F 301 -24.62 4.39 -38.12
C LEU F 301 -24.01 5.23 -39.23
N ILE F 302 -24.74 5.34 -40.34
CA ILE F 302 -24.27 6.07 -41.51
C ILE F 302 -25.28 7.16 -41.85
N PHE F 303 -24.80 8.39 -42.01
CA PHE F 303 -25.70 9.50 -42.31
C PHE F 303 -25.78 9.82 -43.80
N HIS F 304 -26.93 9.47 -44.40
CA HIS F 304 -27.14 9.67 -45.84
C HIS F 304 -27.91 10.96 -46.13
N LEU F 305 -27.19 12.06 -46.25
CA LEU F 305 -27.82 13.33 -46.58
C LEU F 305 -27.93 13.44 -48.10
N LEU F 306 -29.08 13.91 -48.59
CA LEU F 306 -29.32 13.96 -50.05
C LEU F 306 -29.53 15.39 -50.58
N LYS F 307 -30.05 16.28 -49.73
CA LYS F 307 -30.19 17.71 -50.08
C LYS F 307 -29.16 18.46 -49.21
N ASP F 308 -28.74 19.66 -49.64
CA ASP F 308 -27.84 20.46 -48.80
C ASP F 308 -28.71 21.28 -47.82
N VAL F 309 -28.43 21.07 -46.55
CA VAL F 309 -29.20 21.56 -45.41
C VAL F 309 -29.15 23.07 -45.01
N PRO F 310 -27.97 23.74 -45.07
CA PRO F 310 -27.92 25.18 -44.73
C PRO F 310 -28.96 26.06 -45.45
N GLY F 311 -29.18 25.83 -46.74
CA GLY F 311 -30.11 26.66 -47.49
C GLY F 311 -31.54 26.41 -47.05
N LEU F 312 -31.93 25.13 -47.05
CA LEU F 312 -33.25 24.69 -46.60
C LEU F 312 -33.61 25.31 -45.23
N ILE F 313 -32.65 25.29 -44.32
CA ILE F 313 -32.83 25.79 -42.96
C ILE F 313 -33.00 27.31 -42.95
N SER F 314 -32.21 27.99 -43.77
CA SER F 314 -32.14 29.43 -43.68
C SER F 314 -33.36 30.14 -44.27
N ARG F 315 -34.03 29.52 -45.23
CA ARG F 315 -35.22 30.13 -45.81
C ARG F 315 -36.57 29.82 -45.14
N ASN F 316 -36.67 28.67 -44.46
CA ASN F 316 -37.97 28.13 -44.03
C ASN F 316 -38.26 28.17 -42.53
N THR F 317 -37.39 28.80 -41.77
CA THR F 317 -37.57 28.88 -40.33
C THR F 317 -38.39 30.10 -39.88
N LEU F 318 -38.65 31.02 -40.80
CA LEU F 318 -39.36 32.25 -40.43
C LEU F 318 -40.78 31.97 -39.94
N PRO F 319 -41.49 31.03 -40.60
CA PRO F 319 -42.81 30.78 -40.00
C PRO F 319 -42.73 30.30 -38.55
N ILE F 320 -41.98 29.25 -38.26
CA ILE F 320 -41.96 28.80 -36.87
C ILE F 320 -41.30 29.85 -35.96
N PHE F 321 -40.24 30.50 -36.43
CA PHE F 321 -39.61 31.56 -35.64
C PHE F 321 -40.58 32.69 -35.31
N ASN F 322 -41.34 33.13 -36.32
CA ASN F 322 -42.27 34.22 -36.10
C ASN F 322 -43.37 33.77 -35.16
N LYS F 323 -43.80 32.53 -35.31
CA LYS F 323 -44.86 31.99 -34.44
C LYS F 323 -44.36 31.81 -33.02
N ALA F 324 -43.13 31.33 -32.87
CA ALA F 324 -42.50 31.14 -31.55
C ALA F 324 -42.41 32.44 -30.73
N ILE F 325 -41.92 33.51 -31.36
CA ILE F 325 -41.63 34.75 -30.63
C ILE F 325 -42.87 35.50 -30.17
N GLU F 326 -44.04 35.07 -30.64
CA GLU F 326 -45.30 35.70 -30.25
C GLU F 326 -45.47 35.69 -28.73
N VAL F 327 -45.02 34.61 -28.09
CA VAL F 327 -45.12 34.49 -26.64
C VAL F 327 -44.33 35.57 -25.93
N ALA F 328 -43.29 36.03 -26.61
CA ALA F 328 -42.40 37.02 -26.06
C ALA F 328 -42.82 38.44 -26.49
N GLY F 329 -43.96 38.55 -27.16
CA GLY F 329 -44.43 39.84 -27.66
C GLY F 329 -43.73 40.21 -28.95
N SER F 330 -43.28 39.19 -29.67
CA SER F 330 -42.61 39.34 -30.96
C SER F 330 -41.51 40.42 -31.03
N PRO F 331 -40.47 40.32 -30.18
CA PRO F 331 -39.35 41.26 -30.29
C PRO F 331 -38.50 41.05 -31.55
N SER F 332 -37.59 41.98 -31.82
CA SER F 332 -36.73 41.86 -32.98
C SER F 332 -35.67 40.79 -32.75
N TRP F 333 -35.12 40.25 -33.84
CA TRP F 333 -34.16 39.16 -33.75
C TRP F 333 -32.93 39.48 -32.90
N ASN F 334 -32.44 40.71 -32.97
CA ASN F 334 -31.24 41.08 -32.24
C ASN F 334 -31.53 41.42 -30.78
N ASP F 335 -32.81 41.53 -30.42
CA ASP F 335 -33.19 41.73 -29.03
C ASP F 335 -33.41 40.38 -28.33
N LEU F 336 -33.29 39.29 -29.08
CA LEU F 336 -33.39 37.92 -28.56
C LEU F 336 -32.01 37.33 -28.32
N PHE F 337 -31.84 36.53 -27.26
CA PHE F 337 -30.62 35.77 -27.15
C PHE F 337 -30.85 34.45 -27.87
N TRP F 338 -29.76 33.81 -28.29
CA TRP F 338 -29.85 32.72 -29.23
C TRP F 338 -29.03 31.52 -28.79
N CYS F 339 -29.69 30.37 -28.66
CA CYS F 339 -29.00 29.12 -28.45
C CYS F 339 -29.33 28.20 -29.59
N VAL F 340 -28.44 28.16 -30.57
CA VAL F 340 -28.67 27.43 -31.80
C VAL F 340 -27.72 26.25 -31.86
N HIS F 341 -28.24 25.12 -32.33
CA HIS F 341 -27.45 23.92 -32.49
C HIS F 341 -26.29 24.15 -33.44
N PRO F 342 -25.05 23.98 -32.94
CA PRO F 342 -23.88 24.24 -33.79
C PRO F 342 -23.68 23.18 -34.85
N GLY F 343 -24.60 23.11 -35.80
CA GLY F 343 -24.59 22.08 -36.84
C GLY F 343 -23.38 22.17 -37.75
N GLY F 344 -23.00 23.40 -38.09
CA GLY F 344 -21.82 23.66 -38.88
C GLY F 344 -21.48 25.13 -38.79
N ARG F 345 -20.25 25.50 -39.13
CA ARG F 345 -19.89 26.91 -39.17
C ARG F 345 -20.74 27.62 -40.22
N ALA F 346 -21.00 26.94 -41.34
CA ALA F 346 -21.77 27.52 -42.45
C ALA F 346 -23.25 27.73 -42.13
N ILE F 347 -23.87 26.75 -41.48
CA ILE F 347 -25.29 26.85 -41.15
C ILE F 347 -25.51 28.06 -40.26
N LEU F 348 -24.60 28.24 -39.31
CA LEU F 348 -24.66 29.38 -38.44
C LEU F 348 -24.54 30.66 -39.26
N ASP F 349 -23.60 30.68 -40.20
CA ASP F 349 -23.40 31.85 -41.06
C ASP F 349 -24.67 32.28 -41.78
N GLU F 350 -25.37 31.33 -42.39
CA GLU F 350 -26.61 31.65 -43.10
C GLU F 350 -27.69 32.14 -42.16
N VAL F 351 -27.73 31.63 -40.94
CA VAL F 351 -28.77 32.04 -40.01
C VAL F 351 -28.61 33.51 -39.65
N ALA F 352 -27.36 33.92 -39.43
CA ALA F 352 -27.04 35.30 -39.07
C ALA F 352 -27.41 36.26 -40.20
N LYS F 353 -27.11 35.85 -41.43
CA LYS F 353 -27.40 36.68 -42.60
C LYS F 353 -28.91 36.79 -42.84
N THR F 354 -29.60 35.66 -42.81
CA THR F 354 -31.04 35.62 -43.01
C THR F 354 -31.81 36.49 -42.01
N LEU F 355 -31.37 36.45 -40.75
CA LEU F 355 -32.11 37.11 -39.68
C LEU F 355 -31.53 38.47 -39.31
N SER F 356 -30.53 38.90 -40.05
CA SER F 356 -29.83 40.15 -39.77
C SER F 356 -29.33 40.21 -38.32
N LEU F 357 -28.57 39.19 -37.92
CA LEU F 357 -28.05 39.19 -36.56
C LEU F 357 -26.71 39.89 -36.43
N LYS F 358 -26.51 40.63 -35.34
CA LYS F 358 -25.16 41.10 -35.05
C LYS F 358 -24.29 39.88 -34.72
N PRO F 359 -23.00 39.94 -35.07
CA PRO F 359 -22.07 38.83 -34.80
C PRO F 359 -22.02 38.41 -33.33
N GLU F 360 -22.42 39.32 -32.44
CA GLU F 360 -22.38 39.03 -31.01
C GLU F 360 -23.46 38.04 -30.63
N LYS F 361 -24.50 37.91 -31.47
CA LYS F 361 -25.66 37.09 -31.16
C LYS F 361 -25.33 35.59 -31.13
N LEU F 362 -24.54 35.12 -32.10
CA LEU F 362 -24.18 33.71 -32.16
C LEU F 362 -22.81 33.40 -31.49
N GLU F 363 -22.34 34.30 -30.64
CA GLU F 363 -21.06 34.10 -29.98
C GLU F 363 -21.06 32.89 -29.03
N ALA F 364 -22.07 32.80 -28.16
CA ALA F 364 -22.18 31.67 -27.24
C ALA F 364 -22.20 30.33 -27.98
N THR F 365 -22.91 30.29 -29.10
CA THR F 365 -22.99 29.12 -29.94
C THR F 365 -21.65 28.73 -30.56
N ARG F 366 -20.95 29.72 -31.11
CA ARG F 366 -19.64 29.50 -31.70
C ARG F 366 -18.60 29.12 -30.64
N ASP F 367 -18.77 29.61 -29.41
CA ASP F 367 -17.92 29.21 -28.31
C ASP F 367 -17.97 27.69 -28.13
N ILE F 368 -19.17 27.15 -28.16
CA ILE F 368 -19.34 25.73 -27.95
C ILE F 368 -18.77 24.91 -29.10
N LEU F 369 -19.05 25.33 -30.33
CA LEU F 369 -18.52 24.63 -31.50
C LEU F 369 -17.00 24.66 -31.48
N TYR F 370 -16.45 25.80 -31.08
CA TYR F 370 -15.01 25.99 -31.01
C TYR F 370 -14.35 25.06 -29.97
N ASN F 371 -14.90 25.02 -28.77
CA ASN F 371 -14.30 24.28 -27.66
C ASN F 371 -14.68 22.80 -27.59
N TYR F 372 -15.77 22.42 -28.25
CA TYR F 372 -16.29 21.06 -28.10
C TYR F 372 -16.64 20.36 -29.39
N GLY F 373 -16.80 21.12 -30.47
CA GLY F 373 -17.23 20.55 -31.73
C GLY F 373 -18.73 20.35 -31.72
N ASN F 374 -19.22 19.56 -32.67
CA ASN F 374 -20.64 19.23 -32.75
C ASN F 374 -20.93 17.95 -31.97
N MET F 375 -21.58 18.08 -30.82
CA MET F 375 -21.86 16.92 -29.98
C MET F 375 -23.32 16.50 -30.12
N SER F 376 -23.86 16.65 -31.33
CA SER F 376 -25.26 16.33 -31.64
C SER F 376 -26.21 17.03 -30.65
N GLY F 377 -27.12 16.24 -30.10
CA GLY F 377 -28.15 16.74 -29.21
C GLY F 377 -27.64 17.46 -27.98
N ALA F 378 -26.45 17.08 -27.52
CA ALA F 378 -25.92 17.67 -26.31
C ALA F 378 -25.53 19.11 -26.53
N SER F 379 -25.19 19.44 -27.76
CA SER F 379 -24.50 20.69 -28.04
C SER F 379 -25.26 21.92 -27.61
N VAL F 380 -26.55 21.98 -27.93
CA VAL F 380 -27.35 23.18 -27.67
C VAL F 380 -27.54 23.40 -26.16
N LEU F 381 -27.47 22.32 -25.39
CA LEU F 381 -27.53 22.44 -23.94
C LEU F 381 -26.24 23.04 -23.37
N PHE F 382 -25.09 22.69 -23.96
CA PHE F 382 -23.81 23.36 -23.64
C PHE F 382 -23.88 24.89 -23.87
N VAL F 383 -24.48 25.30 -24.99
CA VAL F 383 -24.65 26.71 -25.35
C VAL F 383 -25.49 27.43 -24.30
N LEU F 384 -26.59 26.80 -23.89
CA LEU F 384 -27.47 27.33 -22.84
C LEU F 384 -26.68 27.53 -21.53
N ASP F 385 -25.77 26.61 -21.27
CA ASP F 385 -24.88 26.73 -20.12
C ASP F 385 -23.92 27.89 -20.31
N GLN F 386 -23.35 27.97 -21.50
CA GLN F 386 -22.42 29.03 -21.87
C GLN F 386 -23.05 30.43 -21.86
N MET F 387 -24.32 30.52 -22.26
CA MET F 387 -25.06 31.78 -22.29
C MET F 387 -25.18 32.39 -20.91
N ARG F 388 -25.45 31.59 -19.90
CA ARG F 388 -25.54 32.12 -18.56
C ARG F 388 -24.20 32.28 -17.89
N ARG F 389 -23.19 31.59 -18.37
CA ARG F 389 -21.84 31.81 -17.87
C ARG F 389 -21.29 33.14 -18.36
N ARG F 390 -21.47 33.40 -19.65
CA ARG F 390 -21.09 34.67 -20.25
C ARG F 390 -21.82 35.78 -19.52
N SER F 391 -23.09 35.55 -19.21
CA SER F 391 -23.87 36.56 -18.51
C SER F 391 -23.28 36.83 -17.13
N ALA F 392 -22.70 35.80 -16.53
CA ALA F 392 -22.07 35.93 -15.23
C ALA F 392 -20.75 36.68 -15.39
N GLU F 393 -19.94 36.27 -16.37
CA GLU F 393 -18.65 36.91 -16.62
C GLU F 393 -18.78 38.39 -17.03
N LYS F 394 -19.76 38.68 -17.88
CA LYS F 394 -19.94 40.05 -18.38
C LYS F 394 -20.76 40.99 -17.50
N LYS F 395 -21.22 40.50 -16.35
CA LYS F 395 -22.09 41.25 -15.45
C LYS F 395 -23.40 41.68 -16.18
N SER F 396 -23.96 40.79 -16.99
CA SER F 396 -25.18 41.12 -17.71
C SER F 396 -26.34 41.19 -16.77
N ARG F 397 -27.41 41.84 -17.21
CA ARG F 397 -28.57 42.00 -16.34
C ARG F 397 -29.54 40.78 -16.33
N THR F 398 -29.44 39.93 -17.33
CA THR F 398 -30.20 38.67 -17.35
C THR F 398 -29.28 37.54 -17.69
N THR F 399 -29.74 36.31 -17.46
CA THR F 399 -28.98 35.12 -17.86
C THR F 399 -28.89 34.95 -19.37
N GLY F 400 -29.55 35.82 -20.13
CA GLY F 400 -29.44 35.82 -21.58
C GLY F 400 -28.60 36.96 -22.15
N GLU F 401 -27.50 37.30 -21.47
CA GLU F 401 -26.64 38.40 -21.88
C GLU F 401 -27.38 39.75 -21.98
N GLY F 402 -28.35 39.97 -21.11
CA GLY F 402 -29.12 41.20 -21.11
C GLY F 402 -30.46 41.11 -21.82
N CYS F 403 -30.60 40.15 -22.72
CA CYS F 403 -31.88 39.96 -23.41
C CYS F 403 -32.92 39.32 -22.48
N GLU F 404 -34.18 39.68 -22.70
CA GLU F 404 -35.27 39.19 -21.88
C GLU F 404 -35.75 37.83 -22.41
N TRP F 405 -35.83 37.70 -23.73
CA TRP F 405 -36.31 36.46 -24.32
C TRP F 405 -35.29 35.88 -25.26
N GLY F 406 -35.34 34.56 -25.45
CA GLY F 406 -34.44 33.90 -26.38
C GLY F 406 -35.00 32.65 -27.02
N LEU F 407 -34.27 32.11 -27.99
CA LEU F 407 -34.71 30.92 -28.70
C LEU F 407 -33.70 29.79 -28.61
N VAL F 408 -34.19 28.60 -28.30
CA VAL F 408 -33.38 27.40 -28.47
C VAL F 408 -33.81 26.75 -29.77
N VAL F 409 -32.85 26.48 -30.64
CA VAL F 409 -33.16 25.97 -31.97
C VAL F 409 -32.33 24.74 -32.26
N GLY F 410 -33.02 23.65 -32.52
CA GLY F 410 -32.38 22.43 -32.96
C GLY F 410 -32.95 22.08 -34.33
N PHE F 411 -32.17 21.35 -35.11
CA PHE F 411 -32.66 20.92 -36.40
C PHE F 411 -32.05 19.55 -36.67
N GLY F 412 -32.70 18.76 -37.52
CA GLY F 412 -32.24 17.41 -37.79
C GLY F 412 -33.14 16.68 -38.78
N PRO F 413 -33.12 15.34 -38.75
CA PRO F 413 -33.79 14.42 -39.68
C PRO F 413 -35.27 14.72 -39.90
N GLY F 414 -35.73 14.36 -41.10
CA GLY F 414 -37.07 14.68 -41.58
C GLY F 414 -37.01 16.06 -42.18
N LEU F 415 -35.91 16.71 -41.83
CA LEU F 415 -35.74 18.15 -41.74
C LEU F 415 -36.80 18.66 -40.78
N THR F 416 -36.50 18.41 -39.51
CA THR F 416 -37.32 18.86 -38.42
C THR F 416 -36.63 20.07 -37.84
N VAL F 417 -37.40 21.10 -37.52
CA VAL F 417 -36.86 22.21 -36.78
C VAL F 417 -37.62 22.30 -35.47
N GLU F 418 -36.87 22.27 -34.37
CA GLU F 418 -37.43 22.36 -33.04
C GLU F 418 -37.04 23.66 -32.36
N VAL F 419 -38.03 24.29 -31.73
CA VAL F 419 -37.83 25.58 -31.11
C VAL F 419 -38.53 25.65 -29.77
N SER F 420 -37.81 26.17 -28.78
CA SER F 420 -38.40 26.61 -27.53
C SER F 420 -38.11 28.09 -27.27
N VAL F 421 -39.08 28.76 -26.67
CA VAL F 421 -38.93 30.14 -26.28
C VAL F 421 -38.60 30.19 -24.80
N LEU F 422 -37.51 30.86 -24.48
CA LEU F 422 -37.04 30.94 -23.12
C LEU F 422 -37.09 32.37 -22.64
N ARG F 423 -37.51 32.55 -21.39
CA ARG F 423 -37.37 33.82 -20.74
C ARG F 423 -36.11 33.74 -19.90
N ALA F 424 -35.22 34.70 -20.07
CA ALA F 424 -34.04 34.79 -19.22
C ALA F 424 -34.43 35.24 -17.83
N ILE F 425 -33.52 35.07 -16.88
CA ILE F 425 -33.78 35.42 -15.48
C ILE F 425 -32.87 36.59 -15.08
N ALA F 426 -33.41 37.50 -14.28
CA ALA F 426 -32.65 38.66 -13.80
C ALA F 426 -31.47 38.23 -12.90
N THR F 427 -30.30 38.80 -13.18
CA THR F 427 -29.07 38.42 -12.48
C THR F 427 -28.88 39.12 -11.14
N GLY F 428 -29.43 40.32 -11.01
CA GLY F 428 -29.21 41.08 -9.80
C GLY F 428 -28.09 42.10 -9.99
N HIS F 429 -27.57 42.18 -11.22
CA HIS F 429 -26.57 43.19 -11.57
C HIS F 429 -27.31 44.41 -12.08
#